data_6LX3
#
_entry.id   6LX3
#
_cell.length_a   1.00
_cell.length_b   1.00
_cell.length_c   1.00
_cell.angle_alpha   90.00
_cell.angle_beta   90.00
_cell.angle_gamma   90.00
#
_symmetry.space_group_name_H-M   'P 1'
#
loop_
_entity.id
_entity.type
_entity.pdbx_description
1 polymer 'Interleukin-2,Immunoglobulin heavy constant alpha 1'
2 polymer 'Immunoglobulin J chain'
3 polymer 'Polymeric immunoglobulin receptor'
#
loop_
_entity_poly.entity_id
_entity_poly.type
_entity_poly.pdbx_seq_one_letter_code
_entity_poly.pdbx_strand_id
1 'polypeptide(L)'
;MYRMQLLSCIALSLALVTNSARIHMSAWSHPQFEKGGGSGGGSGGSAWSHPQFEKIDTTCCHPRLSLHRPALEDLLLGSE
ANLTCTLTGLRDASGVTFTWTPSSGKSAVQGPPERDLCGCYSVSSVLPGCAEPWNHGKTFTCTAAYPESKTPLTATLSKS
GNTFRPEVHLLPPPSEELALNELVTLTCLARGFSPKDVLVRWLQGSQELPREKYLTWASRQEPSQGTTTFAVTSILRVAA
EDWKKGDTFSCMVGHEALPLAFTQKTIDRLAGKPTHVNVSVVMAEVDGTCY
;
A,B,C,D
2 'polypeptide(L)'
;MKNHLLFWGVLAVFIKAVHVKAQEDERIVLVDNKCKCARITSRIIRSSEDPNEDIVERNIRIIVPLNNRENISDPTSPLR
TRFVYHLSDLCKKCDPTEVELDNQIVTATQSNICDEDSATETCYTYDRNKCYTAVVPLVYGGETKMVETALTPDACYPDH
HHHHHHH
;
J
3 'polypeptide(L)'
;MLLFVLTCLLAVFPAISTKSPIFGPEEVNSVEGNSVSITCYYPPTSVNRHTRKYWCRQGARGGCITLISSEGYVSSKYAG
RANLTNFPENGTFVVNIAQLSQDDSGRYKCGLGINSRGLSFDVSLEVSQGPGLLNDTKVYTVDLGRTVTINCPFKTENAQ
KRKSLYKQIGLYPVLVIDSSGYVNPNYTGRIRLDIQGTGQLLFSVVINQLRLSDAGQYLCQAGDDSNSNKKNADLQVLKP
EPELVYEDLRGSVTFHCALGPEVANVAKFLCRQSSGENCDVVVNTLGKRAPAFEGRILLNPQDKDGSFSVVITGLRKEDA
GRYLCGAHSDGQLQEGSPIQAWQLFVNEESTIPRSPTVVKGVAGGSVAVLCPYNRKESKSIKYWCLWEGAQNGRCPLLVD
SEGWVKAQYEGRLSLLEEPGNGTFTVILNQLTSRDAGFYWCLTNGDTLWRTTVEIKIIEGEPNLKVPGNVTAVLGETLKV
PCHFPCKFSSYEKYWCKWNNTGCQALPSQDEGPSKAFVNCDENSRLVSLTLNLVTRADEGWYWCGVKQGHFYGETAAVYV
AVEERHHHHHHHH
;
P
#
# COMPACT_ATOMS: atom_id res chain seq x y z
N PRO A 63 -9.37 -60.92 -0.22
CA PRO A 63 -9.74 -60.43 -1.55
C PRO A 63 -10.22 -58.99 -1.55
N ARG A 64 -9.43 -58.10 -0.96
CA ARG A 64 -9.82 -56.71 -0.78
C ARG A 64 -9.20 -55.83 -1.86
N LEU A 65 -9.58 -54.56 -1.86
CA LEU A 65 -9.16 -53.65 -2.92
C LEU A 65 -9.01 -52.24 -2.36
N SER A 66 -7.94 -51.56 -2.74
CA SER A 66 -7.61 -50.24 -2.20
C SER A 66 -7.19 -49.29 -3.32
N LEU A 67 -7.53 -48.02 -3.15
CA LEU A 67 -7.14 -46.96 -4.08
C LEU A 67 -6.15 -46.06 -3.36
N HIS A 68 -4.92 -46.01 -3.86
CA HIS A 68 -3.84 -45.29 -3.22
C HIS A 68 -3.55 -43.99 -3.97
N ARG A 69 -3.50 -42.90 -3.20
CA ARG A 69 -3.28 -41.57 -3.71
C ARG A 69 -1.87 -41.45 -4.28
N PRO A 70 -1.62 -40.46 -5.14
CA PRO A 70 -0.25 -40.23 -5.59
C PRO A 70 0.59 -39.68 -4.45
N ALA A 71 1.83 -40.14 -4.37
CA ALA A 71 2.74 -39.72 -3.31
C ALA A 71 3.04 -38.24 -3.43
N LEU A 72 3.38 -37.63 -2.30
CA LEU A 72 3.44 -36.17 -2.23
C LEU A 72 4.65 -35.60 -2.96
N GLU A 73 5.78 -36.30 -2.96
CA GLU A 73 6.97 -35.75 -3.60
C GLU A 73 6.83 -35.71 -5.12
N ASP A 74 6.07 -36.64 -5.70
CA ASP A 74 5.77 -36.60 -7.12
C ASP A 74 4.82 -35.47 -7.44
N LEU A 75 3.97 -35.10 -6.48
CA LEU A 75 3.02 -34.02 -6.69
C LEU A 75 3.67 -32.66 -6.57
N LEU A 76 4.65 -32.51 -5.69
CA LEU A 76 5.24 -31.18 -5.49
C LEU A 76 6.50 -30.99 -6.32
N LEU A 77 7.43 -31.94 -6.25
CA LEU A 77 8.67 -31.83 -7.00
C LEU A 77 8.44 -32.10 -8.48
N GLY A 78 8.01 -33.30 -8.82
CA GLY A 78 7.89 -33.71 -10.20
C GLY A 78 6.68 -33.14 -10.90
N SER A 79 6.31 -33.84 -11.99
CA SER A 79 5.24 -33.44 -12.87
C SER A 79 4.06 -34.39 -12.84
N GLU A 80 4.29 -35.67 -13.12
CA GLU A 80 3.21 -36.63 -13.21
C GLU A 80 2.85 -37.19 -11.83
N ALA A 81 1.56 -37.34 -11.59
CA ALA A 81 1.06 -37.87 -10.33
C ALA A 81 0.15 -39.04 -10.66
N ASN A 82 0.65 -40.25 -10.44
CA ASN A 82 -0.02 -41.46 -10.89
C ASN A 82 -0.75 -42.16 -9.75
N LEU A 83 -2.04 -42.43 -9.93
CA LEU A 83 -2.80 -43.11 -8.88
C LEU A 83 -2.59 -44.61 -8.98
N THR A 84 -2.87 -45.30 -7.88
CA THR A 84 -2.67 -46.74 -7.83
C THR A 84 -3.95 -47.42 -7.41
N CYS A 85 -4.26 -48.56 -8.02
CA CYS A 85 -5.36 -49.41 -7.59
C CYS A 85 -4.77 -50.79 -7.32
N THR A 86 -4.86 -51.26 -6.09
CA THR A 86 -4.29 -52.55 -5.72
C THR A 86 -5.38 -53.49 -5.23
N LEU A 87 -5.43 -54.68 -5.82
CA LEU A 87 -6.25 -55.78 -5.32
C LEU A 87 -5.31 -56.85 -4.76
N THR A 88 -5.64 -57.40 -3.59
CA THR A 88 -4.76 -58.35 -2.92
C THR A 88 -5.06 -59.80 -3.25
N GLY A 89 -6.34 -60.15 -3.39
CA GLY A 89 -6.73 -61.54 -3.51
C GLY A 89 -6.41 -62.24 -4.82
N THR A 97 -8.56 -57.38 -14.68
CA THR A 97 -8.54 -56.14 -15.46
C THR A 97 -9.14 -55.00 -14.65
N PHE A 98 -8.90 -53.76 -15.10
CA PHE A 98 -9.22 -52.57 -14.33
C PHE A 98 -9.91 -51.54 -15.20
N THR A 99 -10.85 -50.80 -14.60
CA THR A 99 -11.59 -49.75 -15.28
C THR A 99 -11.46 -48.46 -14.48
N TRP A 100 -11.07 -47.38 -15.15
CA TRP A 100 -10.83 -46.07 -14.56
C TRP A 100 -11.76 -45.02 -15.15
N THR A 101 -12.27 -44.14 -14.31
CA THR A 101 -13.27 -43.15 -14.72
C THR A 101 -12.81 -42.00 -15.61
N PRO A 102 -11.53 -41.57 -15.64
CA PRO A 102 -11.29 -40.66 -16.78
C PRO A 102 -10.62 -41.34 -17.96
N LYS A 106 -6.56 -41.85 -21.24
CA LYS A 106 -5.18 -42.21 -20.98
C LYS A 106 -5.04 -43.63 -20.46
N SER A 107 -4.36 -44.47 -21.24
CA SER A 107 -4.33 -45.89 -20.97
C SER A 107 -3.39 -46.22 -19.81
N ALA A 108 -3.86 -47.09 -18.92
CA ALA A 108 -3.10 -47.54 -17.77
C ALA A 108 -2.52 -48.92 -18.01
N VAL A 109 -1.67 -49.36 -17.08
CA VAL A 109 -0.97 -50.64 -17.18
C VAL A 109 -1.37 -51.50 -15.99
N GLN A 110 -1.43 -52.81 -16.19
CA GLN A 110 -1.62 -53.78 -15.12
C GLN A 110 -0.30 -54.05 -14.40
N GLY A 111 -0.27 -55.11 -13.60
CA GLY A 111 0.93 -55.43 -12.86
C GLY A 111 1.26 -56.91 -12.79
N PRO A 112 2.45 -57.23 -12.28
CA PRO A 112 2.84 -58.64 -12.05
C PRO A 112 2.08 -59.24 -10.87
N PRO A 113 2.15 -60.56 -10.67
CA PRO A 113 1.45 -61.16 -9.52
C PRO A 113 1.91 -60.68 -8.15
N GLU A 114 3.22 -60.59 -7.90
CA GLU A 114 3.83 -59.98 -6.72
C GLU A 114 3.30 -60.61 -5.42
N ARG A 115 3.58 -61.90 -5.28
CA ARG A 115 2.91 -62.74 -4.31
C ARG A 115 3.29 -62.34 -2.89
N ASP A 116 2.28 -62.02 -2.09
CA ASP A 116 2.47 -61.55 -0.73
C ASP A 116 2.49 -62.76 0.22
N LEU A 117 2.33 -62.50 1.52
CA LEU A 117 2.41 -63.55 2.53
C LEU A 117 1.21 -64.49 2.44
N CYS A 118 1.50 -65.79 2.56
CA CYS A 118 0.52 -66.89 2.50
C CYS A 118 -0.26 -66.89 1.18
N GLY A 119 0.40 -66.48 0.11
CA GLY A 119 -0.25 -66.36 -1.17
C GLY A 119 -0.76 -64.97 -1.44
N CYS A 120 -1.96 -64.89 -2.03
CA CYS A 120 -2.65 -63.65 -2.39
C CYS A 120 -1.80 -62.80 -3.35
N TYR A 121 -1.64 -63.33 -4.57
CA TYR A 121 -0.98 -62.57 -5.63
C TYR A 121 -1.78 -61.31 -5.94
N SER A 122 -1.07 -60.20 -6.12
CA SER A 122 -1.68 -58.88 -6.17
C SER A 122 -1.38 -58.22 -7.52
N VAL A 123 -2.39 -58.09 -8.35
CA VAL A 123 -2.30 -57.28 -9.55
C VAL A 123 -2.73 -55.86 -9.19
N SER A 124 -1.91 -54.88 -9.59
CA SER A 124 -2.23 -53.49 -9.37
C SER A 124 -2.19 -52.74 -10.70
N SER A 125 -2.84 -51.58 -10.73
CA SER A 125 -2.99 -50.80 -11.94
C SER A 125 -2.74 -49.32 -11.64
N VAL A 126 -1.84 -48.71 -12.40
CA VAL A 126 -1.38 -47.37 -12.11
C VAL A 126 -1.78 -46.47 -13.26
N LEU A 127 -2.40 -45.33 -12.95
CA LEU A 127 -2.91 -44.44 -13.97
C LEU A 127 -2.13 -43.14 -13.95
N PRO A 128 -1.47 -42.74 -15.04
CA PRO A 128 -0.56 -41.61 -15.00
C PRO A 128 -1.18 -40.31 -15.50
N GLY A 129 -0.44 -39.22 -15.32
CA GLY A 129 -0.86 -37.92 -15.77
C GLY A 129 -1.96 -37.27 -14.96
N CYS A 130 -2.27 -37.80 -13.78
CA CYS A 130 -3.40 -37.33 -12.98
C CYS A 130 -2.92 -36.36 -11.92
N ALA A 131 -2.41 -35.23 -12.38
CA ALA A 131 -1.95 -34.21 -11.46
C ALA A 131 -3.04 -33.16 -11.25
N GLU A 132 -3.46 -32.52 -12.32
CA GLU A 132 -4.56 -31.56 -12.31
C GLU A 132 -5.96 -32.18 -12.12
N PRO A 133 -6.28 -33.38 -12.63
CA PRO A 133 -7.54 -34.02 -12.20
C PRO A 133 -7.59 -34.32 -10.71
N TRP A 134 -6.50 -34.78 -10.12
CA TRP A 134 -6.47 -35.02 -8.68
C TRP A 134 -6.52 -33.71 -7.90
N ASN A 135 -5.76 -32.72 -8.33
CA ASN A 135 -5.66 -31.46 -7.61
C ASN A 135 -6.91 -30.60 -7.77
N HIS A 136 -7.74 -30.85 -8.78
CA HIS A 136 -8.99 -30.12 -8.89
C HIS A 136 -10.02 -30.65 -7.90
N GLY A 137 -10.17 -31.97 -7.82
CA GLY A 137 -11.10 -32.55 -6.90
C GLY A 137 -12.03 -33.55 -7.56
N LYS A 138 -11.65 -34.03 -8.74
CA LYS A 138 -12.42 -35.08 -9.40
C LYS A 138 -12.30 -36.37 -8.61
N THR A 139 -13.43 -36.96 -8.25
CA THR A 139 -13.43 -38.18 -7.46
C THR A 139 -13.11 -39.37 -8.37
N PHE A 140 -12.04 -40.08 -8.06
CA PHE A 140 -11.60 -41.22 -8.85
C PHE A 140 -12.25 -42.49 -8.32
N THR A 141 -12.75 -43.30 -9.25
CA THR A 141 -13.29 -44.61 -8.96
C THR A 141 -12.58 -45.62 -9.83
N CYS A 142 -12.07 -46.65 -9.20
CA CYS A 142 -11.44 -47.78 -9.89
C CYS A 142 -12.29 -49.01 -9.65
N THR A 143 -12.58 -49.73 -10.72
CA THR A 143 -13.39 -50.93 -10.55
C THR A 143 -12.71 -52.09 -11.24
N ALA A 144 -12.51 -53.17 -10.50
CA ALA A 144 -11.74 -54.31 -10.96
C ALA A 144 -12.63 -55.54 -11.05
N ALA A 145 -12.53 -56.25 -12.17
CA ALA A 145 -13.27 -57.47 -12.41
C ALA A 145 -12.33 -58.68 -12.31
N TYR A 146 -12.81 -59.75 -11.69
CA TYR A 146 -11.98 -60.92 -11.43
C TYR A 146 -12.89 -62.13 -11.28
N PRO A 147 -12.45 -63.32 -11.70
CA PRO A 147 -13.36 -64.47 -11.78
C PRO A 147 -13.58 -65.26 -10.50
N GLU A 148 -13.38 -64.69 -9.31
CA GLU A 148 -13.81 -65.40 -8.11
C GLU A 148 -15.27 -65.09 -7.78
N SER A 149 -15.57 -63.83 -7.45
CA SER A 149 -16.94 -63.38 -7.34
C SER A 149 -17.33 -62.70 -8.64
N LYS A 150 -18.61 -62.80 -9.00
CA LYS A 150 -19.03 -62.40 -10.34
C LYS A 150 -19.03 -60.88 -10.47
N THR A 151 -19.31 -60.18 -9.40
CA THR A 151 -19.39 -58.74 -9.39
C THR A 151 -18.00 -58.13 -9.31
N PRO A 152 -17.79 -56.98 -9.96
CA PRO A 152 -16.53 -56.26 -9.76
C PRO A 152 -16.49 -55.59 -8.40
N LEU A 153 -15.28 -55.27 -7.96
CA LEU A 153 -15.07 -54.51 -6.74
C LEU A 153 -14.68 -53.08 -7.06
N THR A 154 -15.24 -52.14 -6.32
CA THR A 154 -15.01 -50.72 -6.55
C THR A 154 -14.12 -50.14 -5.45
N ALA A 155 -13.57 -48.97 -5.76
CA ALA A 155 -12.76 -48.21 -4.82
C ALA A 155 -12.82 -46.75 -5.22
N THR A 156 -13.02 -45.87 -4.24
CA THR A 156 -13.16 -44.45 -4.52
C THR A 156 -12.15 -43.64 -3.69
N LEU A 157 -11.78 -42.48 -4.23
CA LEU A 157 -10.77 -41.63 -3.60
C LEU A 157 -10.85 -40.22 -4.17
N SER A 158 -10.75 -39.24 -3.29
CA SER A 158 -10.73 -37.84 -3.70
C SER A 158 -9.71 -37.09 -2.88
N LYS A 159 -9.33 -35.93 -3.39
CA LYS A 159 -8.52 -35.01 -2.60
C LYS A 159 -9.38 -34.43 -1.49
N SER A 160 -8.83 -34.42 -0.28
CA SER A 160 -9.53 -33.83 0.85
C SER A 160 -9.55 -32.31 0.73
N GLY A 161 -10.59 -31.71 1.29
CA GLY A 161 -10.81 -30.30 1.07
C GLY A 161 -10.56 -29.41 2.28
N ASN A 162 -10.28 -29.99 3.44
CA ASN A 162 -10.06 -29.14 4.61
C ASN A 162 -8.69 -28.47 4.57
N THR A 163 -7.61 -29.26 4.61
CA THR A 163 -6.24 -28.85 4.25
C THR A 163 -5.76 -27.62 5.02
N PHE A 164 -5.41 -27.82 6.27
CA PHE A 164 -4.71 -26.76 6.99
C PHE A 164 -3.23 -26.76 6.64
N ARG A 165 -2.59 -25.64 6.85
CA ARG A 165 -1.21 -25.33 6.61
C ARG A 165 -0.33 -25.80 7.76
N PRO A 166 0.89 -26.25 7.50
CA PRO A 166 1.78 -26.60 8.58
C PRO A 166 2.40 -25.35 9.21
N GLU A 167 2.60 -25.42 10.52
CA GLU A 167 3.42 -24.46 11.24
C GLU A 167 4.80 -25.06 11.45
N VAL A 168 5.81 -24.49 10.81
CA VAL A 168 7.17 -24.97 10.88
C VAL A 168 7.90 -24.19 11.95
N HIS A 169 8.57 -24.89 12.85
CA HIS A 169 9.29 -24.29 13.96
C HIS A 169 10.66 -24.92 14.03
N LEU A 170 11.70 -24.11 13.92
CA LEU A 170 13.07 -24.59 13.93
C LEU A 170 13.67 -24.23 15.28
N LEU A 171 14.02 -25.22 16.04
CA LEU A 171 14.42 -25.11 17.43
C LEU A 171 15.92 -25.26 17.56
N PRO A 172 16.55 -24.35 18.29
CA PRO A 172 18.00 -24.30 18.38
C PRO A 172 18.53 -25.41 19.27
N PRO A 173 19.84 -25.60 19.36
CA PRO A 173 20.36 -26.65 20.23
C PRO A 173 20.06 -26.36 21.68
N PRO A 174 19.97 -27.39 22.51
CA PRO A 174 19.84 -27.17 23.94
C PRO A 174 21.12 -26.57 24.48
N SER A 175 20.99 -25.81 25.57
CA SER A 175 22.12 -25.06 26.09
C SER A 175 23.16 -25.95 26.76
N GLU A 176 22.84 -27.21 27.04
CA GLU A 176 23.78 -28.16 27.59
C GLU A 176 24.39 -29.07 26.54
N GLU A 177 24.25 -28.75 25.26
CA GLU A 177 24.91 -29.48 24.20
C GLU A 177 25.97 -28.65 23.48
N LEU A 178 25.86 -27.34 23.57
CA LEU A 178 26.88 -26.43 23.07
C LEU A 178 28.17 -26.50 23.87
N ALA A 179 28.09 -26.74 25.17
CA ALA A 179 29.29 -26.76 26.01
C ALA A 179 29.91 -28.14 26.10
N LEU A 180 30.02 -28.80 24.95
CA LEU A 180 30.79 -30.05 24.82
C LEU A 180 31.57 -30.13 23.53
N ASN A 181 31.21 -29.36 22.49
CA ASN A 181 31.97 -29.18 21.26
C ASN A 181 32.19 -30.50 20.52
N GLU A 182 31.15 -31.33 20.48
CA GLU A 182 31.19 -32.53 19.65
C GLU A 182 30.19 -32.46 18.50
N LEU A 183 28.90 -32.39 18.80
CA LEU A 183 27.83 -32.34 17.81
C LEU A 183 26.63 -31.71 18.48
N VAL A 184 25.93 -30.85 17.78
CA VAL A 184 24.74 -30.22 18.31
C VAL A 184 23.53 -30.70 17.51
N THR A 185 22.35 -30.57 18.12
CA THR A 185 21.14 -31.22 17.64
C THR A 185 20.05 -30.17 17.45
N LEU A 186 19.69 -29.90 16.20
CA LEU A 186 18.66 -28.96 15.84
C LEU A 186 17.38 -29.71 15.56
N THR A 187 16.24 -29.15 15.96
CA THR A 187 14.97 -29.85 15.85
C THR A 187 14.03 -29.07 14.96
N CYS A 188 13.20 -29.77 14.20
CA CYS A 188 12.25 -29.13 13.29
C CYS A 188 10.88 -29.73 13.52
N LEU A 189 9.93 -28.90 13.94
CA LEU A 189 8.60 -29.34 14.26
C LEU A 189 7.62 -28.74 13.27
N ALA A 190 6.98 -29.56 12.45
CA ALA A 190 5.85 -29.13 11.65
C ALA A 190 4.60 -29.58 12.35
N ARG A 191 3.63 -28.69 12.46
CA ARG A 191 2.55 -28.96 13.38
C ARG A 191 1.27 -28.39 12.81
N GLY A 192 0.20 -29.17 12.89
CA GLY A 192 -1.12 -28.62 12.70
C GLY A 192 -1.64 -28.63 11.29
N PHE A 193 -1.25 -29.60 10.49
CA PHE A 193 -1.66 -29.69 9.10
C PHE A 193 -2.67 -30.80 8.94
N SER A 194 -3.62 -30.64 8.04
CA SER A 194 -4.71 -31.60 8.11
C SER A 194 -4.55 -32.87 7.29
N PRO A 195 -4.06 -32.87 6.05
CA PRO A 195 -3.73 -34.17 5.45
C PRO A 195 -2.39 -34.66 5.99
N LYS A 196 -2.29 -35.95 6.26
CA LYS A 196 -1.12 -36.47 6.96
C LYS A 196 0.07 -36.75 6.05
N ASP A 197 0.19 -36.08 4.93
CA ASP A 197 1.34 -36.24 4.06
C ASP A 197 2.15 -34.96 4.09
N VAL A 198 3.46 -35.09 4.33
CA VAL A 198 4.34 -33.94 4.46
C VAL A 198 5.75 -34.37 4.04
N LEU A 199 6.54 -33.41 3.58
CA LEU A 199 7.93 -33.64 3.20
C LEU A 199 8.83 -32.76 4.03
N VAL A 200 9.87 -33.32 4.62
CA VAL A 200 10.84 -32.55 5.39
C VAL A 200 12.20 -32.70 4.74
N ARG A 201 12.84 -31.58 4.42
CA ARG A 201 14.16 -31.54 3.84
C ARG A 201 15.02 -30.58 4.64
N TRP A 202 16.31 -30.85 4.71
CA TRP A 202 17.22 -30.03 5.49
C TRP A 202 18.27 -29.42 4.59
N LEU A 203 18.69 -28.22 4.91
CA LEU A 203 19.58 -27.44 4.06
C LEU A 203 20.71 -26.87 4.89
N GLN A 204 21.93 -26.95 4.37
CA GLN A 204 23.07 -26.28 5.00
C GLN A 204 23.39 -25.03 4.20
N GLY A 205 22.83 -23.92 4.62
CA GLY A 205 23.04 -22.67 3.93
C GLY A 205 22.23 -22.61 2.66
N SER A 206 22.75 -23.20 1.59
CA SER A 206 21.98 -23.39 0.37
C SER A 206 22.24 -24.71 -0.31
N GLN A 207 23.09 -25.56 0.24
CA GLN A 207 23.38 -26.86 -0.30
C GLN A 207 22.60 -27.88 0.51
N GLU A 208 21.83 -28.73 -0.17
CA GLU A 208 20.96 -29.66 0.53
C GLU A 208 21.76 -30.84 1.08
N LEU A 209 21.49 -31.19 2.33
CA LEU A 209 22.05 -32.35 2.99
C LEU A 209 21.43 -33.62 2.43
N PRO A 210 22.15 -34.75 2.46
CA PRO A 210 21.56 -36.01 1.97
C PRO A 210 20.48 -36.52 2.89
N ARG A 211 19.83 -37.60 2.46
CA ARG A 211 18.78 -38.17 3.29
C ARG A 211 19.34 -38.96 4.46
N GLU A 212 20.59 -39.35 4.42
CA GLU A 212 21.15 -40.19 5.46
C GLU A 212 21.83 -39.40 6.56
N LYS A 213 21.61 -38.10 6.64
CA LYS A 213 22.20 -37.30 7.69
C LYS A 213 21.19 -36.84 8.72
N TYR A 214 19.90 -37.01 8.47
CA TYR A 214 18.89 -36.59 9.42
C TYR A 214 17.86 -37.69 9.63
N LEU A 215 17.05 -37.52 10.66
CA LEU A 215 16.04 -38.50 11.06
C LEU A 215 14.70 -37.80 11.10
N THR A 216 13.75 -38.30 10.30
CA THR A 216 12.38 -37.79 10.30
C THR A 216 11.44 -38.88 10.80
N TRP A 217 10.61 -38.54 11.77
CA TRP A 217 9.63 -39.45 12.33
C TRP A 217 8.38 -39.43 11.46
N ALA A 218 7.43 -40.30 11.78
CA ALA A 218 6.21 -40.36 11.00
C ALA A 218 5.32 -39.17 11.32
N SER A 219 4.23 -39.05 10.59
CA SER A 219 3.31 -37.94 10.75
C SER A 219 2.15 -38.44 11.58
N ARG A 220 2.20 -38.21 12.88
CA ARG A 220 1.19 -38.73 13.76
C ARG A 220 0.13 -37.68 14.01
N GLN A 221 -0.92 -38.06 14.73
CA GLN A 221 -2.09 -37.22 14.93
C GLN A 221 -2.09 -36.65 16.33
N GLU A 222 -2.27 -35.35 16.41
CA GLU A 222 -2.20 -34.65 17.66
C GLU A 222 -3.42 -34.95 18.53
N PRO A 223 -3.34 -34.71 19.83
CA PRO A 223 -4.55 -34.61 20.63
C PRO A 223 -5.45 -33.47 20.19
N SER A 224 -6.74 -33.62 20.48
CA SER A 224 -7.75 -32.75 19.90
C SER A 224 -7.79 -31.40 20.60
N GLN A 225 -7.74 -30.34 19.80
CA GLN A 225 -8.02 -28.96 20.21
C GLN A 225 -8.94 -28.32 19.19
N GLY A 226 -10.03 -29.01 18.87
CA GLY A 226 -10.89 -28.60 17.79
C GLY A 226 -10.86 -29.61 16.67
N THR A 227 -10.29 -29.23 15.53
CA THR A 227 -10.29 -30.07 14.35
C THR A 227 -9.24 -31.17 14.46
N THR A 228 -9.13 -31.97 13.41
CA THR A 228 -8.13 -33.03 13.37
C THR A 228 -6.91 -32.49 12.65
N THR A 229 -5.80 -32.40 13.36
CA THR A 229 -4.54 -31.88 12.87
C THR A 229 -3.47 -32.94 13.13
N PHE A 230 -2.31 -32.79 12.49
CA PHE A 230 -1.23 -33.76 12.57
C PHE A 230 0.06 -33.05 12.96
N ALA A 231 1.14 -33.80 13.16
CA ALA A 231 2.42 -33.24 13.57
C ALA A 231 3.55 -34.18 13.18
N VAL A 232 4.72 -33.61 12.88
CA VAL A 232 5.92 -34.36 12.52
C VAL A 232 7.14 -33.61 13.04
N THR A 233 8.17 -34.37 13.43
CA THR A 233 9.43 -33.82 13.89
C THR A 233 10.57 -34.37 13.06
N SER A 234 11.66 -33.62 13.03
CA SER A 234 12.88 -34.03 12.39
C SER A 234 14.06 -33.52 13.20
N ILE A 235 15.19 -34.20 13.10
CA ILE A 235 16.36 -33.98 13.93
C ILE A 235 17.54 -33.77 13.00
N LEU A 236 18.54 -33.00 13.43
CA LEU A 236 19.74 -32.87 12.63
C LEU A 236 20.93 -32.68 13.54
N ARG A 237 21.97 -33.48 13.35
CA ARG A 237 23.17 -33.41 14.17
C ARG A 237 24.31 -32.83 13.34
N VAL A 238 24.71 -31.61 13.65
CA VAL A 238 25.79 -30.97 12.93
C VAL A 238 26.98 -30.77 13.85
N ALA A 239 28.15 -30.60 13.24
CA ALA A 239 29.37 -30.44 14.02
C ALA A 239 29.39 -29.08 14.69
N ALA A 240 29.87 -29.03 15.93
CA ALA A 240 29.77 -27.79 16.70
C ALA A 240 30.75 -26.74 16.22
N GLU A 241 31.79 -27.12 15.48
CA GLU A 241 32.61 -26.11 14.83
C GLU A 241 31.90 -25.45 13.66
N ASP A 242 30.87 -26.09 13.11
CA ASP A 242 30.00 -25.42 12.16
C ASP A 242 28.98 -24.53 12.84
N TRP A 243 28.42 -24.97 13.96
CA TRP A 243 27.47 -24.12 14.64
C TRP A 243 28.13 -22.90 15.27
N LYS A 244 29.40 -22.98 15.66
CA LYS A 244 30.04 -21.82 16.26
C LYS A 244 30.63 -20.87 15.24
N LYS A 245 30.99 -21.33 14.05
CA LYS A 245 31.60 -20.45 13.08
C LYS A 245 30.59 -19.60 12.33
N GLY A 246 29.32 -19.97 12.36
CA GLY A 246 28.27 -19.03 12.00
C GLY A 246 27.62 -19.24 10.66
N ASP A 247 27.44 -20.48 10.22
CA ASP A 247 26.62 -20.72 9.04
C ASP A 247 25.25 -21.19 9.47
N THR A 248 24.32 -21.13 8.54
CA THR A 248 22.90 -21.28 8.82
C THR A 248 22.41 -22.63 8.31
N PHE A 249 21.38 -23.14 8.97
CA PHE A 249 20.72 -24.39 8.59
C PHE A 249 19.25 -24.12 8.46
N SER A 250 18.62 -24.75 7.48
CA SER A 250 17.22 -24.53 7.16
C SER A 250 16.45 -25.83 7.23
N CYS A 251 15.21 -25.73 7.68
CA CYS A 251 14.24 -26.80 7.57
C CYS A 251 13.20 -26.39 6.55
N MET A 252 12.84 -27.33 5.69
CA MET A 252 12.02 -27.04 4.52
C MET A 252 10.89 -28.05 4.49
N VAL A 253 9.66 -27.57 4.66
CA VAL A 253 8.50 -28.44 4.81
C VAL A 253 7.58 -28.23 3.62
N GLY A 254 7.25 -29.32 2.94
CA GLY A 254 6.41 -29.30 1.77
C GLY A 254 5.09 -30.00 2.02
N HIS A 255 4.01 -29.32 1.68
CA HIS A 255 2.68 -29.80 1.98
C HIS A 255 1.75 -29.35 0.87
N GLU A 256 0.62 -30.06 0.75
CA GLU A 256 -0.40 -29.73 -0.24
C GLU A 256 -1.06 -28.40 0.02
N ALA A 257 -1.19 -27.99 1.27
CA ALA A 257 -1.97 -26.82 1.63
C ALA A 257 -1.18 -25.54 1.61
N LEU A 258 -0.02 -25.56 1.21
CA LEU A 258 0.88 -24.43 1.21
C LEU A 258 0.82 -23.69 -0.12
N PRO A 259 1.15 -22.38 -0.17
CA PRO A 259 1.02 -21.61 -1.41
C PRO A 259 1.89 -22.05 -2.57
N LEU A 260 3.19 -22.11 -2.36
CA LEU A 260 4.14 -22.47 -3.41
C LEU A 260 4.82 -23.79 -3.13
N ALA A 261 4.09 -24.71 -2.50
CA ALA A 261 4.39 -26.10 -2.27
C ALA A 261 5.51 -26.37 -1.28
N PHE A 262 6.22 -25.36 -0.81
CA PHE A 262 7.29 -25.54 0.16
C PHE A 262 7.37 -24.27 1.00
N THR A 263 7.78 -24.42 2.24
CA THR A 263 8.08 -23.27 3.06
C THR A 263 9.33 -23.59 3.86
N GLN A 264 9.95 -22.54 4.38
CA GLN A 264 11.32 -22.60 4.85
C GLN A 264 11.45 -21.94 6.20
N LYS A 265 12.45 -22.37 6.96
CA LYS A 265 12.78 -21.74 8.23
C LYS A 265 14.29 -21.88 8.42
N THR A 266 14.94 -20.85 8.94
CA THR A 266 16.39 -20.82 8.93
C THR A 266 16.88 -20.36 10.29
N ILE A 267 17.94 -20.99 10.78
CA ILE A 267 18.49 -20.69 12.09
C ILE A 267 20.01 -20.69 12.01
N ASP A 268 20.63 -19.89 12.88
CA ASP A 268 22.08 -19.89 13.01
C ASP A 268 22.42 -19.66 14.46
N ARG A 269 23.69 -19.38 14.73
CA ARG A 269 24.20 -19.29 16.10
C ARG A 269 23.61 -18.11 16.84
N LEU A 270 23.26 -17.06 16.11
CA LEU A 270 22.83 -15.80 16.70
C LEU A 270 21.37 -15.85 17.14
N ALA A 271 20.54 -16.58 16.42
CA ALA A 271 19.10 -16.61 16.70
C ALA A 271 18.74 -17.82 17.56
N GLY A 272 19.56 -18.09 18.55
CA GLY A 272 19.37 -19.24 19.41
C GLY A 272 20.25 -19.25 20.64
N VAL A 277 22.46 -9.50 22.24
CA VAL A 277 21.72 -8.57 21.38
C VAL A 277 22.36 -7.18 21.42
N ASN A 278 22.78 -6.68 20.25
CA ASN A 278 23.31 -5.33 20.10
C ASN A 278 22.83 -4.81 18.74
N VAL A 279 21.84 -3.92 18.75
CA VAL A 279 21.42 -3.24 17.55
C VAL A 279 21.70 -1.76 17.70
N SER A 280 21.73 -1.06 16.56
CA SER A 280 22.30 0.27 16.47
C SER A 280 21.43 1.19 15.64
N VAL A 281 20.17 1.40 16.04
CA VAL A 281 19.24 2.24 15.29
C VAL A 281 19.72 3.68 15.23
N VAL A 282 20.03 4.16 14.02
CA VAL A 282 20.45 5.55 13.82
C VAL A 282 19.41 6.27 12.95
N MET A 283 18.95 7.42 13.42
CA MET A 283 17.89 8.20 12.78
C MET A 283 18.44 9.55 12.35
N ALA A 284 18.87 9.66 11.11
CA ALA A 284 19.44 10.89 10.61
C ALA A 284 18.36 11.81 10.06
N GLU A 285 18.50 13.10 10.35
CA GLU A 285 17.65 14.20 9.84
C GLU A 285 16.19 14.02 10.23
N VAL A 286 15.91 13.95 11.53
CA VAL A 286 14.51 13.79 11.94
C VAL A 286 13.73 15.07 11.71
N ASP A 287 14.38 16.22 11.81
CA ASP A 287 13.79 17.48 11.38
C ASP A 287 14.07 17.67 9.89
N GLY A 288 13.79 18.82 9.36
CA GLY A 288 14.01 18.99 7.95
C GLY A 288 12.86 18.47 7.10
N THR A 289 13.03 18.65 5.80
CA THR A 289 11.91 18.62 4.87
C THR A 289 11.59 17.20 4.46
N CYS A 290 10.30 16.85 4.53
CA CYS A 290 9.81 15.49 4.27
C CYS A 290 8.80 15.58 3.13
N TYR A 291 9.25 15.37 1.90
CA TYR A 291 8.45 15.76 0.74
C TYR A 291 8.78 15.02 -0.55
N PRO B 63 3.97 -71.45 10.89
CA PRO B 63 4.44 -71.92 12.20
C PRO B 63 5.74 -71.23 12.61
N ARG B 64 5.62 -69.98 13.03
CA ARG B 64 6.76 -69.14 13.37
C ARG B 64 6.66 -68.73 14.83
N LEU B 65 7.79 -68.84 15.53
CA LEU B 65 7.86 -68.63 16.97
C LEU B 65 8.70 -67.39 17.28
N SER B 66 8.17 -66.52 18.13
CA SER B 66 8.88 -65.32 18.54
C SER B 66 8.66 -65.11 20.02
N LEU B 67 9.73 -64.84 20.75
CA LEU B 67 9.65 -64.56 22.18
C LEU B 67 9.81 -63.07 22.37
N HIS B 68 8.74 -62.40 22.77
CA HIS B 68 8.77 -60.98 23.02
C HIS B 68 9.09 -60.71 24.48
N ARG B 69 9.96 -59.73 24.68
CA ARG B 69 10.49 -59.31 25.96
C ARG B 69 9.39 -58.78 26.89
N PRO B 70 9.67 -58.66 28.18
CA PRO B 70 8.77 -57.88 29.04
C PRO B 70 8.76 -56.44 28.60
N ALA B 71 7.57 -55.87 28.53
CA ALA B 71 7.44 -54.47 28.18
C ALA B 71 8.00 -53.61 29.29
N LEU B 72 8.49 -52.43 28.91
CA LEU B 72 9.20 -51.60 29.87
C LEU B 72 8.25 -50.99 30.89
N GLU B 73 6.99 -50.79 30.49
CA GLU B 73 6.01 -50.19 31.38
C GLU B 73 5.74 -51.07 32.60
N ASP B 74 5.55 -52.36 32.36
CA ASP B 74 5.36 -53.33 33.42
C ASP B 74 6.66 -53.66 34.14
N LEU B 75 7.80 -53.33 33.55
CA LEU B 75 9.09 -53.57 34.16
C LEU B 75 9.54 -52.46 35.08
N LEU B 76 9.05 -51.24 34.88
CA LEU B 76 9.43 -50.12 35.73
C LEU B 76 8.32 -49.67 36.66
N LEU B 77 7.05 -49.79 36.25
CA LEU B 77 5.93 -49.35 37.08
C LEU B 77 5.03 -50.48 37.51
N GLY B 78 4.71 -51.42 36.61
CA GLY B 78 3.73 -52.45 36.89
C GLY B 78 4.29 -53.61 37.71
N SER B 79 3.61 -54.75 37.60
CA SER B 79 3.97 -55.95 38.33
C SER B 79 4.08 -57.18 37.44
N GLU B 80 3.19 -57.32 36.45
CA GLU B 80 3.09 -58.52 35.62
C GLU B 80 4.11 -58.46 34.48
N ALA B 81 5.38 -58.52 34.84
CA ALA B 81 6.44 -58.61 33.86
C ALA B 81 6.43 -60.01 33.28
N ASN B 82 5.94 -60.16 32.05
CA ASN B 82 5.67 -61.46 31.49
C ASN B 82 6.26 -61.57 30.09
N LEU B 83 7.06 -62.60 29.87
CA LEU B 83 7.54 -62.85 28.52
C LEU B 83 6.43 -63.49 27.71
N THR B 84 6.28 -63.08 26.45
CA THR B 84 5.20 -63.62 25.63
C THR B 84 5.79 -64.44 24.50
N CYS B 85 5.44 -65.71 24.45
CA CYS B 85 5.96 -66.63 23.45
C CYS B 85 4.83 -66.88 22.45
N THR B 86 4.98 -66.33 21.25
CA THR B 86 3.92 -66.31 20.26
C THR B 86 4.28 -67.22 19.10
N LEU B 87 3.32 -68.05 18.68
CA LEU B 87 3.50 -68.97 17.56
C LEU B 87 2.34 -68.77 16.60
N THR B 88 2.65 -68.36 15.37
CA THR B 88 1.64 -68.07 14.37
C THR B 88 1.73 -69.06 13.21
N GLY B 89 0.61 -69.24 12.52
CA GLY B 89 0.60 -69.99 11.29
C GLY B 89 0.30 -71.47 11.40
N LEU B 90 -0.38 -71.89 12.46
CA LEU B 90 -0.81 -73.27 12.63
C LEU B 90 -2.21 -73.45 12.08
N ARG B 91 -2.59 -74.71 11.86
CA ARG B 91 -3.84 -74.99 11.15
C ARG B 91 -4.87 -75.71 11.99
N ASP B 92 -4.60 -76.93 12.46
CA ASP B 92 -5.66 -77.92 12.70
C ASP B 92 -6.66 -77.59 13.81
N ALA B 93 -6.28 -77.70 15.07
CA ALA B 93 -7.05 -77.02 16.12
C ALA B 93 -6.15 -76.39 17.17
N SER B 94 -5.17 -77.16 17.62
CA SER B 94 -4.41 -76.93 18.83
C SER B 94 -3.28 -77.95 18.86
N GLY B 95 -2.66 -78.11 20.02
CA GLY B 95 -1.70 -79.18 20.23
C GLY B 95 -0.33 -78.66 20.61
N VAL B 96 -0.29 -77.51 21.24
CA VAL B 96 0.97 -76.82 21.53
C VAL B 96 1.36 -77.03 22.98
N THR B 97 2.65 -77.29 23.21
CA THR B 97 3.25 -77.39 24.53
C THR B 97 4.29 -76.27 24.63
N PHE B 98 4.30 -75.57 25.74
CA PHE B 98 5.24 -74.46 25.91
C PHE B 98 6.13 -74.77 27.10
N THR B 99 7.36 -75.20 26.81
CA THR B 99 8.32 -75.55 27.83
C THR B 99 9.34 -74.43 27.98
N TRP B 100 9.45 -73.89 29.18
CA TRP B 100 10.35 -72.78 29.46
C TRP B 100 11.61 -73.25 30.17
N GLY B 105 7.15 -70.57 39.06
CA GLY B 105 5.80 -70.06 38.91
C GLY B 105 5.37 -69.90 37.47
N LYS B 106 4.91 -71.00 36.87
CA LYS B 106 4.53 -70.99 35.47
C LYS B 106 3.01 -71.01 35.31
N SER B 107 2.50 -70.17 34.40
CA SER B 107 1.09 -70.17 34.02
C SER B 107 0.96 -70.77 32.63
N ALA B 108 0.48 -72.00 32.55
CA ALA B 108 0.32 -72.71 31.28
C ALA B 108 -0.95 -72.23 30.58
N VAL B 109 -0.87 -71.00 30.06
CA VAL B 109 -1.99 -70.34 29.38
C VAL B 109 -1.67 -70.29 27.89
N GLN B 110 -2.67 -70.56 27.06
CA GLN B 110 -2.50 -70.54 25.62
C GLN B 110 -3.34 -69.46 24.94
N GLY B 111 -4.67 -69.49 25.13
CA GLY B 111 -5.60 -68.50 24.61
C GLY B 111 -5.54 -68.25 23.10
N PRO B 112 -5.92 -69.23 22.29
CA PRO B 112 -5.59 -69.19 20.85
C PRO B 112 -6.68 -68.52 20.04
N PRO B 113 -6.37 -67.43 19.31
CA PRO B 113 -7.32 -66.90 18.33
C PRO B 113 -7.19 -67.60 16.98
N SER B 122 -3.07 -69.08 15.39
CA SER B 122 -2.00 -68.51 16.21
C SER B 122 -2.28 -68.74 17.69
N VAL B 123 -1.24 -68.61 18.50
CA VAL B 123 -1.36 -68.84 19.94
C VAL B 123 -0.26 -68.01 20.61
N SER B 124 -0.50 -67.62 21.86
CA SER B 124 0.41 -66.74 22.58
C SER B 124 0.43 -67.15 24.04
N SER B 125 1.51 -67.78 24.48
CA SER B 125 1.64 -68.20 25.86
C SER B 125 2.40 -67.17 26.68
N VAL B 126 1.99 -67.03 27.94
CA VAL B 126 2.48 -66.00 28.83
C VAL B 126 3.26 -66.64 29.97
N LEU B 127 4.52 -66.22 30.14
CA LEU B 127 5.25 -66.60 31.34
C LEU B 127 5.25 -65.40 32.27
N PRO B 128 4.45 -65.39 33.33
CA PRO B 128 4.46 -64.28 34.26
C PRO B 128 5.36 -64.51 35.45
N GLY B 129 5.48 -63.51 36.32
CA GLY B 129 6.17 -63.67 37.59
C GLY B 129 7.68 -63.65 37.53
N CYS B 130 8.27 -63.68 36.34
CA CYS B 130 9.72 -63.70 36.21
C CYS B 130 10.32 -62.32 35.99
N ALA B 131 9.95 -61.36 36.83
CA ALA B 131 10.58 -60.05 36.79
C ALA B 131 12.00 -60.11 37.33
N GLU B 132 12.23 -60.83 38.42
CA GLU B 132 13.55 -60.96 39.05
C GLU B 132 14.59 -61.71 38.21
N PRO B 133 14.30 -62.83 37.52
CA PRO B 133 15.35 -63.44 36.70
C PRO B 133 15.72 -62.66 35.45
N TRP B 134 14.88 -61.73 35.01
CA TRP B 134 15.19 -60.97 33.80
C TRP B 134 16.34 -60.00 34.05
N ASN B 135 16.31 -59.31 35.18
CA ASN B 135 17.38 -58.37 35.53
C ASN B 135 18.62 -59.07 36.06
N HIS B 136 18.61 -60.40 36.17
CA HIS B 136 19.86 -61.13 36.30
C HIS B 136 20.65 -61.07 34.99
N GLY B 137 20.12 -61.69 33.94
CA GLY B 137 20.76 -61.65 32.65
C GLY B 137 20.84 -62.99 31.94
N LYS B 138 20.17 -64.00 32.48
CA LYS B 138 20.23 -65.33 31.90
C LYS B 138 19.21 -65.48 30.78
N THR B 139 19.55 -66.30 29.81
CA THR B 139 18.76 -66.43 28.59
C THR B 139 17.53 -67.30 28.83
N PHE B 140 16.37 -66.79 28.42
CA PHE B 140 15.10 -67.50 28.57
C PHE B 140 14.84 -68.30 27.31
N THR B 141 14.63 -69.59 27.46
CA THR B 141 14.50 -70.54 26.35
C THR B 141 13.08 -71.08 26.32
N CYS B 142 12.35 -70.75 25.26
CA CYS B 142 10.96 -71.16 25.08
C CYS B 142 10.87 -72.15 23.92
N THR B 143 10.35 -73.33 24.19
CA THR B 143 10.17 -74.35 23.15
C THR B 143 8.69 -74.67 23.01
N ALA B 144 8.17 -74.49 21.81
CA ALA B 144 6.76 -74.67 21.49
C ALA B 144 6.60 -75.89 20.60
N ALA B 145 5.74 -76.81 21.03
CA ALA B 145 5.52 -78.10 20.39
C ALA B 145 4.13 -78.13 19.76
N TYR B 146 4.05 -78.64 18.55
CA TYR B 146 2.81 -78.62 17.78
C TYR B 146 2.76 -79.83 16.85
N PRO B 147 1.58 -80.39 16.60
CA PRO B 147 1.50 -81.63 15.83
C PRO B 147 1.43 -81.45 14.32
N GLU B 148 1.53 -80.22 13.81
CA GLU B 148 1.53 -80.01 12.36
C GLU B 148 2.85 -80.49 11.74
N SER B 149 3.96 -80.07 12.32
CA SER B 149 5.28 -80.60 11.98
C SER B 149 5.80 -81.45 13.13
N LYS B 150 7.06 -81.88 13.01
CA LYS B 150 7.61 -82.90 13.91
C LYS B 150 8.39 -82.29 15.07
N THR B 151 9.47 -81.59 14.77
CA THR B 151 10.34 -81.05 15.81
C THR B 151 9.77 -79.74 16.33
N PRO B 152 9.71 -79.54 17.65
CA PRO B 152 9.25 -78.27 18.20
C PRO B 152 10.23 -77.14 17.91
N LEU B 153 9.72 -75.92 17.95
CA LEU B 153 10.54 -74.74 17.69
C LEU B 153 11.02 -74.12 19.00
N THR B 154 12.09 -73.33 18.90
CA THR B 154 12.75 -72.79 20.08
C THR B 154 13.17 -71.35 19.85
N ALA B 155 12.98 -70.51 20.86
CA ALA B 155 13.33 -69.09 20.83
C ALA B 155 14.08 -68.74 22.11
N THR B 156 15.18 -67.99 21.96
CA THR B 156 16.03 -67.60 23.07
C THR B 156 16.05 -66.08 23.19
N LEU B 157 16.15 -65.57 24.42
CA LEU B 157 16.13 -64.13 24.66
C LEU B 157 16.69 -63.83 26.04
N SER B 158 17.46 -62.75 26.15
CA SER B 158 17.87 -62.22 27.44
C SER B 158 17.99 -60.70 27.38
N LYS B 159 18.36 -60.13 28.53
CA LYS B 159 18.43 -58.68 28.70
C LYS B 159 19.60 -58.09 27.91
N SER B 160 19.41 -56.89 27.37
CA SER B 160 20.43 -56.24 26.58
C SER B 160 21.62 -55.83 27.44
N GLY B 161 22.83 -56.09 26.93
CA GLY B 161 24.05 -55.78 27.64
C GLY B 161 24.69 -54.46 27.27
N ASN B 162 24.96 -54.25 25.98
CA ASN B 162 25.56 -53.00 25.53
C ASN B 162 24.50 -51.91 25.55
N THR B 163 24.37 -51.23 26.69
CA THR B 163 23.32 -50.28 26.95
C THR B 163 23.90 -48.89 27.17
N PHE B 164 23.22 -47.87 26.67
CA PHE B 164 23.57 -46.48 26.90
C PHE B 164 22.40 -45.79 27.58
N ARG B 165 22.63 -44.66 28.10
CA ARG B 165 21.54 -43.99 28.78
C ARG B 165 21.03 -42.82 27.96
N PRO B 166 19.78 -42.38 28.14
CA PRO B 166 19.27 -41.26 27.36
C PRO B 166 19.94 -39.95 27.70
N GLU B 167 19.67 -38.95 26.86
CA GLU B 167 20.13 -37.58 27.09
C GLU B 167 18.94 -36.65 26.87
N VAL B 168 18.13 -36.47 27.91
CA VAL B 168 16.87 -35.75 27.80
C VAL B 168 17.13 -34.27 27.62
N HIS B 169 16.44 -33.67 26.65
CA HIS B 169 16.51 -32.24 26.43
C HIS B 169 15.09 -31.73 26.31
N LEU B 170 14.71 -30.81 27.17
CA LEU B 170 13.36 -30.27 27.17
C LEU B 170 13.42 -28.88 26.58
N LEU B 171 13.08 -28.77 25.32
CA LEU B 171 13.20 -27.60 24.48
C LEU B 171 12.01 -26.66 24.68
N PRO B 172 12.31 -25.37 24.75
CA PRO B 172 11.32 -24.34 25.05
C PRO B 172 10.38 -24.11 23.88
N PRO B 173 9.30 -23.33 24.06
CA PRO B 173 8.42 -23.04 22.95
C PRO B 173 9.09 -22.11 21.95
N PRO B 174 8.65 -22.12 20.70
CA PRO B 174 9.07 -21.09 19.76
C PRO B 174 8.29 -19.80 20.01
N SER B 175 8.86 -18.68 19.58
CA SER B 175 8.30 -17.39 19.95
C SER B 175 7.08 -17.01 19.13
N GLU B 176 6.91 -17.60 17.95
CA GLU B 176 5.69 -17.36 17.17
C GLU B 176 4.47 -17.94 17.85
N GLU B 177 4.65 -19.06 18.55
CA GLU B 177 3.62 -19.64 19.38
C GLU B 177 3.16 -18.67 20.45
N LEU B 178 4.09 -17.93 21.03
CA LEU B 178 3.73 -16.98 22.07
C LEU B 178 3.08 -15.75 21.46
N ALA B 179 3.39 -15.45 20.21
CA ALA B 179 2.78 -14.30 19.57
C ALA B 179 1.32 -14.56 19.24
N LEU B 180 0.97 -15.81 18.89
CA LEU B 180 -0.41 -16.13 18.53
C LEU B 180 -1.32 -16.26 19.74
N ASN B 181 -0.78 -16.52 20.92
CA ASN B 181 -1.47 -16.41 22.20
C ASN B 181 -2.54 -17.46 22.40
N GLU B 182 -2.34 -18.66 21.86
CA GLU B 182 -3.32 -19.73 22.02
C GLU B 182 -2.80 -20.89 22.87
N LEU B 183 -1.80 -21.63 22.42
CA LEU B 183 -1.16 -22.71 23.16
C LEU B 183 0.32 -22.67 22.82
N VAL B 184 1.16 -23.12 23.76
CA VAL B 184 2.58 -23.20 23.54
C VAL B 184 2.98 -24.67 23.52
N THR B 185 4.15 -24.94 22.98
CA THR B 185 4.53 -26.26 22.51
C THR B 185 5.87 -26.64 23.09
N LEU B 186 5.89 -27.47 24.13
CA LEU B 186 7.14 -27.93 24.70
C LEU B 186 7.57 -29.20 24.01
N THR B 187 8.85 -29.35 23.75
CA THR B 187 9.32 -30.53 23.04
C THR B 187 10.29 -31.28 23.92
N CYS B 188 10.25 -32.60 23.92
CA CYS B 188 11.13 -33.37 24.77
C CYS B 188 11.84 -34.40 23.92
N LEU B 189 13.14 -34.23 23.77
CA LEU B 189 13.95 -35.01 22.86
C LEU B 189 14.88 -35.87 23.69
N ALA B 190 14.69 -37.18 23.65
CA ALA B 190 15.56 -38.10 24.34
C ALA B 190 16.41 -38.80 23.29
N ARG B 191 17.71 -38.63 23.37
CA ARG B 191 18.59 -38.90 22.25
C ARG B 191 19.67 -39.87 22.67
N GLY B 192 20.11 -40.71 21.75
CA GLY B 192 21.30 -41.51 21.99
C GLY B 192 21.26 -42.56 23.07
N PHE B 193 20.31 -43.48 23.05
CA PHE B 193 20.24 -44.57 24.00
C PHE B 193 20.25 -45.90 23.26
N SER B 194 20.90 -46.90 23.84
CA SER B 194 21.19 -48.11 23.07
C SER B 194 20.10 -49.18 23.01
N PRO B 195 19.28 -49.41 24.03
CA PRO B 195 18.07 -50.20 23.79
C PRO B 195 16.91 -49.33 23.35
N LYS B 196 16.03 -49.92 22.55
CA LYS B 196 15.02 -49.16 21.83
C LYS B 196 13.91 -48.67 22.75
N ASP B 197 13.55 -49.44 23.76
CA ASP B 197 12.33 -49.20 24.52
C ASP B 197 12.52 -48.11 25.57
N VAL B 198 11.61 -47.14 25.57
CA VAL B 198 11.74 -45.96 26.42
C VAL B 198 10.33 -45.51 26.78
N LEU B 199 10.19 -44.77 27.89
CA LEU B 199 8.88 -44.29 28.31
C LEU B 199 8.93 -42.80 28.61
N VAL B 200 8.16 -42.00 27.88
CA VAL B 200 8.10 -40.57 28.09
C VAL B 200 6.87 -40.28 28.93
N ARG B 201 7.06 -39.52 30.01
CA ARG B 201 5.97 -39.05 30.85
C ARG B 201 6.08 -37.54 30.98
N TRP B 202 4.98 -36.89 31.26
CA TRP B 202 5.00 -35.45 31.40
C TRP B 202 4.31 -35.04 32.68
N LEU B 203 4.86 -34.04 33.34
CA LEU B 203 4.37 -33.56 34.62
C LEU B 203 4.19 -32.05 34.54
N GLN B 204 3.07 -31.55 35.04
CA GLN B 204 2.90 -30.13 35.25
C GLN B 204 2.97 -29.89 36.75
N GLY B 205 3.94 -29.08 37.17
CA GLY B 205 4.24 -28.98 38.59
C GLY B 205 4.73 -30.31 39.09
N SER B 206 3.90 -30.99 39.87
CA SER B 206 4.17 -32.36 40.25
C SER B 206 3.05 -33.31 39.88
N GLN B 207 1.99 -32.83 39.22
CA GLN B 207 0.88 -33.68 38.83
C GLN B 207 1.12 -34.22 37.43
N GLU B 208 1.03 -35.54 37.29
CA GLU B 208 1.33 -36.19 36.03
C GLU B 208 0.16 -36.00 35.07
N LEU B 209 0.46 -35.58 33.85
CA LEU B 209 -0.59 -35.41 32.85
C LEU B 209 -1.01 -36.77 32.31
N PRO B 210 -2.28 -36.91 31.91
CA PRO B 210 -2.72 -38.17 31.30
C PRO B 210 -2.24 -38.28 29.87
N ARG B 211 -2.10 -39.51 29.41
CA ARG B 211 -1.45 -39.78 28.13
C ARG B 211 -2.30 -39.42 26.92
N GLU B 212 -3.50 -38.88 27.12
CA GLU B 212 -4.31 -38.34 26.04
C GLU B 212 -4.10 -36.85 25.87
N LYS B 213 -3.07 -36.29 26.49
CA LYS B 213 -2.82 -34.87 26.42
C LYS B 213 -1.53 -34.52 25.70
N TYR B 214 -0.70 -35.51 25.37
CA TYR B 214 0.52 -35.29 24.61
C TYR B 214 0.61 -36.29 23.49
N LEU B 215 1.53 -36.05 22.57
CA LEU B 215 1.79 -36.94 21.45
C LEU B 215 3.21 -37.43 21.56
N THR B 216 3.41 -38.73 21.36
CA THR B 216 4.73 -39.31 21.50
C THR B 216 5.01 -40.18 20.30
N TRP B 217 6.09 -39.91 19.59
CA TRP B 217 6.47 -40.68 18.44
C TRP B 217 7.17 -41.95 18.88
N ALA B 218 7.75 -42.68 17.95
CA ALA B 218 8.35 -43.97 18.26
C ALA B 218 9.86 -43.83 18.41
N SER B 219 10.51 -44.92 18.75
CA SER B 219 11.97 -44.96 18.90
C SER B 219 12.59 -45.29 17.56
N ARG B 220 13.03 -44.26 16.84
CA ARG B 220 13.62 -44.44 15.52
C ARG B 220 15.13 -44.34 15.61
N GLN B 221 15.82 -45.25 14.91
CA GLN B 221 17.27 -45.25 14.95
C GLN B 221 17.83 -44.08 14.16
N GLU B 222 18.68 -43.29 14.80
CA GLU B 222 19.18 -42.04 14.26
C GLU B 222 20.46 -42.27 13.46
N PRO B 223 20.76 -41.42 12.48
CA PRO B 223 21.84 -41.74 11.54
C PRO B 223 23.21 -41.53 12.17
N SER B 224 23.96 -42.62 12.28
CA SER B 224 25.34 -42.53 12.73
C SER B 224 26.08 -43.75 12.22
N GLN B 225 27.33 -43.54 11.82
CA GLN B 225 28.23 -44.64 11.47
C GLN B 225 29.06 -45.10 12.67
N GLY B 226 28.75 -44.59 13.86
CA GLY B 226 29.32 -45.12 15.08
C GLY B 226 28.47 -46.26 15.59
N THR B 227 27.93 -46.13 16.79
CA THR B 227 27.13 -47.19 17.39
C THR B 227 25.65 -46.94 17.19
N THR B 228 24.86 -47.99 17.34
CA THR B 228 23.42 -47.93 17.06
C THR B 228 22.71 -47.27 18.21
N THR B 229 22.33 -46.02 18.04
CA THR B 229 21.65 -45.23 19.05
C THR B 229 20.31 -44.79 18.50
N PHE B 230 19.33 -44.62 19.39
CA PHE B 230 17.96 -44.36 19.01
C PHE B 230 17.53 -43.00 19.52
N ALA B 231 16.39 -42.51 19.06
CA ALA B 231 15.91 -41.22 19.51
C ALA B 231 14.40 -41.24 19.62
N VAL B 232 13.87 -40.32 20.41
CA VAL B 232 12.42 -40.17 20.63
C VAL B 232 12.14 -38.69 20.81
N THR B 233 11.13 -38.16 20.13
CA THR B 233 10.59 -36.89 20.50
C THR B 233 9.21 -37.08 21.10
N SER B 234 8.78 -36.10 21.88
CA SER B 234 7.43 -36.09 22.40
C SER B 234 7.04 -34.66 22.66
N ILE B 235 5.87 -34.25 22.17
CA ILE B 235 5.44 -32.87 22.16
C ILE B 235 4.28 -32.71 23.14
N LEU B 236 4.26 -31.61 23.87
CA LEU B 236 3.15 -31.30 24.76
C LEU B 236 2.70 -29.88 24.48
N ARG B 237 1.45 -29.70 24.09
CA ARG B 237 0.91 -28.37 23.91
C ARG B 237 0.08 -28.02 25.14
N VAL B 238 0.42 -26.90 25.76
CA VAL B 238 -0.18 -26.47 27.01
C VAL B 238 -0.62 -25.02 26.82
N ALA B 239 -1.52 -24.55 27.68
CA ALA B 239 -2.13 -23.25 27.46
C ALA B 239 -1.15 -22.14 27.76
N ALA B 240 -1.22 -21.06 26.98
CA ALA B 240 -0.27 -19.97 27.16
C ALA B 240 -0.54 -19.17 28.41
N GLU B 241 -1.72 -19.31 29.01
CA GLU B 241 -1.94 -18.78 30.34
C GLU B 241 -1.10 -19.52 31.37
N ASP B 242 -0.86 -20.82 31.17
CA ASP B 242 -0.02 -21.57 32.08
C ASP B 242 1.43 -21.16 31.94
N TRP B 243 1.90 -20.94 30.73
CA TRP B 243 3.26 -20.50 30.53
C TRP B 243 3.47 -19.08 31.06
N LYS B 244 2.55 -18.17 30.76
CA LYS B 244 2.73 -16.80 31.20
C LYS B 244 2.47 -16.61 32.69
N LYS B 245 1.65 -17.46 33.31
CA LYS B 245 1.54 -17.46 34.75
C LYS B 245 2.84 -17.90 35.40
N GLY B 246 3.40 -19.02 34.95
CA GLY B 246 4.78 -19.32 35.23
C GLY B 246 5.10 -20.67 35.83
N ASP B 247 4.23 -21.66 35.72
CA ASP B 247 4.53 -22.90 36.40
C ASP B 247 5.41 -23.78 35.53
N THR B 248 5.93 -24.83 36.14
CA THR B 248 6.98 -25.65 35.54
C THR B 248 6.39 -26.85 34.83
N PHE B 249 7.12 -27.35 33.83
CA PHE B 249 6.75 -28.54 33.09
C PHE B 249 7.95 -29.46 33.01
N SER B 250 7.75 -30.73 33.32
CA SER B 250 8.82 -31.69 33.45
C SER B 250 8.60 -32.83 32.46
N CYS B 251 9.62 -33.14 31.68
CA CYS B 251 9.63 -34.35 30.88
C CYS B 251 10.38 -35.39 31.67
N MET B 252 9.78 -36.55 31.87
CA MET B 252 10.33 -37.62 32.67
C MET B 252 10.52 -38.83 31.79
N VAL B 253 11.75 -39.09 31.37
CA VAL B 253 12.05 -40.17 30.44
C VAL B 253 12.60 -41.34 31.24
N GLY B 254 11.99 -42.49 31.09
CA GLY B 254 12.38 -43.70 31.79
C GLY B 254 12.95 -44.74 30.86
N HIS B 255 13.90 -45.50 31.36
CA HIS B 255 14.72 -46.38 30.56
C HIS B 255 15.34 -47.41 31.47
N GLU B 256 15.76 -48.54 30.90
CA GLU B 256 16.32 -49.59 31.74
C GLU B 256 17.80 -49.39 32.04
N ALA B 257 18.50 -48.57 31.28
CA ALA B 257 19.92 -48.32 31.51
C ALA B 257 20.15 -47.12 32.40
N LEU B 258 19.17 -46.69 33.13
CA LEU B 258 19.34 -45.68 34.15
C LEU B 258 19.12 -46.31 35.52
N PRO B 259 20.00 -46.03 36.48
CA PRO B 259 19.84 -46.66 37.80
C PRO B 259 18.67 -46.12 38.60
N LEU B 260 18.46 -44.81 38.59
CA LEU B 260 17.34 -44.21 39.30
C LEU B 260 16.02 -44.38 38.57
N ALA B 261 16.05 -44.91 37.34
CA ALA B 261 14.99 -45.34 36.44
C ALA B 261 14.24 -44.22 35.75
N PHE B 262 14.46 -42.95 36.08
CA PHE B 262 13.68 -41.87 35.49
C PHE B 262 14.51 -40.60 35.51
N THR B 263 14.90 -40.09 34.35
CA THR B 263 15.56 -38.80 34.25
C THR B 263 14.50 -37.74 34.02
N GLN B 264 14.45 -36.73 34.87
CA GLN B 264 13.41 -35.72 34.80
C GLN B 264 14.05 -34.36 34.56
N LYS B 265 13.64 -33.69 33.49
CA LYS B 265 14.06 -32.33 33.21
C LYS B 265 12.87 -31.40 33.38
N THR B 266 13.15 -30.12 33.62
CA THR B 266 12.13 -29.16 34.01
C THR B 266 12.39 -27.83 33.33
N ILE B 267 11.36 -27.24 32.76
CA ILE B 267 11.48 -25.90 32.20
C ILE B 267 10.37 -25.03 32.75
N ASP B 268 10.66 -23.76 32.93
CA ASP B 268 9.66 -22.75 33.22
C ASP B 268 9.92 -21.57 32.30
N ARG B 269 9.13 -20.51 32.46
CA ARG B 269 9.22 -19.37 31.55
C ARG B 269 10.55 -18.66 31.67
N LEU B 270 11.07 -18.55 32.89
CA LEU B 270 12.30 -17.80 33.15
C LEU B 270 13.50 -18.72 33.01
N ALA B 271 13.73 -19.16 31.77
CA ALA B 271 14.75 -20.14 31.37
C ALA B 271 14.70 -21.42 32.21
N HIS B 276 17.81 -8.18 28.66
CA HIS B 276 18.77 -7.39 27.88
C HIS B 276 18.27 -7.25 26.47
N VAL B 277 18.29 -6.03 25.93
CA VAL B 277 18.19 -5.86 24.50
C VAL B 277 19.38 -5.03 24.00
N ASN B 278 19.74 -3.97 24.74
CA ASN B 278 20.93 -3.15 24.52
C ASN B 278 20.96 -2.53 23.13
N VAL B 279 20.01 -1.65 22.88
CA VAL B 279 19.96 -0.89 21.64
C VAL B 279 20.86 0.33 21.81
N SER B 280 21.13 1.00 20.71
CA SER B 280 21.86 2.26 20.75
C SER B 280 21.21 3.18 19.74
N VAL B 281 20.51 4.20 20.22
CA VAL B 281 19.85 5.16 19.35
C VAL B 281 20.81 6.31 19.09
N VAL B 282 21.29 6.41 17.85
CA VAL B 282 22.51 7.15 17.50
C VAL B 282 21.99 8.32 16.67
N MET B 283 20.93 8.94 17.16
CA MET B 283 20.22 9.97 16.42
C MET B 283 21.07 11.18 16.05
N ALA B 284 21.48 11.23 14.79
CA ALA B 284 22.10 12.38 14.14
C ALA B 284 23.35 12.89 14.83
N PRO C 63 26.72 58.83 -33.37
CA PRO C 63 27.26 59.38 -32.13
C PRO C 63 26.23 59.47 -31.02
N ARG C 64 26.45 58.71 -29.95
CA ARG C 64 25.64 58.79 -28.75
C ARG C 64 26.56 59.06 -27.56
N LEU C 65 25.95 59.37 -26.41
CA LEU C 65 26.69 59.69 -25.20
C LEU C 65 26.19 58.85 -24.04
N SER C 66 27.09 58.56 -23.11
CA SER C 66 26.76 57.76 -21.93
C SER C 66 27.55 58.25 -20.72
N LEU C 67 26.86 58.35 -19.58
CA LEU C 67 27.47 58.69 -18.30
C LEU C 67 27.27 57.52 -17.35
N HIS C 68 28.37 56.88 -16.96
CA HIS C 68 28.31 55.67 -16.17
C HIS C 68 28.51 55.98 -14.69
N ARG C 69 27.67 55.36 -13.85
CA ARG C 69 27.67 55.56 -12.41
C ARG C 69 28.97 55.02 -11.80
N PRO C 70 29.30 55.41 -10.56
CA PRO C 70 30.44 54.78 -9.89
C PRO C 70 30.20 53.31 -9.63
N ALA C 71 31.28 52.54 -9.73
CA ALA C 71 31.20 51.13 -9.42
C ALA C 71 31.01 50.95 -7.91
N LEU C 72 30.28 49.90 -7.55
CA LEU C 72 29.92 49.71 -6.16
C LEU C 72 31.07 49.19 -5.33
N GLU C 73 31.90 48.32 -5.88
CA GLU C 73 33.01 47.76 -5.12
C GLU C 73 34.10 48.79 -4.88
N ASP C 74 34.34 49.68 -5.86
CA ASP C 74 35.32 50.74 -5.70
C ASP C 74 34.79 51.90 -4.87
N LEU C 75 33.49 51.91 -4.57
CA LEU C 75 32.91 52.93 -3.70
C LEU C 75 32.66 52.41 -2.29
N LEU C 76 32.53 51.10 -2.13
CA LEU C 76 32.39 50.52 -0.80
C LEU C 76 33.76 50.19 -0.20
N LEU C 77 34.56 49.37 -0.90
CA LEU C 77 35.87 49.03 -0.38
C LEU C 77 36.84 50.19 -0.56
N GLY C 78 37.10 50.57 -1.81
CA GLY C 78 38.13 51.54 -2.12
C GLY C 78 37.75 52.97 -1.79
N SER C 79 38.70 53.86 -2.07
CA SER C 79 38.54 55.30 -1.86
C SER C 79 38.56 56.07 -3.17
N GLU C 80 38.23 55.42 -4.27
CA GLU C 80 38.23 56.03 -5.59
C GLU C 80 37.00 55.54 -6.32
N ALA C 81 36.05 56.43 -6.56
CA ALA C 81 34.89 56.14 -7.37
C ALA C 81 34.91 57.13 -8.53
N ASN C 82 35.66 56.78 -9.55
CA ASN C 82 35.74 57.61 -10.74
C ASN C 82 34.46 57.53 -11.54
N LEU C 83 34.05 58.67 -12.08
CA LEU C 83 32.93 58.76 -13.01
C LEU C 83 33.48 58.62 -14.41
N THR C 84 32.63 58.31 -15.37
CA THR C 84 33.06 58.08 -16.74
C THR C 84 32.04 58.63 -17.74
N CYS C 85 32.54 59.44 -18.68
CA CYS C 85 31.77 59.91 -19.82
C CYS C 85 32.35 59.28 -21.07
N THR C 86 31.55 58.48 -21.77
CA THR C 86 32.02 57.81 -22.98
C THR C 86 31.05 58.05 -24.11
N LEU C 87 31.56 58.01 -25.33
CA LEU C 87 30.75 58.10 -26.54
C LEU C 87 30.75 56.76 -27.25
N THR C 88 29.99 56.68 -28.33
CA THR C 88 29.93 55.39 -29.00
C THR C 88 30.20 55.46 -30.49
N GLY C 89 29.78 56.53 -31.16
CA GLY C 89 29.77 56.48 -32.61
C GLY C 89 30.43 57.63 -33.35
N LEU C 90 31.41 58.28 -32.74
CA LEU C 90 32.10 59.35 -33.44
C LEU C 90 33.11 58.80 -34.43
N ARG C 91 33.23 59.47 -35.58
CA ARG C 91 34.21 59.12 -36.61
C ARG C 91 34.97 60.39 -36.95
N ASP C 92 35.88 60.77 -36.06
CA ASP C 92 36.76 61.92 -36.30
C ASP C 92 38.16 61.57 -35.79
N THR C 97 36.95 66.97 -27.30
CA THR C 97 37.24 66.83 -25.89
C THR C 97 35.95 66.82 -25.07
N PHE C 98 36.06 66.99 -23.75
CA PHE C 98 34.94 66.90 -22.83
C PHE C 98 34.92 68.12 -21.93
N THR C 99 33.75 68.39 -21.36
CA THR C 99 33.56 69.49 -20.43
C THR C 99 32.67 69.00 -19.29
N TRP C 100 33.20 69.04 -18.07
CA TRP C 100 32.43 68.69 -16.89
C TRP C 100 32.09 69.94 -16.12
N THR C 101 30.82 70.35 -16.17
CA THR C 101 30.37 71.49 -15.38
C THR C 101 30.40 71.30 -13.86
N PRO C 102 30.52 70.06 -13.30
CA PRO C 102 30.81 70.20 -11.86
C PRO C 102 32.27 69.92 -11.52
N LYS C 106 39.82 69.60 -10.14
CA LYS C 106 40.32 68.39 -10.77
C LYS C 106 39.70 68.22 -12.15
N SER C 107 40.52 67.90 -13.14
CA SER C 107 40.04 67.72 -14.50
C SER C 107 39.93 66.23 -14.83
N ALA C 108 39.67 65.94 -16.09
CA ALA C 108 39.46 64.57 -16.55
C ALA C 108 40.75 63.99 -17.09
N VAL C 109 40.72 62.68 -17.36
CA VAL C 109 41.83 61.97 -17.96
C VAL C 109 41.30 61.28 -19.20
N GLN C 110 41.78 61.68 -20.37
CA GLN C 110 41.27 61.18 -21.63
C GLN C 110 41.78 59.78 -21.89
N GLY C 111 41.06 59.05 -22.74
CA GLY C 111 41.35 57.65 -22.96
C GLY C 111 41.85 57.34 -24.35
N PRO C 112 41.89 56.06 -24.70
CA PRO C 112 42.28 55.65 -26.05
C PRO C 112 41.24 56.04 -27.09
N PRO C 113 41.60 56.08 -28.37
CA PRO C 113 40.60 56.34 -29.42
C PRO C 113 39.53 55.27 -29.53
N GLU C 114 39.93 53.99 -29.59
CA GLU C 114 39.07 52.82 -29.42
C GLU C 114 37.93 52.78 -30.47
N ARG C 115 38.36 52.56 -31.71
CA ARG C 115 37.42 52.42 -32.83
C ARG C 115 36.56 51.17 -32.69
N ASP C 116 35.46 51.14 -33.44
CA ASP C 116 34.58 49.99 -33.43
C ASP C 116 34.62 49.30 -34.79
N CYS C 120 33.22 54.46 -35.64
CA CYS C 120 32.40 54.52 -34.43
C CYS C 120 33.28 54.49 -33.19
N TYR C 121 34.14 55.49 -33.04
CA TYR C 121 35.14 55.51 -31.99
C TYR C 121 34.51 55.70 -30.62
N SER C 122 35.32 55.49 -29.58
CA SER C 122 34.84 55.66 -28.22
C SER C 122 36.04 56.10 -27.37
N VAL C 123 36.23 57.39 -27.23
CA VAL C 123 37.19 57.93 -26.28
C VAL C 123 36.45 58.13 -24.97
N SER C 124 37.20 58.20 -23.89
CA SER C 124 36.63 58.27 -22.56
C SER C 124 37.11 59.52 -21.83
N SER C 125 36.32 59.94 -20.84
CA SER C 125 36.74 60.94 -19.88
C SER C 125 36.38 60.39 -18.50
N VAL C 126 37.36 59.86 -17.82
CA VAL C 126 37.18 59.45 -16.44
C VAL C 126 37.33 60.69 -15.57
N LEU C 127 36.85 60.60 -14.36
CA LEU C 127 36.98 61.74 -13.45
C LEU C 127 37.13 61.20 -12.05
N PRO C 128 38.29 61.35 -11.43
CA PRO C 128 38.53 60.77 -10.11
C PRO C 128 38.18 61.73 -8.98
N GLY C 129 38.04 61.15 -7.78
CA GLY C 129 37.86 61.92 -6.57
C GLY C 129 36.48 62.46 -6.32
N CYS C 130 35.54 62.26 -7.25
CA CYS C 130 34.17 62.73 -7.08
C CYS C 130 33.26 61.65 -6.51
N ALA C 131 33.68 61.03 -5.41
CA ALA C 131 32.88 60.01 -4.76
C ALA C 131 31.92 60.61 -3.75
N GLU C 132 32.46 61.37 -2.80
CA GLU C 132 31.64 62.09 -1.82
C GLU C 132 30.78 63.24 -2.40
N PRO C 133 31.12 63.91 -3.51
CA PRO C 133 30.08 64.73 -4.15
C PRO C 133 28.97 63.90 -4.76
N TRP C 134 29.28 62.68 -5.22
CA TRP C 134 28.25 61.80 -5.75
C TRP C 134 27.34 61.29 -4.64
N ASN C 135 27.90 61.04 -3.44
CA ASN C 135 27.12 60.56 -2.31
C ASN C 135 26.09 61.57 -1.83
N HIS C 136 26.33 62.87 -2.07
CA HIS C 136 25.42 63.92 -1.68
C HIS C 136 24.45 64.29 -2.80
N GLY C 137 24.41 63.49 -3.87
CA GLY C 137 23.39 63.64 -4.88
C GLY C 137 23.52 64.84 -5.78
N LYS C 138 24.69 65.45 -5.87
CA LYS C 138 24.89 66.56 -6.78
C LYS C 138 24.87 66.07 -8.22
N THR C 139 24.10 66.73 -9.07
CA THR C 139 23.84 66.27 -10.44
C THR C 139 25.08 66.51 -11.29
N PHE C 140 25.80 65.45 -11.62
CA PHE C 140 26.90 65.55 -12.57
C PHE C 140 26.34 65.74 -13.97
N THR C 141 27.11 66.44 -14.80
CA THR C 141 26.72 66.66 -16.19
C THR C 141 27.97 66.75 -17.04
N CYS C 142 28.06 65.86 -18.04
CA CYS C 142 29.12 65.84 -19.03
C CYS C 142 28.62 66.41 -20.34
N THR C 143 29.50 67.13 -21.04
CA THR C 143 29.17 67.68 -22.35
C THR C 143 30.37 67.50 -23.27
N ALA C 144 30.19 66.71 -24.32
CA ALA C 144 31.25 66.41 -25.26
C ALA C 144 30.98 67.10 -26.59
N ALA C 145 31.98 67.83 -27.08
CA ALA C 145 31.86 68.58 -28.32
C ALA C 145 32.84 67.98 -29.33
N TYR C 146 32.31 67.26 -30.27
CA TYR C 146 33.09 66.66 -31.33
C TYR C 146 32.92 67.47 -32.62
N PRO C 147 33.93 67.49 -33.50
CA PRO C 147 33.80 68.26 -34.75
C PRO C 147 33.04 67.55 -35.86
N GLU C 148 32.31 66.48 -35.57
CA GLU C 148 31.47 65.86 -36.59
C GLU C 148 30.23 66.70 -36.88
N SER C 149 29.81 67.54 -35.94
CA SER C 149 28.68 68.44 -36.14
C SER C 149 28.92 69.68 -35.28
N LYS C 150 27.85 70.40 -34.97
CA LYS C 150 27.92 71.62 -34.17
C LYS C 150 27.37 71.48 -32.76
N THR C 151 26.20 70.86 -32.60
CA THR C 151 25.55 70.79 -31.29
C THR C 151 26.21 69.73 -30.44
N PRO C 152 26.87 70.10 -29.34
CA PRO C 152 27.55 69.09 -28.53
C PRO C 152 26.57 68.27 -27.71
N LEU C 153 26.99 67.05 -27.41
CA LEU C 153 26.14 66.12 -26.70
C LEU C 153 26.27 66.33 -25.20
N THR C 154 25.21 66.00 -24.47
CA THR C 154 25.12 66.23 -23.03
C THR C 154 24.51 65.01 -22.37
N ALA C 155 25.03 64.65 -21.20
CA ALA C 155 24.44 63.59 -20.39
C ALA C 155 24.57 63.94 -18.92
N THR C 156 23.48 63.81 -18.18
CA THR C 156 23.43 64.09 -16.75
C THR C 156 23.23 62.80 -15.96
N LEU C 157 23.62 62.86 -14.69
CA LEU C 157 23.39 61.73 -13.78
C LEU C 157 23.44 62.22 -12.35
N SER C 158 22.53 61.71 -11.53
CA SER C 158 22.53 61.97 -10.10
C SER C 158 22.34 60.66 -9.35
N LYS C 159 22.53 60.72 -8.04
CA LYS C 159 22.30 59.58 -7.17
C LYS C 159 20.87 59.67 -6.62
N SER C 160 20.07 58.66 -6.92
CA SER C 160 18.71 58.64 -6.40
C SER C 160 18.72 58.32 -4.90
N GLY C 161 17.82 58.97 -4.16
CA GLY C 161 17.71 58.78 -2.73
C GLY C 161 16.67 57.79 -2.28
N ASN C 162 15.78 57.37 -3.17
CA ASN C 162 14.73 56.39 -2.87
C ASN C 162 15.42 55.02 -2.78
N THR C 163 16.07 54.78 -1.64
CA THR C 163 16.80 53.56 -1.40
C THR C 163 16.17 52.81 -0.23
N PHE C 164 16.07 51.50 -0.38
CA PHE C 164 15.67 50.63 0.72
C PHE C 164 16.80 49.65 0.97
N ARG C 165 17.02 49.31 2.21
CA ARG C 165 18.08 48.39 2.53
C ARG C 165 17.61 46.95 2.24
N PRO C 166 18.52 46.01 2.02
CA PRO C 166 18.11 44.65 1.75
C PRO C 166 17.62 43.91 2.98
N GLU C 167 16.89 42.84 2.73
CA GLU C 167 16.66 41.79 3.71
C GLU C 167 17.43 40.57 3.22
N VAL C 168 18.36 40.09 4.03
CA VAL C 168 19.37 39.13 3.60
C VAL C 168 19.12 37.82 4.30
N HIS C 169 18.52 36.87 3.62
CA HIS C 169 18.19 35.60 4.23
C HIS C 169 19.20 34.57 3.76
N LEU C 170 19.93 33.99 4.68
CA LEU C 170 20.79 32.87 4.36
C LEU C 170 20.07 31.60 4.74
N LEU C 171 20.12 30.61 3.85
CA LEU C 171 19.22 29.49 3.87
C LEU C 171 19.99 28.19 3.88
N PRO C 172 19.58 27.23 4.71
CA PRO C 172 20.36 26.03 4.99
C PRO C 172 20.33 25.05 3.83
N PRO C 173 21.08 23.96 3.88
CA PRO C 173 21.01 22.96 2.83
C PRO C 173 19.70 22.20 2.87
N PRO C 174 19.30 21.60 1.76
CA PRO C 174 18.19 20.66 1.79
C PRO C 174 18.54 19.44 2.60
N SER C 175 17.51 18.79 3.14
CA SER C 175 17.75 17.57 3.90
C SER C 175 18.15 16.42 2.99
N GLU C 176 17.68 16.42 1.76
CA GLU C 176 18.06 15.38 0.81
C GLU C 176 19.53 15.44 0.44
N GLU C 177 20.10 16.63 0.38
CA GLU C 177 21.46 16.81 -0.09
C GLU C 177 22.50 16.40 0.94
N LEU C 178 22.19 16.52 2.23
CA LEU C 178 23.10 16.08 3.27
C LEU C 178 22.75 14.70 3.81
N ALA C 179 21.96 13.92 3.09
CA ALA C 179 21.86 12.49 3.31
C ALA C 179 22.60 11.70 2.26
N LEU C 180 22.91 12.30 1.11
CA LEU C 180 23.75 11.71 0.08
C LEU C 180 25.22 11.95 0.34
N ASN C 181 25.54 12.97 1.13
CA ASN C 181 26.83 13.16 1.79
C ASN C 181 27.97 13.42 0.83
N GLU C 182 27.73 14.25 -0.18
CA GLU C 182 28.78 14.60 -1.14
C GLU C 182 29.09 16.08 -1.13
N LEU C 183 28.12 16.95 -1.38
CA LEU C 183 28.30 18.40 -1.37
C LEU C 183 26.96 19.03 -1.05
N VAL C 184 26.94 20.03 -0.19
CA VAL C 184 25.72 20.67 0.23
C VAL C 184 25.69 22.07 -0.36
N THR C 185 24.48 22.64 -0.43
CA THR C 185 24.22 23.89 -1.13
C THR C 185 23.61 24.89 -0.16
N LEU C 186 24.27 26.03 0.03
CA LEU C 186 23.74 27.09 0.87
C LEU C 186 23.26 28.22 -0.02
N THR C 187 22.12 28.80 0.31
CA THR C 187 21.46 29.76 -0.57
C THR C 187 21.36 31.10 0.11
N CYS C 188 21.99 32.12 -0.44
CA CYS C 188 21.81 33.46 0.09
C CYS C 188 20.77 34.16 -0.78
N LEU C 189 19.98 35.02 -0.18
CA LEU C 189 18.91 35.68 -0.92
C LEU C 189 18.77 37.10 -0.40
N ALA C 190 19.09 38.07 -1.22
CA ALA C 190 18.95 39.47 -0.83
C ALA C 190 17.72 40.02 -1.50
N ARG C 191 16.82 40.60 -0.73
CA ARG C 191 15.48 40.88 -1.21
C ARG C 191 15.05 42.26 -0.79
N GLY C 192 14.47 43.00 -1.71
CA GLY C 192 13.70 44.16 -1.37
C GLY C 192 14.40 45.49 -1.44
N PHE C 193 15.54 45.58 -2.08
CA PHE C 193 16.33 46.81 -2.10
C PHE C 193 16.00 47.60 -3.35
N SER C 194 16.03 48.92 -3.24
CA SER C 194 15.41 49.68 -4.31
C SER C 194 16.34 50.05 -5.46
N PRO C 195 17.56 50.57 -5.28
CA PRO C 195 18.44 50.71 -6.45
C PRO C 195 19.00 49.36 -6.82
N LYS C 196 19.22 49.16 -8.12
CA LYS C 196 19.54 47.84 -8.66
C LYS C 196 20.89 47.31 -8.20
N ASP C 197 21.82 48.16 -7.81
CA ASP C 197 23.21 47.76 -7.62
C ASP C 197 23.40 47.09 -6.28
N VAL C 198 24.16 46.00 -6.26
CA VAL C 198 24.34 45.16 -5.07
C VAL C 198 25.67 44.45 -5.22
N LEU C 199 26.18 43.93 -4.10
CA LEU C 199 27.41 43.15 -4.10
C LEU C 199 27.23 41.99 -3.15
N VAL C 200 27.59 40.78 -3.56
CA VAL C 200 27.40 39.61 -2.71
C VAL C 200 28.74 38.92 -2.51
N ARG C 201 29.16 38.75 -1.26
CA ARG C 201 30.39 38.04 -0.93
C ARG C 201 30.08 36.90 0.01
N TRP C 202 30.93 35.89 0.02
CA TRP C 202 30.77 34.78 0.95
C TRP C 202 31.99 34.67 1.84
N LEU C 203 31.82 34.17 3.06
CA LEU C 203 32.93 33.98 3.98
C LEU C 203 32.81 32.61 4.62
N GLN C 204 33.88 31.83 4.63
CA GLN C 204 33.90 30.60 5.42
C GLN C 204 34.61 30.90 6.74
N GLY C 205 33.82 31.11 7.79
CA GLY C 205 34.35 31.43 9.09
C GLY C 205 34.79 32.86 9.15
N SER C 206 35.99 33.14 8.67
CA SER C 206 36.44 34.51 8.50
C SER C 206 37.21 34.73 7.21
N GLN C 207 37.47 33.69 6.43
CA GLN C 207 38.27 33.78 5.23
C GLN C 207 37.34 33.88 4.04
N GLU C 208 37.52 34.92 3.22
CA GLU C 208 36.69 35.13 2.06
C GLU C 208 36.91 34.03 1.03
N LEU C 209 35.85 33.58 0.46
CA LEU C 209 36.01 32.64 -0.62
C LEU C 209 36.26 33.40 -1.92
N PRO C 210 36.98 32.81 -2.86
CA PRO C 210 37.15 33.43 -4.17
C PRO C 210 35.84 33.50 -4.94
N ARG C 211 35.80 34.43 -5.90
CA ARG C 211 34.61 34.62 -6.72
C ARG C 211 34.30 33.43 -7.62
N GLU C 212 35.26 32.54 -7.83
CA GLU C 212 35.06 31.38 -8.67
C GLU C 212 34.54 30.18 -7.91
N LYS C 213 34.22 30.34 -6.64
CA LYS C 213 33.68 29.23 -5.85
C LYS C 213 32.17 29.24 -5.76
N TYR C 214 31.54 30.39 -5.98
CA TYR C 214 30.11 30.52 -5.88
C TYR C 214 29.54 31.08 -7.18
N LEU C 215 28.22 31.26 -7.17
CA LEU C 215 27.48 31.67 -8.34
C LEU C 215 26.45 32.68 -7.89
N THR C 216 26.42 33.84 -8.53
CA THR C 216 25.54 34.93 -8.15
C THR C 216 24.69 35.28 -9.35
N TRP C 217 23.39 35.25 -9.18
CA TRP C 217 22.52 35.62 -10.27
C TRP C 217 22.44 37.13 -10.38
N ALA C 218 21.77 37.61 -11.41
CA ALA C 218 21.71 39.05 -11.59
C ALA C 218 20.66 39.65 -10.68
N SER C 219 20.57 40.98 -10.69
CA SER C 219 19.72 41.70 -9.76
C SER C 219 18.40 42.00 -10.47
N ARG C 220 17.48 41.04 -10.43
CA ARG C 220 16.22 41.15 -11.12
C ARG C 220 15.22 41.96 -10.31
N GLN C 221 14.12 42.34 -10.94
CA GLN C 221 13.09 43.17 -10.33
C GLN C 221 11.90 42.33 -9.91
N GLU C 222 11.29 42.70 -8.80
CA GLU C 222 10.31 41.93 -8.06
C GLU C 222 8.89 42.25 -8.51
N PRO C 223 7.97 41.30 -8.42
CA PRO C 223 6.56 41.61 -8.68
C PRO C 223 5.88 42.28 -7.49
N SER C 224 5.45 43.52 -7.64
CA SER C 224 4.87 44.22 -6.52
C SER C 224 3.70 45.08 -6.94
N THR C 227 5.60 50.12 -4.78
CA THR C 227 7.01 50.42 -4.98
C THR C 227 7.66 49.42 -5.92
N THR C 228 8.94 49.66 -6.23
CA THR C 228 9.72 48.81 -7.12
C THR C 228 10.98 48.37 -6.41
N THR C 229 11.05 47.07 -6.12
CA THR C 229 12.15 46.46 -5.37
C THR C 229 12.83 45.41 -6.22
N PHE C 230 13.99 44.95 -5.76
CA PHE C 230 14.81 44.01 -6.51
C PHE C 230 15.16 42.81 -5.64
N ALA C 231 15.91 41.86 -6.21
CA ALA C 231 16.33 40.65 -5.50
C ALA C 231 17.53 40.08 -6.21
N VAL C 232 18.32 39.29 -5.49
CA VAL C 232 19.44 38.55 -6.08
C VAL C 232 19.70 37.34 -5.20
N THR C 233 19.83 36.17 -5.80
CA THR C 233 20.16 34.99 -5.03
C THR C 233 21.57 34.55 -5.38
N SER C 234 22.17 33.78 -4.48
CA SER C 234 23.52 33.27 -4.66
C SER C 234 23.56 31.88 -4.07
N ILE C 235 24.50 31.07 -4.52
CA ILE C 235 24.55 29.68 -4.13
C ILE C 235 26.01 29.31 -3.88
N LEU C 236 26.26 28.53 -2.84
CA LEU C 236 27.61 28.03 -2.58
C LEU C 236 27.55 26.56 -2.21
N ARG C 237 28.35 25.75 -2.86
CA ARG C 237 28.35 24.32 -2.63
C ARG C 237 29.61 23.94 -1.87
N VAL C 238 29.46 23.62 -0.60
CA VAL C 238 30.59 23.25 0.24
C VAL C 238 30.53 21.75 0.50
N ALA C 239 31.64 21.21 0.98
CA ALA C 239 31.71 19.78 1.22
C ALA C 239 30.88 19.43 2.44
N ALA C 240 30.32 18.22 2.43
CA ALA C 240 29.47 17.82 3.54
C ALA C 240 30.27 17.57 4.81
N GLU C 241 31.53 17.14 4.68
CA GLU C 241 32.42 17.02 5.82
C GLU C 241 32.87 18.36 6.35
N ASP C 242 32.74 19.41 5.56
CA ASP C 242 33.04 20.77 5.99
C ASP C 242 31.84 21.42 6.68
N TRP C 243 30.64 20.94 6.37
CA TRP C 243 29.42 21.43 7.01
C TRP C 243 29.11 20.69 8.28
N LYS C 244 29.32 19.36 8.28
CA LYS C 244 28.92 18.52 9.39
C LYS C 244 29.80 18.67 10.63
N LYS C 245 31.06 19.08 10.46
CA LYS C 245 31.91 19.30 11.63
C LYS C 245 31.83 20.72 12.17
N GLY C 246 30.98 21.56 11.58
CA GLY C 246 30.52 22.74 12.28
C GLY C 246 31.14 24.06 11.91
N ASP C 247 31.52 24.25 10.65
CA ASP C 247 32.11 25.50 10.21
C ASP C 247 30.99 26.46 9.81
N THR C 248 31.13 27.71 10.20
CA THR C 248 30.10 28.65 9.83
C THR C 248 30.32 29.15 8.42
N PHE C 249 29.27 29.69 7.84
CA PHE C 249 29.34 30.34 6.54
C PHE C 249 28.50 31.60 6.59
N SER C 250 29.02 32.67 6.03
CA SER C 250 28.34 33.94 6.06
C SER C 250 28.13 34.44 4.65
N CYS C 251 27.00 35.11 4.45
CA CYS C 251 26.71 35.86 3.25
C CYS C 251 26.81 37.32 3.62
N MET C 252 27.55 38.09 2.85
CA MET C 252 27.69 39.52 3.08
C MET C 252 27.10 40.24 1.90
N VAL C 253 25.98 40.91 2.10
CA VAL C 253 25.35 41.67 1.03
C VAL C 253 25.67 43.13 1.28
N GLY C 254 26.29 43.78 0.31
CA GLY C 254 26.62 45.17 0.39
C GLY C 254 25.79 45.97 -0.58
N HIS C 255 25.04 46.92 -0.04
CA HIS C 255 24.16 47.77 -0.81
C HIS C 255 24.39 49.20 -0.39
N GLU C 256 24.17 50.15 -1.30
CA GLU C 256 24.54 51.52 -1.03
C GLU C 256 23.57 52.25 -0.13
N ALA C 257 22.57 51.58 0.43
CA ALA C 257 21.72 52.19 1.44
C ALA C 257 22.16 51.91 2.86
N LEU C 258 23.02 50.93 3.05
CA LEU C 258 23.40 50.59 4.41
C LEU C 258 24.43 51.58 4.94
N PRO C 259 24.31 52.00 6.19
CA PRO C 259 25.30 52.94 6.74
C PRO C 259 26.62 52.27 7.07
N LEU C 260 26.60 50.98 7.39
CA LEU C 260 27.82 50.22 7.63
C LEU C 260 28.39 49.65 6.33
N ALA C 261 27.67 49.85 5.22
CA ALA C 261 27.90 49.38 3.86
C ALA C 261 27.76 47.87 3.70
N PHE C 262 27.44 47.12 4.75
CA PHE C 262 27.35 45.67 4.65
C PHE C 262 26.35 45.11 5.64
N THR C 263 25.67 44.04 5.24
CA THR C 263 24.79 43.25 6.10
C THR C 263 25.24 41.81 6.02
N GLN C 264 25.56 41.22 7.17
CA GLN C 264 26.11 39.88 7.24
C GLN C 264 25.10 38.95 7.87
N LYS C 265 24.95 37.77 7.30
CA LYS C 265 24.08 36.74 7.85
C LYS C 265 24.88 35.45 7.90
N THR C 266 24.66 34.62 8.93
CA THR C 266 25.53 33.48 9.21
C THR C 266 24.70 32.24 9.49
N ILE C 267 25.10 31.09 8.93
CA ILE C 267 24.55 29.82 9.37
C ILE C 267 25.65 28.81 9.62
N ASP C 268 25.39 27.89 10.54
CA ASP C 268 26.15 26.68 10.70
C ASP C 268 25.16 25.56 10.93
N ARG C 269 25.66 24.40 11.37
CA ARG C 269 24.84 23.20 11.45
C ARG C 269 23.75 23.31 12.51
N LEU C 270 23.98 24.07 13.57
CA LEU C 270 23.03 24.27 14.67
C LEU C 270 22.59 25.71 14.69
N ALA C 271 21.56 26.04 13.91
CA ALA C 271 21.00 27.38 13.95
C ALA C 271 19.52 27.33 13.59
N GLY C 272 18.74 28.17 14.26
CA GLY C 272 17.33 28.35 13.93
C GLY C 272 16.29 27.80 14.88
N LYS C 273 16.50 27.98 16.20
CA LYS C 273 15.59 27.61 17.29
C LYS C 273 15.24 26.13 17.20
N PRO C 274 16.12 25.25 17.65
CA PRO C 274 16.14 23.88 17.15
C PRO C 274 14.97 23.05 17.66
N THR C 275 14.72 21.96 16.94
CA THR C 275 13.56 21.13 17.21
C THR C 275 13.82 20.28 18.44
N HIS C 276 12.77 20.07 19.23
CA HIS C 276 12.86 19.23 20.41
C HIS C 276 12.59 17.79 20.04
N VAL C 277 13.61 16.94 20.15
CA VAL C 277 13.47 15.53 19.82
C VAL C 277 13.31 14.75 21.11
N ASN C 278 12.41 13.78 21.10
CA ASN C 278 11.91 13.13 22.30
C ASN C 278 11.89 11.61 22.09
N VAL C 279 13.06 11.05 21.80
CA VAL C 279 13.20 9.62 21.52
C VAL C 279 12.71 8.77 22.68
N SER C 280 12.02 7.67 22.35
CA SER C 280 11.45 6.81 23.37
C SER C 280 11.36 5.40 22.81
N VAL C 281 12.14 4.48 23.37
CA VAL C 281 12.24 3.11 22.88
C VAL C 281 11.24 2.23 23.63
N VAL C 282 10.42 1.50 22.89
CA VAL C 282 9.47 0.56 23.47
C VAL C 282 9.91 -0.83 23.09
N MET C 283 10.13 -1.69 24.09
CA MET C 283 10.90 -2.90 23.91
C MET C 283 10.04 -4.14 23.69
N PRO D 63 28.70 39.86 -41.64
CA PRO D 63 27.62 38.91 -41.89
C PRO D 63 27.93 37.50 -41.42
N ARG D 64 27.17 37.03 -40.44
CA ARG D 64 27.26 35.68 -39.91
C ARG D 64 25.89 35.01 -40.00
N LEU D 65 25.82 33.78 -39.50
CA LEU D 65 24.63 32.96 -39.65
C LEU D 65 24.46 32.08 -38.43
N SER D 66 23.34 32.22 -37.72
CA SER D 66 23.10 31.44 -36.53
C SER D 66 21.81 30.66 -36.66
N LEU D 67 21.78 29.47 -36.05
CA LEU D 67 20.61 28.60 -36.05
C LEU D 67 20.26 28.28 -34.62
N HIS D 68 19.12 28.77 -34.15
CA HIS D 68 18.75 28.66 -32.75
C HIS D 68 17.88 27.43 -32.51
N ARG D 69 17.70 27.10 -31.26
CA ARG D 69 17.00 25.90 -30.86
C ARG D 69 15.53 26.20 -30.64
N PRO D 70 14.67 25.18 -30.63
CA PRO D 70 13.29 25.40 -30.20
C PRO D 70 13.23 25.84 -28.76
N ALA D 71 12.38 26.82 -28.50
CA ALA D 71 12.17 27.30 -27.14
C ALA D 71 11.57 26.18 -26.31
N LEU D 72 11.81 26.22 -25.01
CA LEU D 72 11.41 25.08 -24.21
C LEU D 72 9.93 25.12 -23.87
N GLU D 73 9.36 26.31 -23.73
CA GLU D 73 7.94 26.45 -23.44
C GLU D 73 7.07 25.85 -24.52
N ASP D 74 7.51 25.92 -25.76
CA ASP D 74 6.80 25.43 -26.93
C ASP D 74 7.14 24.00 -27.30
N LEU D 75 8.37 23.58 -27.09
CA LEU D 75 8.72 22.18 -27.32
C LEU D 75 8.16 21.27 -26.24
N LEU D 76 7.96 21.79 -25.04
CA LEU D 76 7.53 20.95 -23.94
C LEU D 76 6.03 20.95 -23.78
N LEU D 77 5.42 22.13 -23.72
CA LEU D 77 3.97 22.28 -23.62
C LEU D 77 3.46 22.79 -24.95
N GLY D 78 3.27 21.89 -25.89
CA GLY D 78 2.82 22.34 -27.20
C GLY D 78 3.43 21.61 -28.38
N SER D 79 4.56 20.96 -28.15
CA SER D 79 5.23 20.07 -29.08
C SER D 79 5.60 20.74 -30.41
N GLU D 80 5.84 22.04 -30.40
CA GLU D 80 6.30 22.75 -31.59
C GLU D 80 7.80 22.99 -31.52
N ALA D 81 8.49 22.64 -32.60
CA ALA D 81 9.93 22.77 -32.70
C ALA D 81 10.30 23.73 -33.82
N ASN D 82 9.74 24.94 -33.79
CA ASN D 82 10.04 25.95 -34.80
C ASN D 82 11.51 26.37 -34.69
N LEU D 83 12.33 25.99 -35.66
CA LEU D 83 13.74 26.33 -35.67
C LEU D 83 13.96 27.69 -36.33
N THR D 84 14.61 28.59 -35.62
CA THR D 84 14.87 29.94 -36.11
C THR D 84 16.25 30.01 -36.74
N CYS D 85 16.34 30.62 -37.91
CA CYS D 85 17.63 30.85 -38.57
C CYS D 85 17.78 32.35 -38.76
N THR D 86 18.70 32.96 -38.02
CA THR D 86 18.89 34.39 -38.10
C THR D 86 20.16 34.68 -38.87
N LEU D 87 20.13 35.79 -39.60
CA LEU D 87 21.24 36.19 -40.44
C LEU D 87 21.50 37.68 -40.18
N THR D 88 22.56 37.93 -39.41
CA THR D 88 22.88 39.25 -38.88
C THR D 88 24.17 39.73 -39.52
N GLY D 89 24.19 41.00 -39.93
CA GLY D 89 25.37 41.53 -40.57
C GLY D 89 25.06 41.96 -41.97
N LEU D 90 23.86 42.46 -42.16
CA LEU D 90 23.40 42.92 -43.48
C LEU D 90 23.27 44.42 -43.53
N ARG D 91 23.72 44.98 -44.64
CA ARG D 91 23.72 46.42 -44.87
C ARG D 91 22.47 46.88 -45.61
N ASP D 92 22.23 46.34 -46.79
CA ASP D 92 21.18 46.86 -47.66
C ASP D 92 20.23 45.82 -48.18
N ALA D 93 20.70 44.57 -48.34
CA ALA D 93 20.02 43.62 -49.19
C ALA D 93 18.74 43.08 -48.56
N SER D 94 17.67 43.07 -49.35
CA SER D 94 16.48 42.31 -49.05
C SER D 94 16.34 41.11 -49.98
N GLY D 95 17.35 40.85 -50.80
CA GLY D 95 17.33 39.70 -51.68
C GLY D 95 18.04 38.51 -51.07
N VAL D 96 17.69 38.17 -49.83
CA VAL D 96 18.27 37.01 -49.17
C VAL D 96 17.59 35.76 -49.71
N THR D 97 18.18 34.59 -49.45
CA THR D 97 17.57 33.33 -49.85
C THR D 97 17.95 32.28 -48.83
N PHE D 98 16.96 31.56 -48.32
CA PHE D 98 17.20 30.47 -47.38
C PHE D 98 16.88 29.14 -48.04
N THR D 99 17.56 28.09 -47.61
CA THR D 99 17.21 26.74 -48.04
C THR D 99 17.44 25.84 -46.84
N TRP D 100 16.53 24.91 -46.61
CA TRP D 100 16.63 24.01 -45.47
C TRP D 100 16.75 22.59 -45.99
N THR D 101 17.84 21.91 -45.66
CA THR D 101 18.07 20.62 -46.29
C THR D 101 17.17 19.49 -45.80
N PRO D 102 16.77 19.38 -44.49
CA PRO D 102 15.63 18.52 -44.14
C PRO D 102 14.31 19.28 -44.10
N SER D 103 13.99 19.99 -45.18
CA SER D 103 12.66 20.53 -45.40
C SER D 103 11.95 19.57 -46.34
N SER D 104 11.13 18.68 -45.75
CA SER D 104 10.32 17.73 -46.49
C SER D 104 8.95 18.29 -46.83
N GLY D 105 8.86 19.60 -47.04
CA GLY D 105 7.62 20.23 -47.45
C GLY D 105 7.33 21.55 -46.75
N LYS D 106 7.80 21.70 -45.52
CA LYS D 106 7.44 22.89 -44.73
C LYS D 106 8.16 24.12 -45.27
N SER D 107 7.53 25.28 -45.07
CA SER D 107 7.97 26.50 -45.71
C SER D 107 8.44 27.51 -44.67
N ALA D 108 9.62 28.09 -44.93
CA ALA D 108 10.18 29.11 -44.08
C ALA D 108 9.45 30.43 -44.27
N VAL D 109 9.78 31.39 -43.41
CA VAL D 109 9.20 32.73 -43.44
C VAL D 109 10.33 33.76 -43.58
N GLN D 110 9.96 35.03 -43.59
CA GLN D 110 10.88 36.14 -43.80
C GLN D 110 10.34 37.34 -43.03
N GLY D 111 10.60 38.54 -43.52
CA GLY D 111 10.05 39.74 -42.92
C GLY D 111 10.97 40.43 -41.95
N PRO D 112 12.09 40.94 -42.46
CA PRO D 112 13.19 41.36 -41.59
C PRO D 112 12.94 42.70 -40.93
N PRO D 113 13.15 42.79 -39.62
CA PRO D 113 13.29 44.10 -38.97
C PRO D 113 14.70 44.65 -39.08
N GLU D 114 14.99 45.69 -38.31
CA GLU D 114 16.27 46.38 -38.36
C GLU D 114 16.86 46.55 -36.97
N TYR D 121 21.79 44.91 -40.30
CA TYR D 121 20.60 44.44 -39.61
C TYR D 121 20.36 42.96 -39.89
N SER D 122 19.27 42.42 -39.37
CA SER D 122 19.08 40.98 -39.34
C SER D 122 17.94 40.57 -40.26
N VAL D 123 17.94 39.29 -40.63
CA VAL D 123 16.88 38.65 -41.41
C VAL D 123 16.60 37.32 -40.76
N SER D 124 15.36 37.08 -40.37
CA SER D 124 15.01 35.83 -39.71
C SER D 124 14.29 34.89 -40.67
N SER D 125 14.35 33.60 -40.37
CA SER D 125 13.64 32.61 -41.17
C SER D 125 13.30 31.42 -40.31
N VAL D 126 12.01 31.18 -40.06
CA VAL D 126 11.55 30.15 -39.14
C VAL D 126 11.02 28.97 -39.92
N LEU D 127 11.64 27.82 -39.75
CA LEU D 127 11.15 26.56 -40.31
C LEU D 127 10.22 25.89 -39.31
N PRO D 128 8.96 25.65 -39.65
CA PRO D 128 8.05 25.03 -38.69
C PRO D 128 8.33 23.57 -38.43
N GLY D 129 7.52 22.94 -37.60
CA GLY D 129 7.73 21.53 -37.33
C GLY D 129 7.15 21.16 -35.99
N CYS D 130 7.06 19.86 -35.77
CA CYS D 130 6.63 19.31 -34.50
C CYS D 130 7.81 18.62 -33.83
N ALA D 131 7.61 18.25 -32.58
CA ALA D 131 8.72 17.83 -31.74
C ALA D 131 9.23 16.44 -32.04
N GLU D 132 8.51 15.65 -32.80
CA GLU D 132 8.90 14.26 -33.04
C GLU D 132 10.12 14.11 -33.95
N PRO D 133 10.38 14.95 -34.96
CA PRO D 133 11.73 14.92 -35.55
C PRO D 133 12.82 15.45 -34.65
N TRP D 134 12.55 16.50 -33.86
CA TRP D 134 13.60 17.09 -33.04
C TRP D 134 13.95 16.19 -31.87
N ASN D 135 12.95 15.57 -31.23
CA ASN D 135 13.25 14.68 -30.11
C ASN D 135 13.94 13.40 -30.56
N HIS D 136 13.64 12.94 -31.77
CA HIS D 136 14.37 11.82 -32.34
C HIS D 136 15.78 12.19 -32.73
N GLY D 137 16.06 13.48 -32.87
CA GLY D 137 17.40 13.94 -33.17
C GLY D 137 17.60 13.91 -34.66
N LYS D 138 17.74 15.08 -35.27
CA LYS D 138 18.02 15.15 -36.70
C LYS D 138 18.86 16.38 -36.94
N THR D 139 19.65 16.35 -38.00
CA THR D 139 20.59 17.44 -38.28
C THR D 139 19.95 18.42 -39.24
N PHE D 140 19.45 19.53 -38.73
CA PHE D 140 18.80 20.55 -39.54
C PHE D 140 19.82 21.57 -39.96
N THR D 141 19.95 21.82 -41.26
CA THR D 141 20.94 22.76 -41.77
C THR D 141 20.26 23.92 -42.50
N CYS D 142 20.67 25.13 -42.19
CA CYS D 142 20.10 26.34 -42.77
C CYS D 142 21.10 26.94 -43.75
N THR D 143 21.07 26.48 -44.99
CA THR D 143 21.99 26.99 -46.00
C THR D 143 21.44 28.33 -46.49
N ALA D 144 22.11 29.41 -46.14
CA ALA D 144 21.64 30.74 -46.51
C ALA D 144 22.58 31.35 -47.52
N ALA D 145 22.03 32.14 -48.43
CA ALA D 145 22.80 32.82 -49.47
C ALA D 145 22.33 34.25 -49.61
N TYR D 146 23.29 35.16 -49.82
CA TYR D 146 23.05 36.59 -49.89
C TYR D 146 23.82 37.18 -51.07
N PRO D 147 23.41 38.36 -51.56
CA PRO D 147 24.18 39.00 -52.64
C PRO D 147 25.36 39.88 -52.21
N GLU D 148 26.02 39.57 -51.10
CA GLU D 148 27.23 40.30 -50.76
C GLU D 148 28.49 39.48 -51.04
N SER D 149 28.48 38.19 -50.72
CA SER D 149 29.58 37.29 -50.99
C SER D 149 29.00 35.98 -51.48
N LYS D 150 29.45 35.52 -52.65
CA LYS D 150 28.71 34.49 -53.36
C LYS D 150 28.83 33.10 -52.74
N THR D 151 29.74 32.91 -51.80
CA THR D 151 29.71 31.64 -51.11
C THR D 151 28.55 31.63 -50.10
N PRO D 152 27.91 30.49 -49.89
CA PRO D 152 26.79 30.45 -48.94
C PRO D 152 27.28 30.12 -47.55
N LEU D 153 26.57 30.65 -46.56
CA LEU D 153 26.85 30.23 -45.20
C LEU D 153 26.01 29.02 -44.86
N THR D 154 26.56 28.16 -44.03
CA THR D 154 25.83 27.01 -43.53
C THR D 154 25.79 27.11 -42.02
N ALA D 155 24.80 26.44 -41.44
CA ALA D 155 24.72 26.26 -40.01
C ALA D 155 23.94 24.99 -39.77
N THR D 156 24.23 24.31 -38.68
CA THR D 156 23.65 23.01 -38.40
C THR D 156 23.21 23.01 -36.95
N LEU D 157 22.09 22.36 -36.66
CA LEU D 157 21.73 22.09 -35.29
C LEU D 157 21.18 20.68 -35.17
N SER D 158 21.21 20.17 -33.95
CA SER D 158 20.52 18.94 -33.59
C SER D 158 20.18 19.02 -32.11
N LYS D 159 19.51 17.99 -31.61
CA LYS D 159 19.30 17.90 -30.18
C LYS D 159 20.61 17.53 -29.51
N SER D 160 20.93 18.24 -28.43
CA SER D 160 22.20 18.04 -27.76
C SER D 160 22.18 16.76 -26.95
N GLY D 161 23.17 15.91 -27.15
CA GLY D 161 23.41 14.80 -26.26
C GLY D 161 24.19 15.26 -25.05
N ASN D 162 24.54 14.28 -24.20
CA ASN D 162 25.19 14.50 -22.91
C ASN D 162 24.37 15.44 -22.03
N THR D 163 23.22 14.94 -21.62
CA THR D 163 22.25 15.68 -20.83
C THR D 163 22.19 15.12 -19.41
N PHE D 164 21.99 16.01 -18.45
CA PHE D 164 21.81 15.65 -17.06
C PHE D 164 20.49 16.21 -16.57
N ARG D 165 19.93 15.60 -15.65
CA ARG D 165 18.61 16.08 -15.27
C ARG D 165 18.70 17.01 -14.08
N PRO D 166 17.76 17.92 -13.88
CA PRO D 166 17.86 18.83 -12.74
C PRO D 166 17.62 18.11 -11.43
N GLU D 167 18.13 18.71 -10.37
CA GLU D 167 17.88 18.28 -9.01
C GLU D 167 17.09 19.39 -8.37
N VAL D 168 15.76 19.28 -8.40
CA VAL D 168 14.88 20.31 -7.89
C VAL D 168 14.82 20.23 -6.38
N HIS D 169 14.98 21.36 -5.73
CA HIS D 169 14.92 21.49 -4.28
C HIS D 169 14.00 22.65 -3.98
N LEU D 170 13.08 22.45 -3.06
CA LEU D 170 12.11 23.48 -2.70
C LEU D 170 12.33 23.83 -1.24
N LEU D 171 12.76 25.03 -0.98
CA LEU D 171 13.22 25.51 0.31
C LEU D 171 12.16 26.33 0.99
N PRO D 172 11.92 26.06 2.28
CA PRO D 172 10.88 26.72 3.05
C PRO D 172 11.22 28.17 3.35
N PRO D 173 10.32 28.92 4.00
CA PRO D 173 10.68 30.28 4.40
C PRO D 173 11.73 30.29 5.49
N PRO D 174 12.56 31.32 5.55
CA PRO D 174 13.42 31.51 6.72
C PRO D 174 12.61 31.98 7.90
N SER D 175 13.09 31.67 9.10
CA SER D 175 12.31 31.91 10.31
C SER D 175 12.23 33.39 10.65
N GLU D 176 13.13 34.20 10.10
CA GLU D 176 13.05 35.65 10.23
C GLU D 176 11.75 36.18 9.62
N GLU D 177 11.45 35.72 8.40
CA GLU D 177 10.27 36.19 7.70
C GLU D 177 8.98 35.66 8.31
N LEU D 178 9.00 34.44 8.83
CA LEU D 178 7.80 33.94 9.50
C LEU D 178 7.55 34.65 10.81
N ALA D 179 8.60 35.06 11.53
CA ALA D 179 8.36 35.83 12.74
C ALA D 179 7.98 37.28 12.44
N LEU D 180 8.36 37.82 11.29
CA LEU D 180 7.87 39.15 10.92
C LEU D 180 6.39 39.15 10.58
N ASN D 181 5.86 38.00 10.17
CA ASN D 181 4.42 37.70 10.07
C ASN D 181 3.71 38.41 8.90
N GLU D 182 4.41 38.79 7.84
CA GLU D 182 3.80 39.55 6.75
C GLU D 182 3.72 38.79 5.43
N LEU D 183 4.87 38.47 4.83
CA LEU D 183 4.92 37.72 3.59
C LEU D 183 6.16 36.85 3.63
N VAL D 184 6.03 35.62 3.22
CA VAL D 184 7.11 34.65 3.32
C VAL D 184 7.56 34.25 1.91
N THR D 185 8.78 33.72 1.82
CA THR D 185 9.45 33.53 0.54
C THR D 185 9.80 32.07 0.36
N LEU D 186 9.21 31.42 -0.61
CA LEU D 186 9.52 30.05 -0.96
C LEU D 186 10.51 30.06 -2.12
N THR D 187 11.57 29.27 -2.01
CA THR D 187 12.62 29.28 -3.02
C THR D 187 12.67 27.93 -3.73
N CYS D 188 12.85 27.96 -5.04
CA CYS D 188 13.00 26.75 -5.81
C CYS D 188 14.34 26.81 -6.49
N LEU D 189 15.22 25.89 -6.13
CA LEU D 189 16.56 25.80 -6.73
C LEU D 189 16.58 24.58 -7.61
N ALA D 190 16.92 24.74 -8.86
CA ALA D 190 17.13 23.61 -9.74
C ALA D 190 18.59 23.60 -10.14
N ARG D 191 19.20 22.43 -10.12
CA ARG D 191 20.65 22.36 -10.12
C ARG D 191 21.15 21.18 -10.92
N GLY D 192 22.23 21.38 -11.63
CA GLY D 192 22.99 20.27 -12.17
C GLY D 192 22.51 19.72 -13.49
N PHE D 193 21.90 20.54 -14.34
CA PHE D 193 21.31 20.05 -15.57
C PHE D 193 22.12 20.52 -16.77
N SER D 194 22.19 19.71 -17.82
CA SER D 194 23.22 20.02 -18.80
C SER D 194 22.86 21.01 -19.89
N PRO D 195 21.70 20.99 -20.54
CA PRO D 195 21.38 22.12 -21.41
C PRO D 195 20.84 23.30 -20.62
N LYS D 196 21.07 24.49 -21.16
CA LYS D 196 20.77 25.75 -20.50
C LYS D 196 19.28 26.01 -20.34
N ASP D 197 18.40 25.18 -20.86
CA ASP D 197 16.99 25.50 -20.98
C ASP D 197 16.18 24.78 -19.92
N VAL D 198 15.37 25.54 -19.18
CA VAL D 198 14.56 24.98 -18.11
C VAL D 198 13.29 25.81 -17.98
N LEU D 199 12.22 25.19 -17.47
CA LEU D 199 10.94 25.86 -17.21
C LEU D 199 10.61 25.74 -15.74
N VAL D 200 10.32 26.85 -15.09
CA VAL D 200 9.94 26.81 -13.69
C VAL D 200 8.57 27.43 -13.57
N ARG D 201 7.58 26.63 -13.23
CA ARG D 201 6.21 27.04 -13.01
C ARG D 201 5.94 26.90 -11.53
N TRP D 202 4.95 27.62 -11.03
CA TRP D 202 4.60 27.51 -9.64
C TRP D 202 3.12 27.26 -9.53
N LEU D 203 2.73 26.54 -8.50
CA LEU D 203 1.33 26.21 -8.30
C LEU D 203 0.96 26.44 -6.85
N GLN D 204 -0.27 26.85 -6.59
CA GLN D 204 -0.78 26.93 -5.24
C GLN D 204 -1.98 26.02 -5.14
N GLY D 205 -1.97 25.12 -4.16
CA GLY D 205 -2.97 24.08 -4.16
C GLY D 205 -2.67 23.18 -5.32
N SER D 206 -3.49 23.25 -6.36
CA SER D 206 -3.14 22.71 -7.65
C SER D 206 -3.43 23.70 -8.76
N GLN D 207 -3.76 24.94 -8.43
CA GLN D 207 -4.04 25.97 -9.41
C GLN D 207 -2.74 26.69 -9.73
N GLU D 208 -2.34 26.63 -11.00
CA GLU D 208 -1.10 27.24 -11.44
C GLU D 208 -1.16 28.75 -11.28
N LEU D 209 -0.12 29.32 -10.68
CA LEU D 209 -0.10 30.75 -10.48
C LEU D 209 0.22 31.44 -11.80
N PRO D 210 -0.20 32.70 -11.95
CA PRO D 210 0.21 33.47 -13.12
C PRO D 210 1.66 33.90 -13.04
N ARG D 211 2.32 33.93 -14.19
CA ARG D 211 3.76 34.11 -14.20
C ARG D 211 4.23 35.50 -13.86
N GLU D 212 3.33 36.45 -13.63
CA GLU D 212 3.71 37.75 -13.13
C GLU D 212 3.63 37.83 -11.62
N LYS D 213 3.49 36.68 -10.95
CA LYS D 213 3.45 36.64 -9.50
C LYS D 213 4.73 36.08 -8.89
N TYR D 214 5.68 35.63 -9.69
CA TYR D 214 6.91 35.11 -9.16
C TYR D 214 8.08 35.59 -10.01
N LEU D 215 9.24 35.69 -9.38
CA LEU D 215 10.49 35.99 -10.05
C LEU D 215 11.20 34.69 -10.39
N THR D 216 11.75 34.62 -11.59
CA THR D 216 12.58 33.49 -11.99
C THR D 216 13.83 34.04 -12.64
N TRP D 217 14.98 33.62 -12.16
CA TRP D 217 16.24 34.11 -12.69
C TRP D 217 16.63 33.31 -13.92
N ALA D 218 17.75 33.68 -14.53
CA ALA D 218 18.21 32.99 -15.71
C ALA D 218 18.93 31.70 -15.31
N SER D 219 19.31 30.93 -16.30
CA SER D 219 19.98 29.67 -16.07
C SER D 219 21.46 29.91 -16.30
N ARG D 220 22.22 30.09 -15.21
CA ARG D 220 23.64 30.32 -15.29
C ARG D 220 24.38 29.03 -15.09
N GLN D 221 25.69 29.07 -15.29
CA GLN D 221 26.55 27.89 -15.21
C GLN D 221 27.27 27.87 -13.87
N GLU D 222 27.11 26.79 -13.14
CA GLU D 222 27.64 26.73 -11.79
C GLU D 222 29.09 26.26 -11.81
N PRO D 223 29.92 26.72 -10.85
CA PRO D 223 31.36 26.46 -10.93
C PRO D 223 31.71 25.03 -10.56
N SER D 224 32.37 24.34 -11.48
CA SER D 224 33.06 23.09 -11.25
C SER D 224 34.09 22.94 -12.36
N GLN D 225 35.12 22.16 -12.10
CA GLN D 225 36.16 21.88 -13.07
C GLN D 225 35.91 20.60 -13.84
N GLY D 226 34.77 19.94 -13.62
CA GLY D 226 34.46 18.72 -14.31
C GLY D 226 33.46 18.93 -15.42
N THR D 227 32.26 18.39 -15.27
CA THR D 227 31.22 18.54 -16.26
C THR D 227 30.62 19.95 -16.22
N THR D 228 29.99 20.33 -17.32
CA THR D 228 29.36 21.65 -17.44
C THR D 228 27.89 21.51 -17.13
N THR D 229 27.50 21.90 -15.93
CA THR D 229 26.12 21.87 -15.48
C THR D 229 25.68 23.25 -15.07
N PHE D 230 24.37 23.47 -15.04
CA PHE D 230 23.75 24.80 -14.90
C PHE D 230 22.88 24.84 -13.65
N ALA D 231 22.29 26.00 -13.35
CA ALA D 231 21.44 26.13 -12.17
C ALA D 231 20.55 27.36 -12.30
N VAL D 232 19.34 27.28 -11.71
CA VAL D 232 18.36 28.38 -11.76
C VAL D 232 17.61 28.45 -10.44
N THR D 233 17.20 29.65 -10.04
CA THR D 233 16.40 29.83 -8.84
C THR D 233 15.09 30.52 -9.17
N SER D 234 14.16 30.45 -8.24
CA SER D 234 12.84 31.02 -8.43
C SER D 234 12.25 31.35 -7.08
N ILE D 235 11.54 32.46 -7.00
CA ILE D 235 11.11 33.02 -5.73
C ILE D 235 9.62 33.27 -5.79
N LEU D 236 8.88 32.77 -4.82
CA LEU D 236 7.46 33.09 -4.72
C LEU D 236 7.21 33.65 -3.33
N ARG D 237 6.69 34.86 -3.25
CA ARG D 237 6.34 35.46 -1.97
C ARG D 237 4.85 35.32 -1.75
N VAL D 238 4.47 34.58 -0.72
CA VAL D 238 3.07 34.31 -0.43
C VAL D 238 2.74 34.93 0.91
N ALA D 239 1.45 34.93 1.23
CA ALA D 239 1.00 35.55 2.46
C ALA D 239 1.39 34.70 3.66
N ALA D 240 1.72 35.37 4.77
CA ALA D 240 2.19 34.66 5.93
C ALA D 240 1.08 33.86 6.58
N GLU D 241 -0.16 34.37 6.55
CA GLU D 241 -1.26 33.59 7.07
C GLU D 241 -1.64 32.47 6.12
N ASP D 242 -1.26 32.60 4.84
CA ASP D 242 -1.51 31.55 3.89
C ASP D 242 -0.56 30.39 4.09
N TRP D 243 0.71 30.68 4.37
CA TRP D 243 1.65 29.63 4.72
C TRP D 243 1.29 29.01 6.05
N LYS D 244 1.10 29.86 7.08
CA LYS D 244 0.85 29.43 8.44
C LYS D 244 -0.44 28.66 8.59
N LYS D 245 -1.44 28.92 7.75
CA LYS D 245 -2.63 28.09 7.74
C LYS D 245 -2.30 26.66 7.33
N GLY D 246 -1.59 26.51 6.21
CA GLY D 246 -1.10 25.19 5.86
C GLY D 246 -1.49 24.63 4.52
N ASP D 247 -1.60 25.45 3.48
CA ASP D 247 -1.85 24.88 2.18
C ASP D 247 -0.55 24.77 1.39
N THR D 248 -0.60 23.96 0.35
CA THR D 248 0.61 23.47 -0.29
C THR D 248 0.95 24.33 -1.49
N PHE D 249 2.25 24.49 -1.71
CA PHE D 249 2.79 25.23 -2.84
C PHE D 249 3.76 24.33 -3.58
N SER D 250 3.68 24.33 -4.89
CA SER D 250 4.49 23.45 -5.72
C SER D 250 5.38 24.26 -6.61
N CYS D 251 6.56 23.73 -6.87
CA CYS D 251 7.45 24.24 -7.89
C CYS D 251 7.62 23.14 -8.91
N MET D 252 7.31 23.44 -10.15
CA MET D 252 7.35 22.47 -11.21
C MET D 252 8.44 22.85 -12.19
N VAL D 253 9.39 21.96 -12.39
CA VAL D 253 10.56 22.26 -13.20
C VAL D 253 10.56 21.29 -14.36
N GLY D 254 10.54 21.81 -15.57
CA GLY D 254 10.54 20.99 -16.76
C GLY D 254 11.85 21.13 -17.50
N HIS D 255 12.39 20.01 -17.94
CA HIS D 255 13.68 20.02 -18.60
C HIS D 255 13.76 18.80 -19.50
N GLU D 256 14.36 18.97 -20.67
CA GLU D 256 14.35 17.97 -21.72
C GLU D 256 15.14 16.70 -21.40
N ALA D 257 15.85 16.65 -20.27
CA ALA D 257 16.55 15.45 -19.84
C ALA D 257 15.80 14.65 -18.80
N LEU D 258 14.71 15.18 -18.28
CA LEU D 258 13.90 14.45 -17.33
C LEU D 258 13.12 13.36 -18.06
N PRO D 259 12.82 12.22 -17.38
CA PRO D 259 12.19 11.10 -18.10
C PRO D 259 10.78 11.41 -18.57
N LEU D 260 9.95 11.95 -17.69
CA LEU D 260 8.60 12.36 -18.03
C LEU D 260 8.51 13.83 -18.37
N ALA D 261 9.67 14.48 -18.53
CA ALA D 261 9.95 15.87 -18.89
C ALA D 261 9.51 16.90 -17.85
N PHE D 262 9.05 16.49 -16.67
CA PHE D 262 8.61 17.44 -15.65
C PHE D 262 8.85 16.80 -14.30
N THR D 263 9.34 17.57 -13.32
CA THR D 263 9.46 17.19 -11.91
C THR D 263 8.68 18.20 -11.12
N GLN D 264 8.22 17.83 -9.93
CA GLN D 264 7.29 18.68 -9.24
C GLN D 264 7.43 18.50 -7.74
N LYS D 265 8.01 19.46 -7.04
CA LYS D 265 8.10 19.37 -5.60
C LYS D 265 6.98 20.16 -4.96
N THR D 266 6.53 19.74 -3.80
CA THR D 266 5.38 20.33 -3.12
C THR D 266 5.72 20.47 -1.65
N ILE D 267 5.51 21.65 -1.08
CA ILE D 267 5.82 21.86 0.32
C ILE D 267 4.68 22.61 0.98
N ASP D 268 4.44 22.30 2.25
CA ASP D 268 3.58 23.12 3.09
C ASP D 268 4.20 23.19 4.46
N ARG D 269 3.42 23.61 5.46
CA ARG D 269 4.00 23.82 6.77
C ARG D 269 4.27 22.51 7.49
N LEU D 270 3.54 21.46 7.14
CA LEU D 270 3.74 20.16 7.77
C LEU D 270 4.94 19.45 7.20
N ALA D 271 5.16 19.58 5.90
CA ALA D 271 6.27 18.91 5.24
C ALA D 271 7.50 19.80 5.21
N GLY D 272 7.89 20.32 6.36
CA GLY D 272 9.18 20.95 6.47
C GLY D 272 9.41 21.58 7.83
N LYS D 273 10.50 21.20 8.48
CA LYS D 273 11.04 21.80 9.71
C LYS D 273 10.04 21.92 10.85
N PRO D 274 9.79 20.86 11.63
CA PRO D 274 8.88 20.97 12.76
C PRO D 274 9.49 21.79 13.87
N THR D 275 8.73 21.92 14.95
CA THR D 275 9.30 22.50 16.15
C THR D 275 9.22 21.55 17.32
N HIS D 276 8.65 20.37 17.14
CA HIS D 276 8.64 19.32 18.14
C HIS D 276 8.63 18.00 17.39
N VAL D 277 9.59 17.12 17.66
CA VAL D 277 9.61 15.78 17.08
C VAL D 277 9.44 14.79 18.21
N ASN D 278 8.66 13.75 17.98
CA ASN D 278 8.50 12.64 18.92
C ASN D 278 8.86 11.36 18.19
N VAL D 279 10.07 10.87 18.39
CA VAL D 279 10.47 9.62 17.76
C VAL D 279 10.04 8.48 18.66
N SER D 280 9.50 7.42 18.08
CA SER D 280 8.98 6.28 18.83
C SER D 280 9.51 5.01 18.22
N VAL D 281 10.59 4.48 18.78
CA VAL D 281 11.23 3.27 18.26
C VAL D 281 10.63 2.06 18.94
N VAL D 282 10.04 1.17 18.16
CA VAL D 282 9.33 0.02 18.70
C VAL D 282 10.15 -1.20 18.35
N MET D 283 10.87 -1.74 19.33
CA MET D 283 11.66 -2.93 19.13
C MET D 283 10.74 -4.12 19.29
N ALA D 284 10.74 -5.03 18.32
CA ALA D 284 10.00 -6.26 18.52
C ALA D 284 10.61 -7.37 17.70
N GLU D 285 10.81 -8.52 18.36
CA GLU D 285 11.48 -9.67 17.75
C GLU D 285 10.61 -10.31 16.67
N VAL D 286 9.43 -10.79 17.03
CA VAL D 286 8.56 -11.43 16.05
C VAL D 286 7.91 -10.28 15.26
N ASP D 287 8.63 -9.88 14.21
CA ASP D 287 8.26 -8.78 13.33
C ASP D 287 8.70 -9.18 11.95
N GLY D 288 8.93 -8.19 11.11
CA GLY D 288 9.30 -8.49 9.77
C GLY D 288 8.05 -8.71 8.97
N THR D 289 6.98 -7.98 9.24
CA THR D 289 5.92 -7.88 8.25
C THR D 289 5.34 -6.50 8.05
N CYS D 290 5.38 -5.61 9.04
CA CYS D 290 4.83 -4.25 8.94
C CYS D 290 3.34 -4.27 8.53
N TYR D 291 2.52 -4.63 9.51
CA TYR D 291 1.08 -4.73 9.32
C TYR D 291 0.49 -3.36 9.04
N GLU E 26 -6.90 13.75 13.70
CA GLU E 26 -6.51 15.15 13.77
C GLU E 26 -5.08 15.33 13.29
N ARG E 27 -4.37 14.21 13.14
CA ARG E 27 -2.98 14.16 12.71
C ARG E 27 -2.93 13.56 11.32
N ILE E 28 -2.50 14.34 10.33
CA ILE E 28 -2.46 13.83 8.98
C ILE E 28 -1.23 12.93 8.82
N VAL E 29 -1.26 12.08 7.80
CA VAL E 29 -0.21 11.10 7.61
C VAL E 29 0.65 11.52 6.42
N LEU E 30 1.92 11.76 6.68
CA LEU E 30 2.85 12.13 5.62
C LEU E 30 3.40 10.91 4.92
N VAL E 31 3.99 9.98 5.69
CA VAL E 31 4.64 8.78 5.17
C VAL E 31 3.95 7.57 5.81
N ASP E 32 3.87 6.49 5.04
CA ASP E 32 3.51 5.17 5.55
C ASP E 32 4.37 4.11 4.89
N ASN E 33 5.69 4.24 5.04
CA ASN E 33 6.63 3.33 4.39
C ASN E 33 6.48 1.91 4.93
N LYS E 34 6.48 0.92 4.03
CA LYS E 34 6.32 -0.48 4.39
C LYS E 34 7.56 -1.31 4.11
N CYS E 35 8.58 -0.72 3.51
CA CYS E 35 9.86 -1.37 3.29
C CYS E 35 10.79 -1.18 4.47
N LYS E 36 10.65 -0.08 5.20
CA LYS E 36 11.38 0.12 6.44
C LYS E 36 10.49 0.33 7.64
N CYS E 37 9.17 0.32 7.45
CA CYS E 37 8.15 0.34 8.49
C CYS E 37 8.24 1.59 9.36
N ALA E 38 8.17 2.74 8.69
CA ALA E 38 8.20 4.04 9.33
C ALA E 38 6.94 4.81 8.96
N ARG E 39 6.36 5.52 9.92
CA ARG E 39 5.05 6.11 9.76
C ARG E 39 4.99 7.52 10.32
N ILE E 40 5.73 8.44 9.71
CA ILE E 40 5.65 9.86 10.05
C ILE E 40 4.23 10.40 9.89
N THR E 41 3.70 11.01 10.94
CA THR E 41 2.47 11.82 10.91
C THR E 41 2.80 13.23 11.35
N SER E 42 1.82 14.13 11.31
CA SER E 42 2.07 15.54 11.62
C SER E 42 0.77 16.26 11.93
N ARG E 43 0.88 17.35 12.70
CA ARG E 43 -0.29 18.11 13.13
C ARG E 43 0.14 19.47 13.64
N ILE E 44 -0.45 20.53 13.09
CA ILE E 44 -0.21 21.89 13.58
C ILE E 44 -1.16 22.16 14.72
N ILE E 45 -0.61 22.48 15.89
CA ILE E 45 -1.42 22.80 17.06
C ILE E 45 -1.38 24.32 17.19
N ARG E 46 -2.24 24.97 16.42
CA ARG E 46 -2.07 26.38 16.12
C ARG E 46 -2.69 27.22 17.22
N SER E 47 -1.83 27.79 18.06
CA SER E 47 -2.28 28.59 19.20
C SER E 47 -2.86 29.88 18.65
N SER E 48 -4.18 30.02 18.79
CA SER E 48 -4.85 31.26 18.47
C SER E 48 -4.65 32.31 19.55
N GLU E 49 -4.13 31.93 20.71
CA GLU E 49 -3.91 32.87 21.80
C GLU E 49 -2.80 33.85 21.46
N ASP E 50 -1.61 33.34 21.20
CA ASP E 50 -0.41 34.09 20.91
C ASP E 50 0.08 33.80 19.50
N PRO E 51 0.47 34.84 18.72
CA PRO E 51 0.37 34.77 17.26
C PRO E 51 1.34 33.85 16.54
N ASN E 52 2.62 33.86 16.90
CA ASN E 52 3.62 33.05 16.25
C ASN E 52 4.31 32.12 17.22
N GLU E 53 3.56 31.54 18.17
CA GLU E 53 4.06 30.42 18.95
C GLU E 53 3.16 29.24 18.64
N ASP E 54 3.34 28.67 17.46
CA ASP E 54 2.58 27.51 17.06
C ASP E 54 3.48 26.29 17.21
N ILE E 55 2.86 25.12 17.23
CA ILE E 55 3.54 23.89 17.52
C ILE E 55 3.24 22.95 16.36
N VAL E 56 4.19 22.75 15.50
CA VAL E 56 4.10 21.72 14.48
C VAL E 56 4.66 20.45 15.11
N GLU E 57 4.03 19.31 14.88
CA GLU E 57 4.48 18.07 15.46
C GLU E 57 4.91 17.12 14.37
N ARG E 58 5.80 16.21 14.72
CA ARG E 58 6.39 15.27 13.79
C ARG E 58 6.50 13.90 14.45
N ASN E 59 5.39 13.30 14.84
CA ASN E 59 5.44 11.94 15.36
C ASN E 59 5.99 10.97 14.32
N ILE E 60 7.03 10.22 14.70
CA ILE E 60 7.66 9.19 13.88
C ILE E 60 7.55 7.88 14.65
N ARG E 61 7.31 6.77 13.95
CA ARG E 61 7.00 5.48 14.60
C ARG E 61 7.75 4.33 13.93
N ILE E 62 9.07 4.38 14.01
CA ILE E 62 9.94 3.28 13.58
C ILE E 62 9.60 1.98 14.30
N ILE E 63 9.53 0.89 13.54
CA ILE E 63 9.45 -0.47 14.07
C ILE E 63 10.69 -1.21 13.61
N VAL E 64 11.45 -1.76 14.54
CA VAL E 64 12.74 -2.37 14.25
C VAL E 64 12.56 -3.88 14.28
N PRO E 65 12.80 -4.58 13.17
CA PRO E 65 12.36 -5.96 13.07
C PRO E 65 13.12 -6.96 13.92
N LEU E 66 14.41 -6.75 14.17
CA LEU E 66 15.20 -7.39 15.22
C LEU E 66 15.43 -8.89 15.02
N ASN E 67 14.85 -9.49 13.99
CA ASN E 67 15.00 -10.93 13.74
C ASN E 67 15.25 -11.20 12.27
N ASN E 68 15.39 -10.17 11.45
CA ASN E 68 15.43 -10.31 10.01
C ASN E 68 16.87 -10.32 9.52
N ARG E 69 17.05 -10.86 8.33
CA ARG E 69 18.35 -10.95 7.70
C ARG E 69 18.73 -9.61 7.09
N GLU E 70 19.87 -9.59 6.42
CA GLU E 70 20.32 -8.38 5.76
C GLU E 70 19.75 -8.26 4.34
N ASN E 71 20.05 -9.22 3.47
CA ASN E 71 19.25 -9.43 2.29
C ASN E 71 18.04 -10.20 2.74
N ILE E 72 16.88 -9.54 2.76
CA ILE E 72 15.73 -10.13 3.40
C ILE E 72 15.09 -11.18 2.53
N SER E 73 15.37 -11.18 1.23
CA SER E 73 14.86 -12.17 0.29
C SER E 73 15.82 -13.34 0.09
N ASP E 74 16.81 -13.47 0.94
CA ASP E 74 17.84 -14.49 0.89
C ASP E 74 18.18 -14.93 2.29
N PRO E 75 17.69 -16.07 2.73
CA PRO E 75 17.93 -16.53 4.10
C PRO E 75 19.24 -17.30 4.25
N THR E 76 20.34 -16.65 3.96
CA THR E 76 21.66 -17.12 4.33
C THR E 76 22.48 -15.98 4.91
N SER E 77 22.02 -14.75 4.76
CA SER E 77 22.72 -13.56 5.17
C SER E 77 22.76 -13.47 6.69
N PRO E 78 23.66 -12.66 7.25
CA PRO E 78 23.67 -12.47 8.70
C PRO E 78 22.45 -11.71 9.20
N LEU E 79 22.32 -11.62 10.51
CA LEU E 79 21.27 -10.81 11.08
C LEU E 79 21.59 -9.35 10.89
N ARG E 80 20.54 -8.56 10.64
CA ARG E 80 20.68 -7.12 10.52
C ARG E 80 20.86 -6.53 11.90
N THR E 81 21.99 -5.88 12.12
CA THR E 81 22.28 -5.27 13.39
C THR E 81 22.43 -3.77 13.33
N ARG E 82 22.50 -3.16 12.15
CA ARG E 82 22.53 -1.73 12.00
C ARG E 82 21.35 -1.29 11.15
N PHE E 83 20.52 -0.40 11.70
CA PHE E 83 19.33 0.08 11.03
C PHE E 83 19.49 1.58 10.85
N VAL E 84 19.58 2.05 9.62
CA VAL E 84 19.81 3.46 9.33
C VAL E 84 18.58 4.01 8.64
N TYR E 85 17.97 5.03 9.21
CA TYR E 85 16.75 5.63 8.69
C TYR E 85 16.99 7.08 8.36
N HIS E 86 17.16 7.39 7.07
CA HIS E 86 17.22 8.77 6.61
C HIS E 86 15.82 9.21 6.26
N LEU E 87 15.41 10.36 6.78
CA LEU E 87 14.05 10.84 6.54
C LEU E 87 13.82 11.26 5.09
N SER E 88 14.87 11.68 4.40
CA SER E 88 14.72 11.99 2.98
C SER E 88 14.47 10.75 2.14
N ASP E 89 14.78 9.57 2.63
CA ASP E 89 14.56 8.34 1.90
C ASP E 89 13.32 7.59 2.36
N LEU E 90 12.78 7.91 3.51
CA LEU E 90 11.47 7.38 3.87
C LEU E 90 10.38 8.13 3.13
N CYS E 91 10.46 9.46 3.11
CA CYS E 91 9.38 10.33 2.67
C CYS E 91 9.21 10.39 1.17
N LYS E 92 10.07 9.75 0.38
CA LYS E 92 10.08 9.99 -1.06
C LYS E 92 8.84 9.42 -1.74
N LYS E 93 8.53 9.98 -2.90
CA LYS E 93 7.33 9.64 -3.67
C LYS E 93 7.77 9.15 -5.02
N CYS E 94 7.80 7.83 -5.21
CA CYS E 94 8.22 7.23 -6.46
C CYS E 94 7.08 7.05 -7.44
N ASP E 95 6.02 7.83 -7.31
CA ASP E 95 4.82 7.72 -8.13
C ASP E 95 4.58 8.99 -8.92
N PRO E 96 4.37 8.88 -10.23
CA PRO E 96 4.15 10.09 -11.04
C PRO E 96 2.79 10.71 -10.75
N THR E 97 2.68 11.98 -11.09
CA THR E 97 1.47 12.72 -10.79
C THR E 97 0.99 13.42 -12.05
N GLU E 98 -0.21 13.98 -12.00
CA GLU E 98 -0.79 14.74 -13.10
C GLU E 98 -1.01 16.17 -12.64
N VAL E 99 -0.55 17.12 -13.46
CA VAL E 99 -0.56 18.54 -13.11
C VAL E 99 -1.28 19.29 -14.23
N GLU E 100 -2.16 20.21 -13.86
CA GLU E 100 -2.82 21.04 -14.88
C GLU E 100 -2.02 22.30 -15.12
N LEU E 101 -1.30 22.33 -16.23
CA LEU E 101 -0.52 23.50 -16.63
C LEU E 101 -1.27 24.19 -17.76
N ASP E 102 -2.11 25.15 -17.37
CA ASP E 102 -2.73 26.27 -18.09
C ASP E 102 -3.74 25.90 -19.18
N ASN E 103 -3.63 24.71 -19.75
CA ASN E 103 -4.73 24.12 -20.49
C ASN E 103 -4.67 22.63 -20.26
N GLN E 104 -3.48 22.15 -19.96
CA GLN E 104 -3.16 20.76 -20.23
C GLN E 104 -3.01 20.00 -18.94
N ILE E 105 -3.00 18.69 -19.08
CA ILE E 105 -2.62 17.77 -18.01
C ILE E 105 -1.30 17.15 -18.42
N VAL E 106 -0.25 17.47 -17.67
CA VAL E 106 1.08 16.93 -17.90
C VAL E 106 1.38 15.95 -16.77
N THR E 107 2.24 15.00 -17.03
CA THR E 107 2.61 14.06 -15.99
C THR E 107 4.02 14.35 -15.50
N ALA E 108 4.22 14.21 -14.19
CA ALA E 108 5.41 14.69 -13.51
C ALA E 108 5.99 13.58 -12.62
N THR E 109 7.22 13.80 -12.17
CA THR E 109 8.13 12.78 -11.64
C THR E 109 8.64 13.18 -10.27
N GLN E 110 7.78 13.33 -9.28
CA GLN E 110 8.08 14.13 -8.10
C GLN E 110 9.09 13.59 -7.09
N SER E 111 10.28 13.17 -7.51
CA SER E 111 11.10 12.29 -6.70
C SER E 111 12.48 12.80 -6.34
N ASN E 112 13.35 12.98 -7.35
CA ASN E 112 14.80 13.21 -7.35
C ASN E 112 15.65 12.03 -6.90
N ILE E 113 15.09 11.06 -6.18
CA ILE E 113 15.84 9.87 -5.76
C ILE E 113 14.98 8.63 -5.93
N CYS E 114 14.95 8.09 -7.14
CA CYS E 114 14.04 6.99 -7.43
C CYS E 114 14.49 6.33 -8.72
N GLU E 121 16.33 -1.05 -3.70
CA GLU E 121 16.75 -0.57 -2.40
C GLU E 121 16.66 -1.67 -1.38
N THR E 122 17.36 -1.50 -0.26
CA THR E 122 17.30 -2.49 0.79
C THR E 122 16.07 -2.25 1.65
N CYS E 123 15.52 -3.34 2.16
CA CYS E 123 14.27 -3.31 2.89
C CYS E 123 14.50 -3.93 4.24
N TYR E 124 13.91 -3.35 5.27
CA TYR E 124 14.20 -3.82 6.61
C TYR E 124 13.19 -4.83 7.09
N THR E 125 11.96 -4.71 6.62
CA THR E 125 10.88 -5.63 6.94
C THR E 125 10.28 -6.16 5.65
N TYR E 126 9.61 -7.30 5.75
CA TYR E 126 8.78 -7.77 4.66
C TYR E 126 7.52 -6.91 4.60
N ASP E 127 6.83 -6.94 3.48
CA ASP E 127 5.55 -6.28 3.37
C ASP E 127 4.45 -7.32 3.52
N ARG E 128 3.35 -6.92 4.15
CA ARG E 128 2.27 -7.86 4.39
C ARG E 128 1.60 -8.26 3.09
N ASN E 129 1.46 -7.33 2.18
CA ASN E 129 0.76 -7.55 0.93
C ASN E 129 1.66 -8.00 -0.19
N LYS E 130 2.87 -8.46 0.11
CA LYS E 130 3.85 -8.76 -0.93
C LYS E 130 4.40 -10.16 -0.76
N CYS E 131 4.68 -10.81 -1.88
CA CYS E 131 5.10 -12.20 -1.90
C CYS E 131 6.61 -12.29 -2.04
N TYR E 132 7.26 -12.87 -1.04
CA TYR E 132 8.70 -13.05 -1.03
C TYR E 132 8.98 -14.54 -1.13
N THR E 133 9.63 -14.96 -2.21
CA THR E 133 10.01 -16.34 -2.42
C THR E 133 11.52 -16.48 -2.33
N ALA E 134 12.00 -17.70 -2.49
CA ALA E 134 13.43 -17.99 -2.58
C ALA E 134 13.58 -19.36 -3.23
N VAL E 135 14.41 -19.44 -4.26
CA VAL E 135 14.60 -20.70 -4.98
C VAL E 135 15.70 -21.50 -4.31
N VAL E 136 15.46 -22.78 -4.08
CA VAL E 136 16.45 -23.66 -3.45
C VAL E 136 16.63 -24.87 -4.36
N PRO E 137 17.76 -25.57 -4.31
CA PRO E 137 17.97 -26.77 -5.14
C PRO E 137 17.69 -28.16 -4.55
N LEU E 138 16.42 -28.57 -4.51
CA LEU E 138 16.12 -29.91 -4.04
C LEU E 138 16.40 -30.93 -5.13
N VAL E 139 16.49 -32.20 -4.76
CA VAL E 139 17.08 -33.18 -5.67
C VAL E 139 16.05 -33.90 -6.54
N TYR E 140 15.17 -34.68 -5.91
CA TYR E 140 14.18 -35.52 -6.59
C TYR E 140 14.81 -36.45 -7.64
N GLY E 141 15.54 -37.43 -7.14
CA GLY E 141 15.94 -38.55 -7.98
C GLY E 141 17.18 -38.25 -8.78
N GLY E 142 17.09 -38.43 -10.09
CA GLY E 142 18.23 -38.23 -10.95
C GLY E 142 18.47 -36.81 -11.40
N GLU E 143 17.73 -35.85 -10.85
CA GLU E 143 17.82 -34.47 -11.27
C GLU E 143 18.25 -33.65 -10.06
N THR E 144 18.30 -32.33 -10.22
CA THR E 144 18.36 -31.39 -9.11
C THR E 144 17.49 -30.23 -9.56
N LYS E 145 16.23 -30.27 -9.17
CA LYS E 145 15.25 -29.30 -9.62
C LYS E 145 15.34 -28.06 -8.76
N MET E 146 15.30 -26.88 -9.39
CA MET E 146 15.24 -25.63 -8.65
C MET E 146 13.80 -25.34 -8.29
N VAL E 147 13.37 -25.89 -7.16
CA VAL E 147 12.03 -25.63 -6.63
C VAL E 147 12.01 -24.26 -5.98
N GLU E 148 10.83 -23.75 -5.67
CA GLU E 148 10.64 -22.38 -5.25
C GLU E 148 9.83 -22.37 -3.97
N THR E 149 10.47 -22.00 -2.87
CA THR E 149 9.79 -21.98 -1.58
C THR E 149 9.16 -20.61 -1.38
N ALA E 150 8.53 -20.41 -0.25
CA ALA E 150 7.79 -19.18 0.03
C ALA E 150 8.18 -18.72 1.41
N LEU E 151 8.81 -17.57 1.51
CA LEU E 151 9.29 -17.12 2.80
C LEU E 151 8.14 -16.58 3.64
N THR E 152 7.30 -15.75 3.05
CA THR E 152 6.07 -15.32 3.68
C THR E 152 4.91 -16.02 3.00
N PRO E 153 4.40 -17.13 3.54
CA PRO E 153 3.18 -17.71 3.00
C PRO E 153 2.00 -16.83 3.41
N ASP E 154 0.87 -17.09 2.76
CA ASP E 154 -0.44 -16.47 2.87
C ASP E 154 -0.50 -15.12 2.18
N ALA E 155 0.65 -14.56 1.84
CA ALA E 155 0.72 -13.44 0.93
C ALA E 155 1.12 -13.91 -0.45
N CYS E 156 1.34 -15.21 -0.61
CA CYS E 156 1.92 -15.81 -1.79
C CYS E 156 0.99 -16.81 -2.46
N TYR E 157 -0.34 -16.72 -2.24
CA TYR E 157 -1.12 -17.72 -2.95
C TYR E 157 -1.45 -17.25 -4.36
N PRO E 158 -1.42 -18.11 -5.36
CA PRO E 158 -1.97 -17.75 -6.66
C PRO E 158 -3.48 -17.79 -6.64
N ASP E 159 -4.07 -17.07 -7.59
CA ASP E 159 -5.52 -16.91 -7.62
C ASP E 159 -6.16 -17.61 -8.81
N LYS F 19 -6.28 3.91 10.60
CA LYS F 19 -7.43 3.09 10.97
C LYS F 19 -7.24 1.69 10.44
N SER F 20 -7.59 0.71 11.24
CA SER F 20 -7.63 -0.64 10.68
C SER F 20 -8.88 -0.77 9.84
N PRO F 21 -8.79 -1.43 8.67
CA PRO F 21 -9.93 -1.52 7.79
C PRO F 21 -10.93 -2.61 8.13
N ILE F 22 -10.89 -3.19 9.31
CA ILE F 22 -11.78 -4.24 9.74
C ILE F 22 -12.98 -3.56 10.39
N PHE F 23 -14.16 -4.15 10.23
CA PHE F 23 -15.39 -3.52 10.66
C PHE F 23 -16.35 -4.62 11.08
N GLY F 24 -17.01 -4.44 12.20
CA GLY F 24 -18.02 -5.34 12.66
C GLY F 24 -18.93 -4.62 13.61
N PRO F 25 -19.69 -5.35 14.42
CA PRO F 25 -20.62 -4.70 15.33
C PRO F 25 -19.91 -4.08 16.51
N GLU F 26 -20.16 -2.80 16.77
CA GLU F 26 -19.52 -2.13 17.89
C GLU F 26 -20.03 -2.65 19.22
N GLU F 27 -21.24 -3.18 19.25
CA GLU F 27 -21.88 -3.58 20.50
C GLU F 27 -22.93 -4.62 20.18
N VAL F 28 -22.70 -5.84 20.61
CA VAL F 28 -23.65 -6.92 20.42
C VAL F 28 -24.38 -7.12 21.74
N ASN F 29 -25.64 -7.50 21.68
CA ASN F 29 -26.47 -7.70 22.86
C ASN F 29 -27.19 -9.02 22.71
N SER F 30 -27.29 -9.80 23.80
CA SER F 30 -28.19 -10.94 23.85
C SER F 30 -28.55 -11.25 25.29
N VAL F 31 -29.57 -12.08 25.45
CA VAL F 31 -29.94 -12.64 26.74
C VAL F 31 -29.18 -13.93 26.97
N GLU F 32 -29.19 -14.43 28.21
CA GLU F 32 -28.51 -15.67 28.55
C GLU F 32 -29.09 -16.88 27.85
N GLY F 33 -28.23 -17.78 27.43
CA GLY F 33 -28.67 -19.03 26.88
C GLY F 33 -28.85 -19.05 25.39
N ASN F 34 -28.84 -17.91 24.72
CA ASN F 34 -29.11 -17.85 23.30
C ASN F 34 -27.81 -17.82 22.50
N SER F 35 -27.94 -17.75 21.18
CA SER F 35 -26.81 -17.79 20.27
C SER F 35 -26.56 -16.39 19.72
N VAL F 36 -25.32 -16.15 19.31
CA VAL F 36 -24.86 -14.87 18.78
C VAL F 36 -24.12 -15.16 17.49
N SER F 37 -24.33 -14.34 16.47
CA SER F 37 -23.56 -14.40 15.25
C SER F 37 -22.94 -13.04 15.00
N ILE F 38 -21.62 -12.98 14.96
CA ILE F 38 -20.87 -11.73 14.84
C ILE F 38 -20.15 -11.73 13.50
N THR F 39 -20.47 -10.77 12.64
CA THR F 39 -19.87 -10.68 11.32
C THR F 39 -18.83 -9.58 11.29
N CYS F 40 -17.61 -9.90 10.85
CA CYS F 40 -16.56 -8.91 10.69
C CYS F 40 -16.08 -8.90 9.25
N TYR F 41 -15.92 -7.70 8.70
CA TYR F 41 -15.61 -7.44 7.30
C TYR F 41 -14.17 -7.00 7.15
N TYR F 42 -13.51 -7.46 6.10
CA TYR F 42 -12.14 -7.09 5.82
C TYR F 42 -12.02 -6.82 4.32
N PRO F 43 -11.04 -6.03 3.90
CA PRO F 43 -10.78 -5.85 2.49
C PRO F 43 -10.40 -7.15 1.82
N PRO F 44 -11.11 -7.60 0.83
CA PRO F 44 -10.83 -8.92 0.27
C PRO F 44 -9.66 -8.93 -0.70
N THR F 45 -8.48 -8.58 -0.22
CA THR F 45 -7.28 -8.76 -1.01
C THR F 45 -6.81 -10.18 -0.80
N SER F 46 -5.81 -10.61 -1.57
CA SER F 46 -5.44 -12.02 -1.53
C SER F 46 -4.68 -12.41 -0.30
N VAL F 47 -4.26 -11.46 0.50
CA VAL F 47 -3.59 -11.70 1.76
C VAL F 47 -4.60 -11.86 2.86
N ASN F 48 -5.64 -11.04 2.85
CA ASN F 48 -6.64 -11.06 3.90
C ASN F 48 -7.45 -12.34 3.82
N ARG F 49 -7.65 -12.88 2.63
CA ARG F 49 -8.50 -14.05 2.49
C ARG F 49 -7.81 -15.31 2.95
N HIS F 50 -6.50 -15.36 2.87
CA HIS F 50 -5.71 -16.51 3.28
C HIS F 50 -5.00 -16.34 4.61
N THR F 51 -5.02 -15.17 5.22
CA THR F 51 -4.42 -15.01 6.52
C THR F 51 -5.36 -15.50 7.60
N ARG F 52 -4.88 -15.49 8.83
CA ARG F 52 -5.50 -16.20 9.93
C ARG F 52 -6.43 -15.27 10.66
N LYS F 53 -7.65 -15.70 10.88
CA LYS F 53 -8.68 -14.90 11.53
C LYS F 53 -8.84 -15.34 12.96
N TYR F 54 -9.03 -14.40 13.86
CA TYR F 54 -9.12 -14.78 15.25
C TYR F 54 -10.25 -14.05 15.93
N TRP F 55 -10.63 -14.56 17.08
CA TRP F 55 -11.60 -13.93 17.97
C TRP F 55 -10.97 -13.92 19.35
N CYS F 56 -10.19 -12.91 19.66
CA CYS F 56 -9.54 -12.88 20.95
C CYS F 56 -10.43 -12.19 21.93
N ARG F 57 -10.29 -12.52 23.19
CA ARG F 57 -10.94 -11.77 24.25
C ARG F 57 -9.95 -10.83 24.89
N GLN F 58 -10.10 -9.55 24.62
CA GLN F 58 -9.33 -8.51 25.27
C GLN F 58 -9.72 -8.47 26.73
N GLY F 59 -9.01 -9.18 27.58
CA GLY F 59 -9.26 -9.14 29.00
C GLY F 59 -8.50 -8.00 29.63
N ALA F 60 -8.40 -8.05 30.95
CA ALA F 60 -7.58 -7.10 31.67
C ALA F 60 -6.13 -7.55 31.63
N ARG F 61 -5.25 -6.77 32.30
CA ARG F 61 -3.82 -7.02 32.53
C ARG F 61 -2.97 -6.90 31.26
N GLY F 62 -3.60 -6.87 30.10
CA GLY F 62 -2.88 -6.83 28.84
C GLY F 62 -2.91 -8.16 28.13
N GLY F 63 -3.14 -8.12 26.83
CA GLY F 63 -3.04 -9.31 26.00
C GLY F 63 -4.36 -9.94 25.66
N CYS F 64 -4.65 -10.01 24.35
CA CYS F 64 -5.72 -10.85 23.85
C CYS F 64 -5.44 -12.31 24.16
N ILE F 65 -6.48 -13.06 24.41
CA ILE F 65 -6.40 -14.50 24.61
C ILE F 65 -7.24 -15.13 23.53
N THR F 66 -6.62 -15.76 22.54
CA THR F 66 -7.36 -16.25 21.38
C THR F 66 -8.29 -17.38 21.78
N LEU F 67 -9.58 -17.22 21.48
CA LEU F 67 -10.64 -18.12 21.86
C LEU F 67 -11.06 -19.04 20.74
N ILE F 68 -11.02 -18.59 19.51
CA ILE F 68 -11.27 -19.46 18.37
C ILE F 68 -10.47 -18.88 17.23
N SER F 69 -10.03 -19.70 16.30
CA SER F 69 -9.29 -19.20 15.18
C SER F 69 -9.67 -19.93 13.92
N SER F 70 -9.20 -19.43 12.81
CA SER F 70 -9.54 -20.03 11.53
C SER F 70 -8.51 -21.02 11.07
N GLU F 71 -7.51 -21.26 11.90
CA GLU F 71 -6.49 -22.25 11.60
C GLU F 71 -6.70 -23.53 12.39
N GLY F 72 -7.85 -23.68 13.04
CA GLY F 72 -8.23 -24.89 13.72
C GLY F 72 -8.40 -24.76 15.21
N TYR F 73 -7.88 -23.74 15.86
CA TYR F 73 -7.86 -23.70 17.30
C TYR F 73 -9.22 -23.29 17.83
N VAL F 74 -9.82 -24.13 18.67
CA VAL F 74 -10.97 -23.74 19.47
C VAL F 74 -10.57 -23.91 20.92
N SER F 75 -10.87 -22.93 21.76
CA SER F 75 -10.42 -22.93 23.14
C SER F 75 -11.09 -24.01 23.97
N SER F 76 -10.78 -24.02 25.26
CA SER F 76 -11.43 -24.97 26.15
C SER F 76 -12.75 -24.43 26.67
N LYS F 77 -12.86 -23.12 26.86
CA LYS F 77 -14.13 -22.51 27.23
C LYS F 77 -15.11 -22.53 26.06
N TYR F 78 -14.61 -22.50 24.84
CA TYR F 78 -15.44 -22.41 23.65
C TYR F 78 -15.58 -23.73 22.92
N ALA F 79 -15.19 -24.84 23.53
CA ALA F 79 -15.20 -26.11 22.81
C ALA F 79 -16.61 -26.68 22.78
N GLY F 80 -17.11 -26.95 21.59
CA GLY F 80 -18.44 -27.46 21.42
C GLY F 80 -19.53 -26.42 21.35
N ARG F 81 -19.20 -25.13 21.46
CA ARG F 81 -20.24 -24.13 21.40
C ARG F 81 -19.81 -22.89 20.61
N ALA F 82 -18.88 -23.03 19.67
CA ALA F 82 -18.58 -21.93 18.78
C ALA F 82 -18.00 -22.47 17.50
N ASN F 83 -18.18 -21.72 16.42
CA ASN F 83 -17.33 -21.94 15.25
C ASN F 83 -17.16 -20.63 14.50
N LEU F 84 -15.97 -20.46 13.92
CA LEU F 84 -15.59 -19.30 13.14
C LEU F 84 -15.52 -19.75 11.71
N THR F 85 -16.45 -19.29 10.89
CA THR F 85 -16.45 -19.63 9.48
C THR F 85 -16.17 -18.38 8.66
N ASN F 86 -15.59 -18.58 7.48
CA ASN F 86 -14.90 -17.53 6.75
C ASN F 86 -15.31 -17.60 5.31
N PHE F 87 -15.89 -16.50 4.81
CA PHE F 87 -16.32 -16.37 3.42
C PHE F 87 -15.40 -15.41 2.70
N PRO F 88 -14.43 -15.90 1.92
CA PRO F 88 -13.52 -14.99 1.25
C PRO F 88 -14.10 -14.34 0.03
N GLU F 89 -15.20 -14.86 -0.49
CA GLU F 89 -15.86 -14.28 -1.65
C GLU F 89 -16.65 -13.03 -1.28
N ASN F 90 -17.40 -13.07 -0.17
CA ASN F 90 -18.04 -11.91 0.39
C ASN F 90 -17.01 -10.95 0.93
N GLY F 91 -15.86 -11.45 1.35
CA GLY F 91 -14.88 -10.67 2.07
C GLY F 91 -15.22 -10.47 3.52
N THR F 92 -15.62 -11.53 4.23
CA THR F 92 -15.98 -11.41 5.64
C THR F 92 -15.85 -12.75 6.35
N PHE F 93 -16.02 -12.72 7.66
CA PHE F 93 -15.97 -13.93 8.46
C PHE F 93 -16.90 -13.77 9.64
N VAL F 94 -17.57 -14.84 10.02
CA VAL F 94 -18.59 -14.77 11.04
C VAL F 94 -18.28 -15.78 12.16
N VAL F 95 -18.63 -15.38 13.37
CA VAL F 95 -18.39 -16.13 14.60
C VAL F 95 -19.75 -16.50 15.18
N ASN F 96 -20.01 -17.78 15.33
CA ASN F 96 -21.23 -18.25 15.97
C ASN F 96 -20.87 -18.73 17.36
N ILE F 97 -21.55 -18.21 18.37
CA ILE F 97 -21.34 -18.56 19.76
C ILE F 97 -22.66 -19.03 20.32
N ALA F 98 -22.72 -20.27 20.78
CA ALA F 98 -23.92 -20.79 21.39
C ALA F 98 -23.76 -20.82 22.90
N GLN F 99 -24.90 -20.88 23.59
CA GLN F 99 -25.02 -21.06 25.04
C GLN F 99 -24.24 -20.00 25.81
N LEU F 100 -24.66 -18.76 25.64
CA LEU F 100 -24.04 -17.68 26.38
C LEU F 100 -24.42 -17.76 27.85
N SER F 101 -23.68 -17.00 28.65
CA SER F 101 -24.01 -16.72 30.03
C SER F 101 -23.27 -15.44 30.38
N GLN F 102 -23.49 -14.95 31.59
CA GLN F 102 -22.93 -13.65 31.95
C GLN F 102 -21.42 -13.66 32.16
N ASP F 103 -20.74 -14.80 32.01
CA ASP F 103 -19.30 -14.79 31.90
C ASP F 103 -18.83 -14.38 30.51
N ASP F 104 -19.71 -14.37 29.51
CA ASP F 104 -19.36 -13.96 28.17
C ASP F 104 -19.46 -12.46 27.97
N SER F 105 -19.77 -11.70 29.01
CA SER F 105 -19.83 -10.25 28.91
C SER F 105 -18.43 -9.67 29.04
N GLY F 106 -17.99 -8.95 28.02
CA GLY F 106 -16.69 -8.32 28.09
C GLY F 106 -16.38 -7.62 26.79
N ARG F 107 -15.09 -7.39 26.59
CA ARG F 107 -14.57 -6.74 25.40
C ARG F 107 -13.76 -7.75 24.62
N TYR F 108 -13.99 -7.82 23.31
CA TYR F 108 -13.46 -8.83 22.44
C TYR F 108 -12.87 -8.14 21.24
N LYS F 109 -12.17 -8.87 20.40
CA LYS F 109 -11.70 -8.33 19.15
C LYS F 109 -11.77 -9.39 18.10
N CYS F 110 -12.16 -8.99 16.90
CA CYS F 110 -12.13 -9.88 15.76
C CYS F 110 -11.03 -9.38 14.86
N GLY F 111 -10.24 -10.27 14.30
CA GLY F 111 -9.15 -9.68 13.57
C GLY F 111 -8.51 -10.65 12.64
N LEU F 112 -7.36 -10.23 12.11
CA LEU F 112 -6.60 -10.97 11.11
C LEU F 112 -5.12 -11.00 11.43
N GLY F 113 -4.54 -12.17 11.56
CA GLY F 113 -3.09 -12.31 11.63
C GLY F 113 -2.60 -12.58 13.05
N ILE F 114 -1.68 -11.76 13.51
CA ILE F 114 -1.13 -11.85 14.86
C ILE F 114 -1.96 -10.95 15.76
N ASN F 115 -2.22 -11.38 17.00
CA ASN F 115 -3.21 -10.74 17.83
C ASN F 115 -2.79 -9.36 18.33
N SER F 116 -1.52 -9.02 18.22
CA SER F 116 -0.99 -7.82 18.82
C SER F 116 -0.63 -6.74 17.81
N ARG F 117 -0.79 -7.00 16.52
CA ARG F 117 -0.28 -6.12 15.49
C ARG F 117 -1.34 -5.20 14.91
N GLY F 118 -2.49 -5.07 15.56
CA GLY F 118 -3.58 -4.37 14.93
C GLY F 118 -4.31 -5.28 13.96
N LEU F 119 -4.94 -4.67 12.96
CA LEU F 119 -5.92 -5.32 12.10
C LEU F 119 -6.99 -6.03 12.90
N SER F 120 -7.69 -5.28 13.73
CA SER F 120 -8.75 -5.86 14.50
C SER F 120 -9.83 -4.84 14.68
N PHE F 121 -11.03 -5.32 14.97
CA PHE F 121 -12.11 -4.47 15.42
C PHE F 121 -12.46 -4.87 16.84
N ASP F 122 -12.65 -3.89 17.70
CA ASP F 122 -13.02 -4.14 19.09
C ASP F 122 -14.54 -4.23 19.21
N VAL F 123 -15.02 -5.43 19.39
CA VAL F 123 -16.43 -5.74 19.63
C VAL F 123 -16.64 -5.69 21.13
N SER F 124 -17.84 -5.35 21.58
CA SER F 124 -18.10 -5.24 23.01
C SER F 124 -19.37 -6.01 23.35
N LEU F 125 -19.24 -7.27 23.70
CA LEU F 125 -20.39 -8.17 23.80
C LEU F 125 -20.87 -8.16 25.23
N GLU F 126 -22.10 -7.73 25.45
CA GLU F 126 -22.64 -7.58 26.81
C GLU F 126 -23.95 -8.33 26.92
N VAL F 127 -23.92 -9.53 27.48
CA VAL F 127 -25.13 -10.31 27.68
C VAL F 127 -25.71 -9.94 29.04
N SER F 128 -27.00 -10.24 29.21
CA SER F 128 -27.75 -9.82 30.37
C SER F 128 -28.64 -10.96 30.85
N GLN F 129 -29.17 -10.78 32.05
CA GLN F 129 -29.96 -11.80 32.73
C GLN F 129 -31.30 -12.01 32.03
N GLY F 130 -31.72 -13.27 31.95
CA GLY F 130 -32.92 -13.63 31.22
C GLY F 130 -34.23 -13.14 31.83
N LYS F 138 -47.05 -8.57 31.84
CA LYS F 138 -47.24 -8.02 30.51
C LYS F 138 -46.05 -7.16 30.11
N VAL F 139 -45.17 -7.72 29.30
CA VAL F 139 -43.98 -7.02 28.83
C VAL F 139 -44.17 -6.79 27.34
N TYR F 140 -44.51 -5.56 26.98
CA TYR F 140 -44.63 -5.15 25.59
C TYR F 140 -43.28 -4.68 25.09
N THR F 141 -42.93 -5.08 23.88
CA THR F 141 -41.67 -4.70 23.27
C THR F 141 -41.98 -4.24 21.87
N VAL F 142 -41.81 -2.95 21.60
CA VAL F 142 -42.21 -2.33 20.35
C VAL F 142 -41.06 -1.52 19.80
N ASP F 143 -41.29 -0.88 18.67
CA ASP F 143 -40.28 -0.05 18.05
C ASP F 143 -40.64 1.43 18.17
N LEU F 144 -39.64 2.27 17.91
CA LEU F 144 -39.80 3.72 18.02
C LEU F 144 -40.79 4.22 17.00
N GLY F 145 -41.87 4.83 17.45
CA GLY F 145 -42.79 5.46 16.53
C GLY F 145 -43.94 4.60 16.08
N ARG F 146 -44.00 3.35 16.49
CA ARG F 146 -45.14 2.49 16.17
C ARG F 146 -46.21 2.67 17.25
N THR F 147 -47.12 1.71 17.37
CA THR F 147 -48.20 1.80 18.35
C THR F 147 -48.15 0.63 19.33
N VAL F 148 -48.72 0.85 20.51
CA VAL F 148 -48.90 -0.19 21.53
C VAL F 148 -50.37 -0.26 21.91
N THR F 149 -50.92 -1.46 21.98
CA THR F 149 -52.21 -1.72 22.58
C THR F 149 -51.99 -2.48 23.88
N ILE F 150 -52.22 -1.82 25.00
CA ILE F 150 -52.10 -2.42 26.32
C ILE F 150 -53.49 -2.90 26.75
N ASN F 151 -53.67 -4.21 26.80
CA ASN F 151 -54.95 -4.84 27.15
C ASN F 151 -54.85 -5.24 28.61
N CYS F 152 -55.62 -4.56 29.46
CA CYS F 152 -55.57 -4.76 30.90
C CYS F 152 -56.92 -5.24 31.41
N PRO F 153 -56.97 -6.31 32.18
CA PRO F 153 -58.24 -6.77 32.74
C PRO F 153 -58.69 -5.89 33.91
N PHE F 154 -59.91 -6.15 34.37
CA PHE F 154 -60.51 -5.43 35.50
C PHE F 154 -61.65 -6.27 36.06
N LYS F 155 -62.38 -5.70 37.01
CA LYS F 155 -63.36 -6.43 37.79
C LYS F 155 -64.78 -5.93 37.55
N THR F 156 -65.75 -6.78 37.90
CA THR F 156 -67.17 -6.47 37.73
C THR F 156 -67.62 -5.33 38.64
N GLU F 157 -66.97 -5.14 39.77
CA GLU F 157 -67.33 -4.08 40.70
C GLU F 157 -66.51 -2.81 40.48
N ASN F 158 -66.19 -2.48 39.23
CA ASN F 158 -65.51 -1.24 38.90
C ASN F 158 -66.00 -0.70 37.57
N ALA F 159 -67.32 -0.66 37.39
CA ALA F 159 -67.92 -0.22 36.13
C ALA F 159 -68.31 1.24 36.12
N GLN F 160 -67.86 2.03 37.10
CA GLN F 160 -68.25 3.44 37.17
C GLN F 160 -67.05 4.37 37.35
N LYS F 161 -66.01 3.90 38.02
CA LYS F 161 -64.97 4.80 38.51
C LYS F 161 -64.00 5.17 37.38
N ARG F 162 -62.94 5.88 37.73
CA ARG F 162 -62.03 6.45 36.75
C ARG F 162 -61.14 5.34 36.21
N LYS F 163 -61.42 4.90 35.00
CA LYS F 163 -60.54 3.98 34.28
C LYS F 163 -59.32 4.78 33.88
N SER F 164 -58.14 4.25 34.17
CA SER F 164 -56.97 5.09 34.03
C SER F 164 -55.71 4.24 33.87
N LEU F 165 -54.74 4.83 33.19
CA LEU F 165 -53.36 4.40 33.31
C LEU F 165 -52.69 5.20 34.42
N TYR F 166 -51.53 4.72 34.85
CA TYR F 166 -50.64 5.49 35.70
C TYR F 166 -49.21 5.19 35.30
N LYS F 167 -48.33 6.16 35.47
CA LYS F 167 -46.91 5.97 35.32
C LYS F 167 -46.21 6.24 36.65
N GLN F 168 -45.01 5.70 36.79
CA GLN F 168 -44.22 5.81 38.01
C GLN F 168 -42.94 6.57 37.65
N ILE F 169 -42.99 7.89 37.65
CA ILE F 169 -41.82 8.71 37.38
C ILE F 169 -41.07 8.92 38.70
N GLY F 170 -40.20 7.97 39.02
CA GLY F 170 -39.45 8.06 40.25
C GLY F 170 -40.24 7.69 41.48
N LEU F 171 -40.90 6.53 41.47
CA LEU F 171 -41.73 6.01 42.56
C LEU F 171 -42.81 7.01 42.99
N TYR F 172 -43.49 7.57 41.99
CA TYR F 172 -44.57 8.52 42.20
C TYR F 172 -45.70 8.21 41.23
N PRO F 173 -46.90 7.87 41.72
CA PRO F 173 -48.02 7.58 40.82
C PRO F 173 -48.62 8.86 40.28
N VAL F 174 -48.47 9.09 38.97
CA VAL F 174 -48.99 10.28 38.31
C VAL F 174 -50.03 9.83 37.31
N LEU F 175 -51.06 10.67 37.11
CA LEU F 175 -52.07 10.38 36.11
C LEU F 175 -51.45 10.47 34.73
N VAL F 176 -51.93 9.62 33.84
CA VAL F 176 -51.55 9.78 32.44
C VAL F 176 -52.82 9.91 31.64
N ILE F 177 -53.73 8.95 31.77
CA ILE F 177 -54.99 9.04 31.05
C ILE F 177 -56.13 8.43 31.85
N TYR F 182 -59.36 12.70 30.07
CA TYR F 182 -58.25 13.57 30.44
C TYR F 182 -56.92 12.90 30.12
N VAL F 183 -56.08 13.60 29.37
CA VAL F 183 -54.80 13.10 28.92
C VAL F 183 -53.69 13.78 29.72
N ASN F 184 -52.55 13.11 29.86
CA ASN F 184 -51.38 13.75 30.45
C ASN F 184 -50.88 14.83 29.51
N PRO F 185 -50.39 15.96 30.03
CA PRO F 185 -49.70 16.93 29.18
C PRO F 185 -48.48 16.38 28.44
N ASN F 186 -47.83 15.34 28.94
CA ASN F 186 -46.74 14.72 28.20
C ASN F 186 -47.25 13.92 27.01
N TYR F 187 -48.41 13.28 27.12
CA TYR F 187 -48.91 12.34 26.13
C TYR F 187 -50.03 12.93 25.29
N THR F 188 -49.99 14.24 25.01
CA THR F 188 -51.14 14.95 24.44
C THR F 188 -51.33 14.63 22.97
N GLY F 189 -52.44 13.97 22.65
CA GLY F 189 -52.83 13.71 21.28
C GLY F 189 -52.62 12.30 20.79
N ARG F 190 -51.90 11.47 21.53
CA ARG F 190 -51.45 10.17 21.05
C ARG F 190 -52.16 8.99 21.66
N ILE F 191 -52.70 9.12 22.85
CA ILE F 191 -53.22 7.99 23.61
C ILE F 191 -54.75 8.00 23.55
N ARG F 192 -55.35 6.83 23.68
CA ARG F 192 -56.79 6.68 23.57
C ARG F 192 -57.23 5.40 24.28
N LEU F 193 -58.31 5.50 25.05
CA LEU F 193 -58.87 4.36 25.77
C LEU F 193 -59.45 3.36 24.79
N PHE F 203 -61.40 -3.24 28.78
CA PHE F 203 -60.81 -2.05 28.19
C PHE F 203 -59.38 -2.31 27.75
N SER F 204 -58.89 -1.44 26.86
CA SER F 204 -57.49 -1.42 26.49
C SER F 204 -57.14 0.00 26.11
N VAL F 205 -55.85 0.32 26.09
CA VAL F 205 -55.40 1.63 25.61
C VAL F 205 -54.48 1.44 24.42
N VAL F 206 -54.39 2.47 23.59
CA VAL F 206 -53.59 2.45 22.38
C VAL F 206 -52.81 3.76 22.33
N ILE F 207 -51.49 3.66 22.12
CA ILE F 207 -50.64 4.83 22.07
C ILE F 207 -49.82 4.79 20.77
N ASN F 208 -49.83 5.91 20.04
CA ASN F 208 -49.24 6.09 18.71
C ASN F 208 -48.01 6.97 18.82
N GLN F 209 -47.04 6.71 17.93
CA GLN F 209 -45.83 7.51 17.75
C GLN F 209 -45.03 7.62 19.04
N LEU F 210 -44.52 6.47 19.47
CA LEU F 210 -43.92 6.32 20.79
C LEU F 210 -42.59 7.01 20.88
N ARG F 211 -42.48 7.97 21.77
CA ARG F 211 -41.19 8.56 22.08
C ARG F 211 -40.37 7.58 22.89
N LEU F 212 -39.05 7.74 22.85
CA LEU F 212 -38.17 6.84 23.57
C LEU F 212 -38.25 7.04 25.07
N SER F 213 -38.69 8.21 25.52
CA SER F 213 -38.89 8.50 26.93
C SER F 213 -40.26 8.08 27.44
N ASP F 214 -40.94 7.18 26.75
CA ASP F 214 -42.07 6.46 27.30
C ASP F 214 -41.71 5.03 27.66
N ALA F 215 -40.42 4.77 27.89
CA ALA F 215 -39.95 3.44 28.24
C ALA F 215 -39.90 3.23 29.74
N GLY F 216 -41.03 3.43 30.41
CA GLY F 216 -41.10 3.14 31.82
C GLY F 216 -41.89 1.89 32.11
N GLN F 217 -42.76 1.96 33.10
CA GLN F 217 -43.70 0.90 33.43
C GLN F 217 -45.00 1.55 33.86
N TYR F 218 -46.13 1.02 33.40
CA TYR F 218 -47.42 1.63 33.67
C TYR F 218 -48.29 0.64 34.44
N LEU F 219 -49.26 1.19 35.16
CA LEU F 219 -50.25 0.35 35.82
C LEU F 219 -51.64 0.72 35.33
N CYS F 220 -52.39 -0.28 34.90
CA CYS F 220 -53.78 -0.11 34.52
C CYS F 220 -54.65 -0.28 35.75
N GLN F 221 -55.40 0.76 36.12
CA GLN F 221 -56.32 0.70 37.24
C GLN F 221 -57.69 1.07 36.72
N ALA F 222 -58.69 0.25 36.97
CA ALA F 222 -60.02 0.62 36.56
C ALA F 222 -60.60 1.61 37.56
N SER F 228 -60.36 -0.28 42.22
CA SER F 228 -59.77 -0.72 43.48
C SER F 228 -58.63 -1.70 43.24
N ASN F 229 -58.45 -2.08 41.97
CA ASN F 229 -57.49 -3.07 41.54
C ASN F 229 -56.40 -2.44 40.68
N LYS F 230 -55.37 -3.22 40.36
CA LYS F 230 -54.23 -2.70 39.63
C LYS F 230 -53.54 -3.82 38.85
N LYS F 231 -53.14 -3.53 37.62
CA LYS F 231 -52.34 -4.43 36.81
C LYS F 231 -51.05 -3.71 36.40
N ASN F 232 -49.98 -4.46 36.20
CA ASN F 232 -48.71 -3.89 35.82
C ASN F 232 -48.35 -4.27 34.38
N ALA F 233 -47.65 -3.38 33.70
CA ALA F 233 -47.38 -3.54 32.27
C ALA F 233 -46.11 -2.77 31.91
N ASP F 234 -45.12 -3.48 31.40
CA ASP F 234 -43.80 -2.90 31.15
C ASP F 234 -43.62 -2.67 29.66
N LEU F 235 -43.36 -1.43 29.27
CA LEU F 235 -43.05 -1.08 27.90
C LEU F 235 -41.54 -1.03 27.68
N GLN F 236 -41.11 -1.56 26.54
CA GLN F 236 -39.72 -1.52 26.14
C GLN F 236 -39.70 -1.05 24.69
N VAL F 237 -39.28 0.19 24.49
CA VAL F 237 -39.19 0.77 23.15
C VAL F 237 -37.77 0.58 22.65
N LEU F 238 -37.65 -0.11 21.51
CA LEU F 238 -36.35 -0.52 21.01
C LEU F 238 -35.76 0.55 20.11
N LYS F 239 -34.49 0.86 20.32
CA LYS F 239 -33.73 1.56 19.31
C LYS F 239 -33.52 0.63 18.11
N PRO F 240 -33.36 1.17 16.91
CA PRO F 240 -33.11 0.30 15.76
C PRO F 240 -31.65 -0.13 15.74
N GLU F 241 -31.43 -1.40 15.47
CA GLU F 241 -30.07 -1.89 15.41
C GLU F 241 -29.47 -1.54 14.06
N PRO F 242 -28.34 -0.84 14.04
CA PRO F 242 -27.77 -0.37 12.77
C PRO F 242 -27.28 -1.52 11.91
N GLU F 243 -27.73 -1.55 10.68
CA GLU F 243 -27.24 -2.55 9.74
C GLU F 243 -25.87 -2.12 9.24
N LEU F 244 -24.92 -3.03 9.19
CA LEU F 244 -23.57 -2.66 8.83
C LEU F 244 -23.45 -2.59 7.32
N VAL F 245 -23.25 -1.39 6.80
CA VAL F 245 -22.88 -1.19 5.40
C VAL F 245 -21.38 -0.97 5.37
N TYR F 246 -20.67 -1.82 4.66
CA TYR F 246 -19.23 -1.73 4.56
C TYR F 246 -18.90 -1.43 3.11
N GLU F 247 -18.65 -0.18 2.82
CA GLU F 247 -18.43 0.20 1.44
C GLU F 247 -17.01 0.69 1.27
N ASP F 248 -16.69 1.04 0.04
CA ASP F 248 -15.35 1.41 -0.36
C ASP F 248 -15.23 2.91 -0.53
N LEU F 249 -14.00 3.34 -0.71
CA LEU F 249 -13.75 4.72 -1.11
C LEU F 249 -13.98 4.79 -2.60
N ARG F 250 -14.53 5.93 -3.05
CA ARG F 250 -14.93 6.19 -4.45
C ARG F 250 -15.92 5.15 -4.99
N GLY F 251 -16.75 4.60 -4.13
CA GLY F 251 -17.76 3.64 -4.54
C GLY F 251 -19.11 4.19 -4.19
N SER F 252 -20.13 3.36 -4.20
CA SER F 252 -21.48 3.85 -4.02
C SER F 252 -22.23 2.96 -3.04
N VAL F 253 -23.13 3.58 -2.30
CA VAL F 253 -23.96 2.89 -1.32
C VAL F 253 -25.43 3.10 -1.67
N THR F 254 -26.22 2.04 -1.59
CA THR F 254 -27.65 2.08 -1.79
C THR F 254 -28.33 1.77 -0.46
N PHE F 255 -28.88 2.78 0.20
CA PHE F 255 -29.61 2.57 1.44
C PHE F 255 -31.01 2.15 1.09
N HIS F 256 -31.39 0.92 1.41
CA HIS F 256 -32.72 0.41 1.09
C HIS F 256 -33.63 0.70 2.27
N CYS F 257 -34.52 1.68 2.12
CA CYS F 257 -35.15 2.37 3.23
C CYS F 257 -36.62 1.94 3.37
N ALA F 258 -36.81 0.69 3.76
CA ALA F 258 -38.13 0.07 3.69
C ALA F 258 -38.83 0.15 5.04
N LEU F 259 -39.62 1.19 5.22
CA LEU F 259 -40.55 1.26 6.34
C LEU F 259 -41.84 0.56 5.94
N GLY F 260 -42.89 0.75 6.69
CA GLY F 260 -44.12 0.05 6.42
C GLY F 260 -44.99 0.80 5.44
N PRO F 261 -46.10 0.17 5.02
CA PRO F 261 -47.10 0.89 4.22
C PRO F 261 -48.04 1.77 5.01
N GLU F 262 -48.00 1.71 6.34
CA GLU F 262 -48.85 2.58 7.15
C GLU F 262 -48.36 4.01 7.16
N VAL F 263 -47.12 4.24 6.80
CA VAL F 263 -46.46 5.52 6.90
C VAL F 263 -46.09 6.06 5.52
N ALA F 264 -46.62 5.46 4.46
CA ALA F 264 -46.16 5.75 3.10
C ALA F 264 -46.56 7.12 2.59
N ASN F 265 -47.53 7.78 3.21
CA ASN F 265 -47.94 9.11 2.81
C ASN F 265 -47.33 10.20 3.68
N VAL F 266 -46.19 9.93 4.31
CA VAL F 266 -45.50 10.90 5.14
C VAL F 266 -44.16 11.23 4.48
N ALA F 267 -43.68 12.44 4.71
CA ALA F 267 -42.49 12.96 4.00
C ALA F 267 -41.23 12.40 4.63
N LYS F 268 -40.65 11.38 4.00
CA LYS F 268 -39.54 10.64 4.54
C LYS F 268 -38.24 11.38 4.34
N PHE F 269 -37.19 10.95 5.04
CA PHE F 269 -35.93 11.67 5.06
C PHE F 269 -34.78 10.74 5.41
N LEU F 270 -33.56 11.28 5.29
CA LEU F 270 -32.31 10.58 5.59
C LEU F 270 -31.40 11.51 6.39
N CYS F 271 -31.31 11.36 7.70
CA CYS F 271 -30.40 12.14 8.51
C CYS F 271 -29.06 11.42 8.67
N ARG F 272 -28.09 12.12 9.22
CA ARG F 272 -26.86 11.48 9.66
C ARG F 272 -26.47 11.98 11.03
N GLN F 273 -26.36 11.07 11.99
CA GLN F 273 -26.04 11.43 13.36
C GLN F 273 -24.60 11.89 13.48
N SER F 274 -24.43 13.07 14.06
CA SER F 274 -23.13 13.71 14.25
C SER F 274 -22.47 13.17 15.51
N SER F 275 -21.44 13.87 15.98
CA SER F 275 -20.74 13.46 17.19
C SER F 275 -21.61 13.53 18.43
N GLY F 276 -22.65 14.36 18.42
CA GLY F 276 -23.57 14.44 19.53
C GLY F 276 -24.93 13.86 19.21
N GLU F 277 -25.89 14.75 18.94
CA GLU F 277 -27.29 14.35 18.81
C GLU F 277 -27.97 14.82 17.54
N ASN F 278 -27.61 15.98 17.00
CA ASN F 278 -28.35 16.52 15.87
C ASN F 278 -27.95 15.80 14.60
N CYS F 279 -28.90 15.68 13.69
CA CYS F 279 -28.67 15.02 12.44
C CYS F 279 -28.47 16.05 11.34
N ASP F 280 -27.62 15.73 10.38
CA ASP F 280 -27.42 16.54 9.19
C ASP F 280 -28.33 15.93 8.14
N VAL F 281 -29.43 16.60 7.84
CA VAL F 281 -30.39 16.09 6.87
C VAL F 281 -29.75 16.05 5.49
N VAL F 282 -29.52 14.86 4.98
CA VAL F 282 -28.76 14.67 3.77
C VAL F 282 -29.65 14.80 2.55
N VAL F 283 -30.76 14.07 2.50
CA VAL F 283 -31.75 14.21 1.45
C VAL F 283 -33.09 14.44 2.14
N ASN F 284 -34.14 14.60 1.35
CA ASN F 284 -35.49 14.81 1.86
C ASN F 284 -36.46 14.48 0.74
N THR F 285 -37.73 14.37 1.11
CA THR F 285 -38.80 14.25 0.13
C THR F 285 -39.62 15.54 0.11
N LEU F 286 -39.02 16.63 0.58
CA LEU F 286 -39.62 17.94 0.52
C LEU F 286 -38.77 18.93 -0.25
N GLY F 287 -37.62 18.52 -0.77
CA GLY F 287 -36.80 19.37 -1.60
C GLY F 287 -35.44 19.67 -1.05
N LYS F 288 -35.15 19.31 0.19
CA LYS F 288 -33.85 19.60 0.74
C LYS F 288 -32.81 18.65 0.17
N ARG F 289 -31.55 19.06 0.28
CA ARG F 289 -30.37 18.26 -0.03
C ARG F 289 -29.21 18.98 0.60
N ALA F 290 -28.27 18.23 1.16
CA ALA F 290 -27.07 18.83 1.69
C ALA F 290 -26.23 19.41 0.56
N PRO F 291 -25.49 20.49 0.81
CA PRO F 291 -24.63 21.03 -0.26
C PRO F 291 -23.45 20.14 -0.60
N ALA F 292 -23.06 19.25 0.31
CA ALA F 292 -21.94 18.36 0.03
C ALA F 292 -22.32 17.25 -0.93
N PHE F 293 -23.57 16.78 -0.86
CA PHE F 293 -24.06 15.69 -1.69
C PHE F 293 -24.71 16.20 -2.95
N GLU F 294 -24.04 17.08 -3.67
CA GLU F 294 -24.59 17.69 -4.87
C GLU F 294 -24.06 16.96 -6.10
N GLY F 295 -24.94 16.37 -6.86
CA GLY F 295 -24.53 15.62 -8.01
C GLY F 295 -24.23 14.17 -7.74
N ARG F 296 -24.29 13.73 -6.49
CA ARG F 296 -24.03 12.36 -6.13
C ARG F 296 -25.03 11.75 -5.18
N ILE F 297 -26.14 12.37 -4.97
CA ILE F 297 -27.22 11.79 -4.16
C ILE F 297 -28.29 11.30 -5.13
N LEU F 298 -29.29 10.55 -4.65
CA LEU F 298 -30.40 10.14 -5.49
C LEU F 298 -31.48 9.62 -4.55
N LEU F 299 -32.64 10.24 -4.52
CA LEU F 299 -33.73 9.70 -3.70
C LEU F 299 -34.75 9.09 -4.64
N ASN F 300 -34.79 7.77 -4.70
CA ASN F 300 -35.63 7.09 -5.66
C ASN F 300 -37.09 7.19 -5.25
N PRO F 301 -38.02 7.10 -6.20
CA PRO F 301 -39.44 7.19 -5.85
C PRO F 301 -39.86 5.95 -5.09
N GLN F 302 -41.00 6.08 -4.42
CA GLN F 302 -41.43 5.08 -3.47
C GLN F 302 -42.05 3.90 -4.21
N ASP F 303 -42.74 3.06 -3.47
CA ASP F 303 -43.28 1.84 -4.04
C ASP F 303 -44.76 1.73 -3.70
N LYS F 304 -45.33 0.55 -3.89
CA LYS F 304 -46.69 0.28 -3.47
C LYS F 304 -46.83 0.21 -1.96
N ASP F 305 -45.74 0.01 -1.23
CA ASP F 305 -45.78 -0.10 0.22
C ASP F 305 -44.83 0.87 0.90
N GLY F 306 -44.36 1.89 0.20
CA GLY F 306 -43.52 2.90 0.80
C GLY F 306 -42.11 2.43 1.08
N SER F 307 -41.47 1.84 0.08
CA SER F 307 -40.13 1.30 0.22
C SER F 307 -39.26 1.91 -0.87
N PHE F 308 -38.65 3.05 -0.57
CA PHE F 308 -37.79 3.75 -1.49
C PHE F 308 -36.33 3.36 -1.23
N SER F 309 -35.40 4.01 -1.91
CA SER F 309 -33.98 3.73 -1.70
C SER F 309 -33.19 4.98 -2.04
N VAL F 310 -32.10 5.20 -1.32
CA VAL F 310 -31.30 6.40 -1.47
C VAL F 310 -29.90 6.02 -1.91
N VAL F 311 -29.49 6.48 -3.07
CA VAL F 311 -28.23 6.10 -3.70
C VAL F 311 -27.25 7.24 -3.49
N ILE F 312 -26.08 6.95 -2.94
CA ILE F 312 -25.00 7.92 -2.78
C ILE F 312 -23.79 7.39 -3.52
N THR F 313 -23.13 8.23 -4.30
CA THR F 313 -21.94 7.78 -5.00
C THR F 313 -20.74 8.65 -4.63
N GLY F 314 -19.57 8.19 -5.05
CA GLY F 314 -18.31 8.85 -4.78
C GLY F 314 -18.03 9.04 -3.31
N LEU F 315 -17.81 7.96 -2.58
CA LEU F 315 -17.79 8.01 -1.13
C LEU F 315 -16.45 8.51 -0.64
N ARG F 316 -16.48 9.32 0.41
CA ARG F 316 -15.32 9.97 0.95
C ARG F 316 -15.08 9.47 2.36
N LYS F 317 -13.89 9.75 2.90
CA LYS F 317 -13.52 9.31 4.23
C LYS F 317 -14.40 9.89 5.32
N GLU F 318 -15.05 11.01 5.05
CA GLU F 318 -15.88 11.71 6.00
C GLU F 318 -17.35 11.38 5.85
N ASP F 319 -17.71 10.50 4.93
CA ASP F 319 -19.09 10.09 4.77
C ASP F 319 -19.46 8.93 5.68
N ALA F 320 -18.49 8.33 6.37
CA ALA F 320 -18.76 7.21 7.25
C ALA F 320 -19.44 7.67 8.53
N GLY F 321 -20.33 6.86 9.05
CA GLY F 321 -21.02 7.19 10.28
C GLY F 321 -22.38 6.54 10.27
N ARG F 322 -23.22 6.96 11.21
CA ARG F 322 -24.54 6.37 11.34
C ARG F 322 -25.56 7.20 10.60
N TYR F 323 -26.32 6.56 9.73
CA TYR F 323 -27.33 7.19 8.91
C TYR F 323 -28.70 6.71 9.33
N LEU F 324 -29.69 7.61 9.33
CA LEU F 324 -31.01 7.32 9.89
C LEU F 324 -32.12 7.68 8.93
N CYS F 325 -32.69 6.71 8.26
CA CYS F 325 -33.95 6.91 7.56
C CYS F 325 -35.09 7.13 8.52
N GLY F 326 -36.09 7.87 8.08
CA GLY F 326 -37.22 8.09 8.95
C GLY F 326 -38.38 8.65 8.18
N ALA F 327 -39.50 8.84 8.86
CA ALA F 327 -40.70 9.36 8.21
C ALA F 327 -41.46 10.30 9.12
N HIS F 328 -41.03 11.54 9.20
CA HIS F 328 -41.75 12.55 9.97
C HIS F 328 -42.18 13.67 9.05
N SER F 329 -43.35 14.25 9.33
CA SER F 329 -44.05 15.13 8.41
C SER F 329 -43.37 16.47 8.17
N ASP F 330 -42.24 16.76 8.80
CA ASP F 330 -41.49 17.98 8.53
C ASP F 330 -40.20 17.73 7.78
N GLY F 331 -39.83 16.48 7.56
CA GLY F 331 -38.59 16.17 6.89
C GLY F 331 -37.36 16.25 7.77
N GLN F 332 -37.52 16.54 9.05
CA GLN F 332 -36.44 16.53 10.03
C GLN F 332 -36.62 15.32 10.94
N LEU F 333 -35.72 15.17 11.89
CA LEU F 333 -35.80 14.11 12.87
C LEU F 333 -36.40 14.68 14.15
N GLN F 334 -37.56 14.18 14.53
CA GLN F 334 -38.25 14.61 15.73
C GLN F 334 -38.54 13.39 16.58
N GLU F 335 -39.00 13.63 17.80
CA GLU F 335 -39.36 12.54 18.70
C GLU F 335 -40.68 11.91 18.24
N GLY F 336 -40.62 10.64 17.84
CA GLY F 336 -41.83 9.96 17.43
C GLY F 336 -41.91 9.72 15.95
N SER F 337 -40.77 9.43 15.33
CA SER F 337 -40.70 9.21 13.91
C SER F 337 -40.04 7.87 13.62
N PRO F 338 -40.66 7.00 12.84
CA PRO F 338 -40.20 5.61 12.75
C PRO F 338 -38.88 5.39 12.05
N ILE F 339 -37.78 5.59 12.75
CA ILE F 339 -36.45 5.59 12.16
C ILE F 339 -35.95 4.20 11.79
N GLN F 340 -34.79 4.14 11.15
CA GLN F 340 -34.15 2.92 10.70
C GLN F 340 -32.70 3.25 10.40
N ALA F 341 -31.76 2.45 10.90
CA ALA F 341 -30.37 2.90 10.95
C ALA F 341 -29.43 1.99 10.18
N TRP F 342 -28.41 2.61 9.58
CA TRP F 342 -27.28 1.93 9.00
C TRP F 342 -26.02 2.51 9.60
N GLN F 343 -24.97 1.70 9.64
CA GLN F 343 -23.65 2.12 10.08
C GLN F 343 -22.70 1.91 8.92
N LEU F 344 -22.24 2.99 8.34
CA LEU F 344 -21.39 2.92 7.16
C LEU F 344 -19.92 2.91 7.59
N PHE F 345 -19.13 2.12 6.88
CA PHE F 345 -17.68 2.12 7.05
C PHE F 345 -17.12 2.33 5.67
N VAL F 346 -16.48 3.47 5.45
CA VAL F 346 -15.86 3.75 4.17
C VAL F 346 -14.44 3.27 4.27
N ASN F 347 -14.14 2.20 3.57
CA ASN F 347 -12.86 1.53 3.60
C ASN F 347 -11.87 2.31 2.74
N GLU F 348 -10.82 2.83 3.35
CA GLU F 348 -9.79 3.54 2.61
C GLU F 348 -8.91 2.62 1.77
N GLU F 349 -8.83 1.34 2.12
CA GLU F 349 -8.06 0.36 1.35
C GLU F 349 -8.91 -0.14 0.17
N SER F 350 -9.17 0.76 -0.76
CA SER F 350 -10.05 0.50 -1.87
C SER F 350 -9.26 0.11 -3.10
N THR F 351 -9.84 -0.75 -3.91
CA THR F 351 -9.28 -1.11 -5.19
C THR F 351 -10.03 -0.48 -6.34
N ILE F 352 -10.90 0.46 -6.05
CA ILE F 352 -11.63 1.19 -7.09
C ILE F 352 -10.67 2.19 -7.73
N PRO F 353 -10.49 2.15 -9.04
CA PRO F 353 -9.42 2.94 -9.66
C PRO F 353 -9.72 4.43 -9.63
N ARG F 354 -8.71 5.21 -9.28
CA ARG F 354 -8.91 6.64 -9.14
C ARG F 354 -8.93 7.30 -10.51
N SER F 355 -9.89 8.18 -10.71
CA SER F 355 -10.27 8.70 -12.01
C SER F 355 -10.29 10.21 -12.00
N PRO F 356 -10.35 10.87 -13.16
CA PRO F 356 -10.71 12.28 -13.19
C PRO F 356 -12.12 12.48 -12.66
N THR F 357 -12.24 13.24 -11.59
CA THR F 357 -13.56 13.58 -11.09
C THR F 357 -14.11 14.85 -11.70
N VAL F 358 -13.32 15.55 -12.50
CA VAL F 358 -13.73 16.74 -13.25
C VAL F 358 -13.05 16.66 -14.60
N VAL F 359 -13.83 16.73 -15.67
CA VAL F 359 -13.32 16.85 -17.03
C VAL F 359 -13.68 18.25 -17.51
N LYS F 360 -12.79 18.86 -18.27
CA LYS F 360 -13.05 20.16 -18.86
C LYS F 360 -13.05 20.06 -20.37
N GLY F 361 -13.86 20.89 -21.01
CA GLY F 361 -13.93 20.90 -22.45
C GLY F 361 -14.45 22.23 -22.89
N VAL F 362 -14.01 22.67 -24.04
CA VAL F 362 -14.33 24.00 -24.50
C VAL F 362 -15.56 23.96 -25.38
N ALA F 363 -16.21 25.11 -25.53
CA ALA F 363 -17.48 25.19 -26.25
C ALA F 363 -17.28 24.95 -27.73
N GLY F 364 -17.85 23.86 -28.22
CA GLY F 364 -17.58 23.37 -29.55
C GLY F 364 -16.64 22.20 -29.56
N GLY F 365 -15.99 21.90 -28.45
CA GLY F 365 -14.94 20.91 -28.40
C GLY F 365 -15.46 19.51 -28.19
N SER F 366 -14.76 18.72 -27.39
CA SER F 366 -15.21 17.37 -27.08
C SER F 366 -14.70 16.98 -25.72
N VAL F 367 -15.26 15.88 -25.22
CA VAL F 367 -14.95 15.34 -23.91
C VAL F 367 -14.98 13.83 -24.08
N ALA F 368 -13.94 13.14 -23.63
CA ALA F 368 -13.92 11.67 -23.65
C ALA F 368 -13.71 11.16 -22.23
N VAL F 369 -14.74 10.57 -21.66
CA VAL F 369 -14.73 10.13 -20.27
C VAL F 369 -14.40 8.65 -20.20
N LEU F 370 -13.54 8.27 -19.27
CA LEU F 370 -13.26 6.87 -18.99
C LEU F 370 -14.02 6.48 -17.72
N CYS F 371 -14.99 5.58 -17.87
CA CYS F 371 -15.76 5.10 -16.74
C CYS F 371 -15.29 3.70 -16.40
N PRO F 372 -14.82 3.43 -15.19
CA PRO F 372 -14.38 2.09 -14.84
C PRO F 372 -15.47 1.25 -14.20
N TYR F 373 -15.43 -0.04 -14.49
CA TYR F 373 -16.34 -1.00 -13.90
C TYR F 373 -15.56 -2.18 -13.40
N ASN F 374 -16.27 -3.13 -12.80
CA ASN F 374 -15.61 -4.29 -12.19
C ASN F 374 -15.11 -5.21 -13.28
N ARG F 375 -13.85 -5.61 -13.18
CA ARG F 375 -13.17 -6.21 -14.33
C ARG F 375 -13.74 -7.57 -14.68
N LYS F 376 -14.15 -8.35 -13.67
CA LYS F 376 -14.58 -9.72 -13.89
C LYS F 376 -15.94 -9.81 -14.56
N GLU F 377 -16.78 -8.78 -14.44
CA GLU F 377 -18.06 -8.74 -15.16
C GLU F 377 -17.95 -7.89 -16.42
N SER F 378 -17.10 -8.38 -17.33
CA SER F 378 -16.78 -7.66 -18.55
C SER F 378 -17.91 -7.68 -19.57
N LYS F 379 -18.78 -8.69 -19.55
CA LYS F 379 -19.98 -8.70 -20.38
C LYS F 379 -21.14 -8.21 -19.51
N SER F 380 -21.48 -6.94 -19.69
CA SER F 380 -22.67 -6.36 -19.09
C SER F 380 -23.25 -5.40 -20.11
N ILE F 381 -24.22 -4.62 -19.69
CA ILE F 381 -24.76 -3.53 -20.50
C ILE F 381 -24.42 -2.25 -19.76
N LYS F 382 -23.60 -1.43 -20.38
CA LYS F 382 -23.06 -0.24 -19.76
C LYS F 382 -23.91 0.96 -20.15
N TYR F 383 -24.14 1.84 -19.19
CA TYR F 383 -25.02 2.99 -19.37
C TYR F 383 -24.25 4.28 -19.13
N TRP F 384 -24.89 5.40 -19.39
CA TRP F 384 -24.37 6.71 -19.02
C TRP F 384 -25.55 7.63 -18.80
N CYS F 385 -25.41 8.54 -17.83
CA CYS F 385 -26.55 9.09 -17.13
C CYS F 385 -26.34 10.59 -16.98
N LEU F 386 -27.15 11.24 -16.16
CA LEU F 386 -27.06 12.69 -15.94
C LEU F 386 -27.37 12.94 -14.47
N TRP F 387 -27.86 14.12 -14.12
CA TRP F 387 -28.19 14.43 -12.76
C TRP F 387 -29.21 15.55 -12.77
N GLU F 388 -30.31 15.41 -12.03
CA GLU F 388 -31.34 16.43 -12.09
C GLU F 388 -32.00 16.69 -10.72
N GLY F 389 -31.24 16.74 -9.64
CA GLY F 389 -31.86 17.03 -8.35
C GLY F 389 -32.05 15.82 -7.44
N ALA F 390 -32.46 16.10 -6.19
CA ALA F 390 -32.50 15.11 -5.11
C ALA F 390 -33.87 14.56 -4.80
N GLN F 391 -34.82 15.42 -4.42
CA GLN F 391 -36.17 14.97 -4.09
C GLN F 391 -36.82 14.33 -5.28
N ASN F 392 -36.62 14.95 -6.45
CA ASN F 392 -36.91 14.28 -7.71
C ASN F 392 -36.02 13.06 -7.88
N GLY F 393 -34.72 13.23 -7.62
CA GLY F 393 -33.75 12.14 -7.67
C GLY F 393 -33.55 11.54 -9.04
N ARG F 394 -33.44 12.35 -10.06
CA ARG F 394 -33.54 11.84 -11.40
C ARG F 394 -32.16 11.72 -11.99
N CYS F 395 -31.87 10.54 -12.53
CA CYS F 395 -30.70 10.24 -13.33
C CYS F 395 -31.30 9.61 -14.57
N PRO F 396 -31.59 10.38 -15.60
CA PRO F 396 -32.16 9.79 -16.80
C PRO F 396 -31.09 9.40 -17.79
N LEU F 397 -31.40 8.38 -18.57
CA LEU F 397 -30.41 7.72 -19.41
C LEU F 397 -30.14 8.51 -20.68
N LEU F 398 -28.88 8.60 -21.06
CA LEU F 398 -28.48 9.23 -22.32
C LEU F 398 -28.11 8.21 -23.38
N VAL F 399 -27.25 7.25 -23.05
CA VAL F 399 -26.74 6.28 -24.00
C VAL F 399 -26.57 4.97 -23.27
N ASP F 400 -26.67 3.85 -23.99
CA ASP F 400 -26.38 2.57 -23.38
C ASP F 400 -25.57 1.72 -24.36
N SER F 401 -25.14 0.57 -23.89
CA SER F 401 -24.22 -0.25 -24.66
C SER F 401 -24.89 -1.10 -25.71
N GLU F 402 -26.22 -1.06 -25.83
CA GLU F 402 -26.91 -1.91 -26.79
C GLU F 402 -27.41 -1.14 -28.01
N GLY F 403 -27.24 0.16 -28.06
CA GLY F 403 -27.58 0.85 -29.26
C GLY F 403 -28.80 1.72 -29.15
N TRP F 404 -28.99 2.36 -28.00
CA TRP F 404 -30.02 3.36 -27.85
C TRP F 404 -29.35 4.64 -27.40
N VAL F 405 -29.49 5.70 -28.19
CA VAL F 405 -29.00 7.02 -27.83
C VAL F 405 -30.22 7.92 -27.81
N LYS F 406 -30.22 8.93 -26.95
CA LYS F 406 -31.38 9.78 -26.69
C LYS F 406 -31.76 10.62 -27.91
N ALA F 407 -32.79 11.43 -27.78
CA ALA F 407 -33.30 12.21 -28.89
C ALA F 407 -32.43 13.42 -29.19
N GLN F 408 -32.14 14.24 -28.18
CA GLN F 408 -31.38 15.45 -28.42
C GLN F 408 -29.88 15.22 -28.46
N TYR F 409 -29.42 13.99 -28.36
CA TYR F 409 -28.02 13.62 -28.35
C TYR F 409 -27.70 12.75 -29.53
N GLU F 410 -28.31 13.00 -30.67
CA GLU F 410 -28.03 12.23 -31.86
C GLU F 410 -27.02 12.97 -32.71
N GLY F 411 -25.96 12.27 -33.09
CA GLY F 411 -24.83 12.87 -33.76
C GLY F 411 -23.75 13.39 -32.85
N ARG F 412 -23.94 13.33 -31.54
CA ARG F 412 -22.93 13.91 -30.65
C ARG F 412 -22.65 13.09 -29.41
N LEU F 413 -23.06 11.84 -29.36
CA LEU F 413 -22.79 11.02 -28.19
C LEU F 413 -22.50 9.63 -28.65
N SER F 414 -21.52 8.99 -28.03
CA SER F 414 -21.24 7.60 -28.33
C SER F 414 -20.63 6.95 -27.12
N LEU F 415 -20.92 5.68 -26.94
CA LEU F 415 -20.33 4.87 -25.89
C LEU F 415 -19.50 3.79 -26.55
N LEU F 416 -18.24 3.69 -26.16
CA LEU F 416 -17.35 2.72 -26.76
C LEU F 416 -17.08 1.59 -25.77
N GLU F 417 -16.33 0.60 -26.24
CA GLU F 417 -15.92 -0.52 -25.41
C GLU F 417 -14.44 -0.48 -25.09
N GLU F 418 -13.67 0.27 -25.83
CA GLU F 418 -12.23 0.37 -25.62
C GLU F 418 -11.94 1.37 -24.52
N PRO F 419 -10.95 1.12 -23.67
CA PRO F 419 -10.14 -0.10 -23.56
C PRO F 419 -10.87 -1.10 -22.70
N GLY F 420 -10.88 -2.37 -23.06
CA GLY F 420 -11.67 -3.31 -22.32
C GLY F 420 -11.05 -3.63 -20.97
N ASN F 421 -11.63 -4.64 -20.32
CA ASN F 421 -11.18 -5.20 -19.05
C ASN F 421 -11.18 -4.15 -17.95
N GLY F 422 -12.35 -3.54 -17.76
CA GLY F 422 -12.58 -2.68 -16.63
C GLY F 422 -12.64 -1.20 -16.91
N THR F 423 -12.85 -0.77 -18.15
CA THR F 423 -13.05 0.63 -18.48
C THR F 423 -13.90 0.70 -19.74
N PHE F 424 -14.67 1.78 -19.90
CA PHE F 424 -15.27 2.05 -21.18
C PHE F 424 -15.24 3.56 -21.42
N THR F 425 -15.09 3.94 -22.67
CA THR F 425 -14.95 5.33 -23.07
C THR F 425 -16.30 5.86 -23.52
N VAL F 426 -16.63 7.07 -23.11
CA VAL F 426 -17.85 7.77 -23.53
C VAL F 426 -17.46 9.09 -24.15
N ILE F 427 -17.72 9.26 -25.44
CA ILE F 427 -17.29 10.44 -26.18
C ILE F 427 -18.50 11.32 -26.44
N LEU F 428 -18.44 12.57 -26.01
CA LEU F 428 -19.48 13.55 -26.23
C LEU F 428 -18.84 14.77 -26.86
N ASN F 429 -19.32 15.19 -28.02
CA ASN F 429 -18.79 16.41 -28.58
C ASN F 429 -19.91 17.39 -28.86
N GLN F 430 -19.62 18.39 -29.68
CA GLN F 430 -20.51 19.48 -30.02
C GLN F 430 -21.00 20.22 -28.78
N LEU F 431 -20.08 20.48 -27.84
CA LEU F 431 -20.43 20.92 -26.50
C LEU F 431 -21.03 22.33 -26.52
N THR F 432 -21.75 22.64 -25.45
CA THR F 432 -22.37 23.93 -25.26
C THR F 432 -22.05 24.33 -23.82
N SER F 433 -22.61 25.43 -23.32
CA SER F 433 -22.44 25.72 -21.90
C SER F 433 -23.42 24.97 -21.04
N ARG F 434 -24.51 24.46 -21.60
CA ARG F 434 -25.51 23.71 -20.86
C ARG F 434 -25.28 22.22 -20.88
N ASP F 435 -24.09 21.78 -21.28
CA ASP F 435 -23.64 20.42 -21.08
C ASP F 435 -22.81 20.27 -19.84
N ALA F 436 -22.82 21.26 -18.97
CA ALA F 436 -22.05 21.22 -17.74
C ALA F 436 -22.90 20.58 -16.66
N GLY F 437 -22.42 19.48 -16.09
CA GLY F 437 -23.19 18.80 -15.08
C GLY F 437 -22.53 17.51 -14.67
N PHE F 438 -23.23 16.75 -13.85
CA PHE F 438 -22.69 15.54 -13.25
C PHE F 438 -23.28 14.32 -13.96
N TYR F 439 -22.43 13.40 -14.37
CA TYR F 439 -22.78 12.29 -15.22
C TYR F 439 -22.34 11.00 -14.56
N TRP F 440 -23.19 9.98 -14.58
CA TRP F 440 -22.99 8.76 -13.82
C TRP F 440 -22.72 7.57 -14.72
N CYS F 441 -21.76 6.73 -14.33
CA CYS F 441 -21.30 5.62 -15.15
C CYS F 441 -21.88 4.30 -14.64
N LEU F 442 -23.17 4.10 -14.88
CA LEU F 442 -23.89 2.90 -14.47
C LEU F 442 -23.47 1.70 -15.30
N THR F 443 -23.79 0.51 -14.83
CA THR F 443 -23.55 -0.73 -15.56
C THR F 443 -24.81 -1.59 -15.33
N ASN F 444 -24.71 -2.90 -15.57
CA ASN F 444 -25.80 -3.85 -15.41
C ASN F 444 -25.47 -4.97 -14.45
N GLY F 445 -24.27 -4.99 -13.88
CA GLY F 445 -23.87 -6.02 -12.96
C GLY F 445 -24.40 -5.77 -11.56
N ASP F 446 -23.88 -6.57 -10.63
CA ASP F 446 -24.32 -6.51 -9.26
C ASP F 446 -23.39 -5.71 -8.35
N THR F 447 -22.16 -5.48 -8.78
CA THR F 447 -21.18 -4.69 -8.02
C THR F 447 -21.07 -3.34 -8.71
N LEU F 448 -21.95 -2.42 -8.34
CA LEU F 448 -22.04 -1.15 -9.03
C LEU F 448 -21.30 -0.07 -8.27
N TRP F 449 -20.40 0.64 -8.95
CA TRP F 449 -19.76 1.84 -8.44
C TRP F 449 -20.16 2.94 -9.40
N ARG F 450 -21.29 3.59 -9.15
CA ARG F 450 -21.85 4.52 -10.12
C ARG F 450 -21.00 5.79 -10.14
N THR F 451 -19.90 5.73 -10.88
CA THR F 451 -18.86 6.76 -10.87
C THR F 451 -19.39 8.05 -11.45
N THR F 452 -19.47 9.08 -10.64
CA THR F 452 -19.90 10.39 -11.11
C THR F 452 -18.69 11.18 -11.62
N VAL F 453 -18.93 12.03 -12.60
CA VAL F 453 -17.89 12.89 -13.18
C VAL F 453 -18.55 14.20 -13.57
N GLU F 454 -17.88 15.31 -13.31
CA GLU F 454 -18.45 16.61 -13.62
C GLU F 454 -17.76 17.18 -14.84
N ILE F 455 -18.53 17.57 -15.83
CA ILE F 455 -18.00 18.22 -17.02
C ILE F 455 -18.09 19.73 -16.83
N LYS F 456 -16.96 20.42 -16.98
CA LYS F 456 -16.89 21.86 -16.92
C LYS F 456 -16.67 22.42 -18.31
N ILE F 457 -17.27 23.58 -18.58
CA ILE F 457 -17.15 24.22 -19.88
C ILE F 457 -16.38 25.53 -19.74
N ILE F 458 -15.07 25.46 -19.99
CA ILE F 458 -14.18 26.60 -19.84
C ILE F 458 -14.10 27.38 -21.14
N GLU F 459 -13.44 28.53 -21.11
CA GLU F 459 -13.25 29.33 -22.31
C GLU F 459 -12.10 28.79 -23.15
N GLY F 460 -12.29 28.81 -24.47
CA GLY F 460 -11.24 28.37 -25.36
C GLY F 460 -11.80 28.00 -26.72
N GLU F 461 -10.89 27.49 -27.55
CA GLU F 461 -11.16 27.07 -28.91
C GLU F 461 -10.79 25.61 -29.06
N PRO F 462 -11.57 24.82 -29.80
CA PRO F 462 -11.27 23.39 -29.94
C PRO F 462 -10.00 23.13 -30.73
N ASN F 463 -9.54 21.89 -30.69
CA ASN F 463 -8.29 21.52 -31.32
C ASN F 463 -8.45 21.07 -32.76
N LEU F 464 -9.44 20.25 -33.09
CA LEU F 464 -9.65 19.87 -34.47
C LEU F 464 -10.61 20.85 -35.12
N LYS F 465 -10.25 21.32 -36.32
CA LYS F 465 -10.97 22.41 -36.99
C LYS F 465 -11.66 21.87 -38.23
N VAL F 466 -12.91 21.44 -38.06
CA VAL F 466 -13.71 20.82 -39.10
C VAL F 466 -14.57 21.94 -39.68
N PRO F 467 -15.04 21.86 -40.93
CA PRO F 467 -15.99 22.85 -41.44
C PRO F 467 -17.34 22.81 -40.73
N GLY F 468 -18.24 23.68 -41.18
CA GLY F 468 -19.51 23.80 -40.49
C GLY F 468 -20.47 22.65 -40.67
N ASN F 469 -21.16 22.60 -41.81
CA ASN F 469 -22.11 21.53 -42.10
C ASN F 469 -22.18 21.43 -43.62
N VAL F 470 -21.29 20.60 -44.19
CA VAL F 470 -21.05 20.59 -45.62
C VAL F 470 -22.24 20.01 -46.36
N THR F 471 -22.47 20.49 -47.56
CA THR F 471 -23.62 20.09 -48.36
C THR F 471 -23.12 19.45 -49.65
N ALA F 472 -23.19 18.13 -49.71
CA ALA F 472 -22.78 17.45 -50.92
C ALA F 472 -23.90 17.52 -51.94
N VAL F 473 -23.65 16.92 -53.10
CA VAL F 473 -24.64 16.79 -54.17
C VAL F 473 -24.61 15.36 -54.68
N LEU F 474 -25.62 15.00 -55.46
CA LEU F 474 -25.80 13.62 -55.89
C LEU F 474 -24.74 13.21 -56.89
N GLY F 475 -24.05 12.12 -56.61
CA GLY F 475 -23.07 11.57 -57.57
C GLY F 475 -21.70 12.21 -57.59
N GLU F 476 -21.63 13.54 -57.60
CA GLU F 476 -20.35 14.23 -57.56
C GLU F 476 -19.83 14.24 -56.12
N THR F 477 -18.52 14.15 -55.99
CA THR F 477 -17.87 13.78 -54.74
C THR F 477 -17.94 14.90 -53.71
N LEU F 478 -17.40 14.58 -52.53
CA LEU F 478 -17.28 15.48 -51.41
C LEU F 478 -15.87 15.34 -50.86
N LYS F 479 -15.25 16.44 -50.46
CA LYS F 479 -13.98 16.41 -49.75
C LYS F 479 -14.12 17.23 -48.47
N VAL F 480 -13.88 16.62 -47.32
CA VAL F 480 -13.94 17.28 -46.03
C VAL F 480 -12.56 17.20 -45.40
N PRO F 481 -12.00 18.29 -44.89
CA PRO F 481 -10.75 18.22 -44.15
C PRO F 481 -10.95 18.28 -42.64
N CYS F 482 -9.86 18.07 -41.92
CA CYS F 482 -9.88 18.17 -40.46
C CYS F 482 -8.45 18.49 -40.03
N HIS F 483 -8.15 19.75 -39.79
CA HIS F 483 -6.81 20.13 -39.40
C HIS F 483 -6.61 19.83 -37.92
N PHE F 484 -5.37 19.55 -37.54
CA PHE F 484 -5.09 19.15 -36.18
C PHE F 484 -3.74 19.70 -35.75
N PRO F 485 -3.57 20.02 -34.47
CA PRO F 485 -2.33 20.66 -34.03
C PRO F 485 -1.10 19.76 -33.99
N CYS F 486 0.01 20.30 -33.51
CA CYS F 486 1.25 19.53 -33.44
C CYS F 486 1.28 18.55 -32.28
N LYS F 487 0.36 18.66 -31.32
CA LYS F 487 0.32 17.74 -30.20
C LYS F 487 -0.08 16.34 -30.63
N PHE F 488 -0.85 16.24 -31.71
CA PHE F 488 -1.51 15.01 -32.12
C PHE F 488 -0.79 14.29 -33.23
N SER F 489 0.41 14.72 -33.59
CA SER F 489 1.12 14.08 -34.68
C SER F 489 1.73 12.75 -34.31
N SER F 490 1.70 12.39 -33.03
CA SER F 490 1.99 11.02 -32.65
C SER F 490 0.77 10.11 -32.73
N TYR F 491 -0.43 10.68 -32.63
CA TYR F 491 -1.67 9.94 -32.45
C TYR F 491 -2.18 9.42 -33.79
N GLU F 492 -3.05 8.42 -33.72
CA GLU F 492 -3.72 7.93 -34.91
C GLU F 492 -4.93 8.79 -35.18
N LYS F 493 -5.24 8.99 -36.45
CA LYS F 493 -6.35 9.84 -36.82
C LYS F 493 -7.35 9.02 -37.63
N TYR F 494 -8.63 9.41 -37.55
CA TYR F 494 -9.69 8.65 -38.20
C TYR F 494 -10.81 9.57 -38.60
N TRP F 495 -11.66 9.07 -39.49
CA TRP F 495 -12.99 9.60 -39.71
C TRP F 495 -13.95 8.44 -39.54
N CYS F 496 -15.01 8.63 -38.75
CA CYS F 496 -16.01 7.59 -38.54
C CYS F 496 -17.36 8.14 -38.94
N LYS F 497 -18.24 7.26 -39.38
CA LYS F 497 -19.63 7.61 -39.63
C LYS F 497 -20.47 7.15 -38.47
N TRP F 498 -21.31 8.02 -37.95
CA TRP F 498 -21.96 7.80 -36.68
C TRP F 498 -23.28 7.08 -36.85
N ASN F 499 -23.42 5.95 -36.15
CA ASN F 499 -24.66 5.19 -36.01
C ASN F 499 -24.94 5.03 -34.52
N ASN F 500 -26.08 4.41 -34.21
CA ASN F 500 -26.43 4.17 -32.81
C ASN F 500 -25.55 3.09 -32.18
N THR F 501 -25.03 2.18 -32.97
CA THR F 501 -24.30 1.04 -32.45
C THR F 501 -22.81 1.33 -32.20
N GLY F 502 -22.40 2.58 -32.27
CA GLY F 502 -20.99 2.92 -32.14
C GLY F 502 -20.38 3.21 -33.49
N CYS F 503 -19.68 4.33 -33.64
CA CYS F 503 -19.18 4.68 -34.95
C CYS F 503 -17.88 3.93 -35.22
N GLN F 504 -17.70 3.47 -36.46
CA GLN F 504 -16.49 2.75 -36.85
C GLN F 504 -15.90 3.39 -38.10
N ALA F 505 -14.55 3.40 -38.15
CA ALA F 505 -13.78 4.18 -39.12
C ALA F 505 -13.95 3.67 -40.54
N LEU F 506 -13.40 4.41 -41.48
CA LEU F 506 -13.73 4.21 -42.88
C LEU F 506 -12.63 3.53 -43.69
N PHE F 517 -13.10 7.00 -48.16
CA PHE F 517 -11.76 6.71 -47.67
C PHE F 517 -11.16 7.88 -46.97
N VAL F 518 -10.08 7.63 -46.24
CA VAL F 518 -9.47 8.63 -45.35
C VAL F 518 -8.01 8.79 -45.73
N ASN F 519 -7.60 10.01 -46.04
CA ASN F 519 -6.21 10.36 -46.26
C ASN F 519 -5.72 11.15 -45.05
N CYS F 520 -4.44 10.98 -44.71
CA CYS F 520 -3.84 11.69 -43.59
C CYS F 520 -2.55 12.39 -44.03
N ASP F 521 -2.68 13.60 -44.54
CA ASP F 521 -1.52 14.44 -44.86
C ASP F 521 -0.84 14.81 -43.56
N GLU F 522 0.38 14.31 -43.34
CA GLU F 522 1.09 14.57 -42.10
C GLU F 522 2.02 15.78 -42.17
N ASN F 523 2.33 16.27 -43.38
CA ASN F 523 3.20 17.43 -43.50
C ASN F 523 2.43 18.70 -43.23
N SER F 524 1.45 19.01 -44.06
CA SER F 524 0.42 19.98 -43.72
C SER F 524 -0.65 19.21 -42.98
N ARG F 525 -0.82 19.50 -41.70
CA ARG F 525 -1.55 18.62 -40.80
C ARG F 525 -3.04 18.66 -41.15
N LEU F 526 -3.54 17.54 -41.67
CA LEU F 526 -4.81 17.50 -42.39
C LEU F 526 -5.24 16.05 -42.54
N VAL F 527 -6.46 15.72 -42.12
CA VAL F 527 -7.03 14.39 -42.32
C VAL F 527 -8.22 14.55 -43.25
N SER F 528 -8.05 14.18 -44.51
CA SER F 528 -9.11 14.41 -45.46
C SER F 528 -10.13 13.27 -45.41
N LEU F 529 -11.36 13.61 -45.73
CA LEU F 529 -12.42 12.65 -45.94
C LEU F 529 -12.90 12.85 -47.36
N THR F 530 -13.02 11.78 -48.12
CA THR F 530 -13.47 11.91 -49.50
C THR F 530 -14.49 10.85 -49.80
N LEU F 531 -15.75 11.24 -49.96
CA LEU F 531 -16.80 10.29 -50.33
C LEU F 531 -16.92 10.27 -51.84
N ASN F 532 -16.81 9.08 -52.43
CA ASN F 532 -16.71 8.97 -53.88
C ASN F 532 -18.05 9.25 -54.55
N LEU F 533 -19.02 8.39 -54.32
CA LEU F 533 -20.35 8.54 -54.90
C LEU F 533 -21.30 8.84 -53.74
N VAL F 534 -21.73 10.09 -53.64
CA VAL F 534 -22.59 10.49 -52.53
C VAL F 534 -24.02 10.08 -52.86
N THR F 535 -24.53 9.11 -52.11
CA THR F 535 -25.92 8.69 -52.20
C THR F 535 -26.72 9.34 -51.08
N ARG F 536 -27.99 9.01 -50.98
CA ARG F 536 -28.77 9.46 -49.84
C ARG F 536 -28.38 8.71 -48.57
N ALA F 537 -27.77 7.52 -48.70
CA ALA F 537 -27.37 6.76 -47.53
C ALA F 537 -26.21 7.43 -46.82
N ASP F 538 -25.23 7.92 -47.59
CA ASP F 538 -24.09 8.65 -47.02
C ASP F 538 -24.63 10.01 -46.60
N GLU F 539 -25.17 10.03 -45.39
CA GLU F 539 -25.75 11.20 -44.75
C GLU F 539 -25.44 11.10 -43.28
N GLY F 540 -26.04 11.93 -42.47
CA GLY F 540 -25.83 11.78 -41.06
C GLY F 540 -24.54 12.45 -40.62
N TRP F 541 -24.09 12.08 -39.45
CA TRP F 541 -22.99 12.79 -38.79
C TRP F 541 -21.70 12.01 -38.96
N TYR F 542 -20.63 12.71 -39.32
CA TYR F 542 -19.29 12.15 -39.39
C TYR F 542 -18.42 12.85 -38.36
N TRP F 543 -17.42 12.14 -37.86
CA TRP F 543 -16.55 12.61 -36.79
C TRP F 543 -15.10 12.41 -37.14
N CYS F 544 -14.29 13.46 -37.08
CA CYS F 544 -12.85 13.27 -37.10
C CYS F 544 -12.36 13.30 -35.67
N GLY F 545 -11.34 12.51 -35.37
CA GLY F 545 -10.86 12.45 -34.01
C GLY F 545 -9.55 11.70 -33.89
N VAL F 546 -8.85 11.95 -32.80
CA VAL F 546 -7.53 11.37 -32.55
C VAL F 546 -7.65 10.26 -31.53
N LYS F 547 -6.63 9.41 -31.49
CA LYS F 547 -6.71 8.14 -30.78
C LYS F 547 -5.31 7.57 -30.62
N GLN F 548 -4.98 7.13 -29.42
CA GLN F 548 -3.65 6.60 -29.12
C GLN F 548 -3.76 5.13 -28.75
N GLY F 549 -3.89 4.28 -29.75
CA GLY F 549 -3.99 2.85 -29.54
C GLY F 549 -5.35 2.36 -29.13
N HIS F 550 -5.67 2.51 -27.85
CA HIS F 550 -6.97 2.18 -27.30
C HIS F 550 -7.67 3.38 -26.70
N PHE F 551 -6.93 4.31 -26.14
CA PHE F 551 -7.53 5.46 -25.48
C PHE F 551 -7.85 6.54 -26.49
N TYR F 552 -9.10 6.98 -26.49
CA TYR F 552 -9.61 7.91 -27.46
C TYR F 552 -9.40 9.34 -26.99
N GLY F 553 -9.46 10.27 -27.93
CA GLY F 553 -9.13 11.64 -27.64
C GLY F 553 -10.18 12.62 -28.07
N GLU F 554 -9.76 13.81 -28.49
CA GLU F 554 -10.69 14.87 -28.85
C GLU F 554 -11.31 14.52 -30.19
N THR F 555 -12.61 14.81 -30.35
CA THR F 555 -13.32 14.62 -31.62
C THR F 555 -13.98 15.92 -32.03
N ALA F 556 -14.46 15.95 -33.26
CA ALA F 556 -15.28 17.06 -33.73
C ALA F 556 -16.18 16.53 -34.82
N ALA F 557 -17.34 17.17 -34.99
CA ALA F 557 -18.41 16.58 -35.79
C ALA F 557 -18.82 17.49 -36.93
N VAL F 558 -19.23 16.88 -38.04
CA VAL F 558 -19.79 17.58 -39.17
C VAL F 558 -20.90 16.71 -39.76
N TYR F 559 -21.91 17.36 -40.31
CA TYR F 559 -23.07 16.69 -40.87
C TYR F 559 -23.07 16.85 -42.38
N VAL F 560 -23.32 15.77 -43.10
CA VAL F 560 -23.25 15.80 -44.56
C VAL F 560 -24.65 15.63 -45.10
N ALA F 561 -25.19 16.69 -45.69
CA ALA F 561 -26.52 16.68 -46.25
C ALA F 561 -26.42 16.57 -47.76
N VAL F 562 -27.31 15.82 -48.37
CA VAL F 562 -27.16 15.50 -49.77
C VAL F 562 -28.15 16.28 -50.63
#